data_8UCS
#
_entry.id   8UCS
#
_cell.length_a   1.00
_cell.length_b   1.00
_cell.length_c   1.00
_cell.angle_alpha   90.00
_cell.angle_beta   90.00
_cell.angle_gamma   90.00
#
_symmetry.space_group_name_H-M   'P 1'
#
loop_
_entity.id
_entity.type
_entity.pdbx_description
1 polymer 'OmpA family protein'
2 polymer 'Motility protein A'
3 polymer 'Flagellar motor switch protein FliG'
4 water water
#
loop_
_entity_poly.entity_id
_entity_poly.type
_entity_poly.pdbx_seq_one_letter_code
_entity_poly.pdbx_strand_id
1 'polypeptide(L)'
;MARRNKKGGGGDEIRGDEWLATFSDTITLLLTFFILLYSFSSVDAQKFQQVASAMQVAMTGQSGNTIVDYNLKNGDVPLV
GETTKLGRETGSDAKSDSKEVYNEVNKFVDKNNLKSSVEVKEDGRGVIIQLRDNVLFEIGRADIKPQSKQIMDKINGLIA
TLPNEVIVEGHTDNVPIKNEVYGSNWELSTARAVNVLRYFVETKKQNPVRFTAAGYGEYRPIAQNNSDVNKAKNRRVNIV
IVSKEKESSKKENLYFQGQFGSWSHPQFEKGGGSGGGSGGGSWSHPQFEK
;
A,B
2 'polypeptide(L)'
;MKKRDILTPIGFVLCFGLVLWGMASGGSNLKVFWDVASVFITIGGSMAAMLITYPMDEFKRLLIVIRQTFKDNGMSNIDV
IQNFVDLSRKARREGLLSLEDAINNLTDDYMKKGLRMVVDGIEPETIREIMELEIDEMEKRHKSGADMLKTWGGYAPAFG
MVGTLIGLIQMLANLTDSSTIASGMGKALITTFYGSLMANAVFNPMGANLMFKSGVEATTREMVLEGVLAIQSGVNPRIM
EEKLVSYLSPPERQAYSKVQVS
;
C,D,E,F,G
3 'polypeptide(L)'
;GGGSGGGSGGGSVFEDIITLDDVAIQRVLREVETKDLALALKGSSEEVANVIFRNQSKRAASSLKEDIEFLGPVRIMDVE
KAQQGIVSIIRRLDEAGEIVISRGGED
;
H,I,J
#
# COMPACT_ATOMS: atom_id res chain seq x y z
N GLY A 16 8.64 0.81 -11.90
CA GLY A 16 9.34 1.55 -12.94
C GLY A 16 8.89 1.17 -14.34
N ASP A 17 7.61 1.40 -14.63
CA ASP A 17 7.06 1.05 -15.93
C ASP A 17 6.20 2.16 -16.52
N GLU A 18 6.34 3.40 -16.05
CA GLU A 18 5.61 4.51 -16.63
C GLU A 18 6.09 4.82 -18.05
N TRP A 19 7.26 4.30 -18.43
CA TRP A 19 7.83 4.59 -19.73
C TRP A 19 7.17 3.80 -20.86
N LEU A 20 6.40 2.75 -20.54
CA LEU A 20 5.72 2.01 -21.59
C LEU A 20 4.67 2.86 -22.28
N ALA A 21 4.13 3.88 -21.61
CA ALA A 21 3.28 4.84 -22.28
C ALA A 21 4.05 5.59 -23.36
N THR A 22 5.30 5.96 -23.06
CA THR A 22 6.13 6.64 -24.04
C THR A 22 6.58 5.69 -25.14
N PHE A 23 6.73 4.39 -24.83
CA PHE A 23 7.13 3.43 -25.85
C PHE A 23 6.04 3.27 -26.91
N SER A 24 4.79 3.06 -26.48
CA SER A 24 3.70 3.04 -27.43
C SER A 24 3.56 4.37 -28.16
N ASP A 25 3.92 5.46 -27.48
CA ASP A 25 3.96 6.77 -28.13
C ASP A 25 5.05 6.81 -29.20
N THR A 26 6.23 6.28 -28.89
CA THR A 26 7.32 6.30 -29.86
C THR A 26 7.10 5.31 -31.00
N ILE A 27 6.55 4.14 -30.69
CA ILE A 27 6.23 3.18 -31.74
C ILE A 27 5.15 3.74 -32.66
N THR A 28 4.17 4.42 -32.09
CA THR A 28 3.21 5.15 -32.92
C THR A 28 3.91 6.22 -33.74
N LEU A 29 4.90 6.89 -33.15
CA LEU A 29 5.70 7.86 -33.90
C LEU A 29 6.47 7.18 -35.03
N LEU A 30 7.05 6.01 -34.76
CA LEU A 30 7.74 5.28 -35.82
C LEU A 30 6.79 4.89 -36.94
N LEU A 31 5.58 4.44 -36.57
CA LEU A 31 4.58 4.08 -37.55
C LEU A 31 4.08 5.28 -38.35
N THR A 32 4.24 6.50 -37.82
CA THR A 32 3.78 7.69 -38.53
C THR A 32 4.50 7.83 -39.87
N PHE A 33 5.82 7.67 -39.87
CA PHE A 33 6.61 7.84 -41.09
CA PHE A 33 6.58 7.86 -41.10
C PHE A 33 6.25 6.79 -42.12
N PHE A 34 6.08 5.53 -41.70
CA PHE A 34 5.89 4.46 -42.65
C PHE A 34 4.49 4.46 -43.26
N ILE A 35 3.48 4.87 -42.49
CA ILE A 35 2.16 5.03 -43.11
C ILE A 35 2.18 6.18 -44.11
N LEU A 36 2.96 7.22 -43.83
CA LEU A 36 3.13 8.31 -44.78
C LEU A 36 3.90 7.86 -46.01
N LEU A 37 4.98 7.10 -45.81
CA LEU A 37 5.76 6.60 -46.94
C LEU A 37 4.96 5.62 -47.79
N TYR A 38 4.13 4.79 -47.13
CA TYR A 38 3.34 3.81 -47.86
C TYR A 38 2.32 4.47 -48.79
N SER A 39 1.87 5.68 -48.43
CA SER A 39 0.91 6.39 -49.28
C SER A 39 1.54 6.85 -50.58
N PHE A 40 2.83 7.20 -50.57
CA PHE A 40 3.55 7.61 -51.76
C PHE A 40 4.25 6.44 -52.45
N SER A 41 3.79 5.21 -52.23
CA SER A 41 4.50 4.02 -52.69
C SER A 41 3.58 3.14 -53.50
N SER A 42 4.20 2.34 -54.38
CA SER A 42 3.52 1.31 -55.13
C SER A 42 4.34 0.04 -55.06
N VAL A 43 3.68 -1.11 -55.19
CA VAL A 43 4.36 -2.39 -55.09
C VAL A 43 5.20 -2.62 -56.32
N ASP A 44 6.48 -2.96 -56.11
CA ASP A 44 7.39 -3.18 -57.24
C ASP A 44 7.06 -4.44 -58.00
N ALA A 45 6.42 -5.41 -57.34
CA ALA A 45 6.02 -6.71 -57.89
C ALA A 45 7.20 -7.62 -58.21
N GLN A 46 8.43 -7.13 -58.06
CA GLN A 46 9.63 -7.94 -58.19
C GLN A 46 10.41 -8.01 -56.89
N LYS A 47 10.56 -6.89 -56.18
CA LYS A 47 11.08 -6.94 -54.82
C LYS A 47 10.16 -7.72 -53.90
N PHE A 48 8.85 -7.70 -54.20
CA PHE A 48 7.92 -8.50 -53.42
C PHE A 48 8.22 -9.99 -53.55
N GLN A 49 8.51 -10.44 -54.77
CA GLN A 49 8.85 -11.85 -54.98
C GLN A 49 10.13 -12.22 -54.22
N GLN A 50 11.11 -11.32 -54.22
CA GLN A 50 12.33 -11.57 -53.46
C GLN A 50 12.05 -11.66 -51.97
N VAL A 51 11.22 -10.75 -51.45
CA VAL A 51 10.90 -10.78 -50.03
C VAL A 51 10.01 -11.98 -49.71
N ALA A 52 9.03 -12.26 -50.57
CA ALA A 52 8.14 -13.39 -50.34
C ALA A 52 8.90 -14.71 -50.37
N SER A 53 9.80 -14.87 -51.34
CA SER A 53 10.58 -16.11 -51.44
C SER A 53 11.49 -16.27 -50.23
N ALA A 54 12.17 -15.20 -49.82
CA ALA A 54 13.04 -15.27 -48.65
C ALA A 54 12.24 -15.39 -47.36
N MET A 55 10.97 -14.97 -47.37
CA MET A 55 10.10 -15.19 -46.22
C MET A 55 9.92 -16.68 -45.96
N GLN A 56 9.67 -17.45 -47.02
CA GLN A 56 9.51 -18.90 -46.86
C GLN A 56 10.80 -19.55 -46.41
N VAL A 57 11.93 -19.13 -46.95
CA VAL A 57 13.21 -19.76 -46.64
C VAL A 57 13.57 -19.53 -45.18
N ALA A 58 13.35 -18.32 -44.67
CA ALA A 58 13.73 -18.00 -43.30
C ALA A 58 12.95 -18.82 -42.28
N MET A 59 11.64 -18.97 -42.49
CA MET A 59 10.79 -19.64 -41.51
C MET A 59 10.62 -21.13 -41.78
N THR A 60 10.49 -21.53 -43.05
CA THR A 60 10.34 -22.94 -43.39
C THR A 60 11.68 -23.53 -43.84
N GLY B 11 -5.12 -1.72 -0.93
CA GLY B 11 -4.50 -0.66 -1.70
C GLY B 11 -4.61 -0.84 -3.20
N ASP B 12 -5.82 -1.18 -3.66
CA ASP B 12 -6.08 -1.40 -5.08
C ASP B 12 -6.18 -0.04 -5.77
N GLU B 13 -5.04 0.43 -6.27
CA GLU B 13 -5.02 1.69 -7.00
C GLU B 13 -5.65 1.51 -8.37
N ILE B 14 -6.53 2.42 -8.74
CA ILE B 14 -7.19 2.39 -10.05
C ILE B 14 -6.32 3.16 -11.03
N ARG B 15 -5.71 2.44 -11.96
CA ARG B 15 -4.93 3.05 -13.03
C ARG B 15 -5.61 2.77 -14.36
N GLY B 16 -5.72 3.80 -15.19
CA GLY B 16 -6.38 3.66 -16.47
C GLY B 16 -5.45 3.28 -17.60
N ASP B 17 -4.60 2.28 -17.38
CA ASP B 17 -3.60 1.87 -18.35
C ASP B 17 -3.80 0.43 -18.82
N GLU B 18 -4.97 -0.16 -18.58
CA GLU B 18 -5.24 -1.51 -19.08
C GLU B 18 -5.27 -1.53 -20.61
N TRP B 19 -5.79 -0.46 -21.21
CA TRP B 19 -5.82 -0.35 -22.67
C TRP B 19 -4.42 -0.28 -23.27
N LEU B 20 -3.44 0.18 -22.50
CA LEU B 20 -2.13 0.51 -23.06
C LEU B 20 -1.43 -0.73 -23.61
N ALA B 21 -1.56 -1.87 -22.94
CA ALA B 21 -0.89 -3.09 -23.40
C ALA B 21 -1.42 -3.51 -24.77
N THR B 22 -2.74 -3.50 -24.95
CA THR B 22 -3.31 -3.86 -26.24
C THR B 22 -2.91 -2.87 -27.32
N PHE B 23 -2.96 -1.57 -27.01
CA PHE B 23 -2.58 -0.56 -27.99
C PHE B 23 -1.12 -0.69 -28.39
N SER B 24 -0.23 -0.93 -27.40
CA SER B 24 1.20 -0.98 -27.68
C SER B 24 1.54 -2.15 -28.59
N ASP B 25 0.97 -3.32 -28.32
CA ASP B 25 1.27 -4.49 -29.15
C ASP B 25 0.60 -4.38 -30.53
N THR B 26 -0.61 -3.84 -30.59
CA THR B 26 -1.29 -3.68 -31.87
C THR B 26 -0.53 -2.73 -32.79
N ILE B 27 -0.10 -1.58 -32.26
CA ILE B 27 0.65 -0.62 -33.05
C ILE B 27 2.01 -1.20 -33.43
N THR B 28 2.61 -1.98 -32.53
CA THR B 28 3.95 -2.52 -32.79
C THR B 28 3.95 -3.45 -34.00
N LEU B 29 2.97 -4.34 -34.09
CA LEU B 29 2.90 -5.22 -35.26
C LEU B 29 2.35 -4.49 -36.48
N LEU B 30 1.55 -3.44 -36.29
CA LEU B 30 1.18 -2.59 -37.42
C LEU B 30 2.40 -1.91 -38.01
N LEU B 31 3.29 -1.41 -37.15
CA LEU B 31 4.54 -0.84 -37.63
C LEU B 31 5.41 -1.89 -38.30
N THR B 32 5.48 -3.08 -37.70
CA THR B 32 6.28 -4.16 -38.28
C THR B 32 5.69 -4.59 -39.63
N PHE B 33 4.37 -4.60 -39.75
CA PHE B 33 3.72 -4.99 -40.98
C PHE B 33 3.85 -3.92 -42.06
N PHE B 34 3.86 -2.64 -41.67
CA PHE B 34 4.02 -1.56 -42.64
C PHE B 34 5.46 -1.42 -43.10
N ILE B 35 6.41 -1.79 -42.25
CA ILE B 35 7.81 -1.81 -42.68
C ILE B 35 8.01 -2.87 -43.76
N LEU B 36 7.29 -3.99 -43.65
CA LEU B 36 7.36 -5.04 -44.67
C LEU B 36 6.87 -4.52 -46.02
N LEU B 37 5.76 -3.80 -46.03
CA LEU B 37 5.24 -3.27 -47.28
C LEU B 37 6.22 -2.29 -47.91
N TYR B 38 6.83 -1.43 -47.09
CA TYR B 38 7.81 -0.48 -47.59
C TYR B 38 9.08 -1.16 -48.10
N SER B 39 9.37 -2.37 -47.61
CA SER B 39 10.57 -3.06 -48.05
C SER B 39 10.52 -3.41 -49.52
N PHE B 40 9.35 -3.80 -50.03
CA PHE B 40 9.19 -4.17 -51.43
C PHE B 40 8.35 -3.15 -52.20
N SER B 41 8.38 -1.89 -51.77
CA SER B 41 7.66 -0.82 -52.44
C SER B 41 8.64 0.24 -52.94
N SER B 42 8.20 0.99 -53.94
CA SER B 42 8.98 2.07 -54.52
C SER B 42 8.25 3.39 -54.23
N VAL B 43 8.94 4.31 -53.56
CA VAL B 43 8.36 5.61 -53.23
C VAL B 43 8.50 6.54 -54.42
N ASP B 44 7.47 7.35 -54.66
CA ASP B 44 7.53 8.35 -55.71
C ASP B 44 8.48 9.47 -55.29
N ALA B 45 9.53 9.67 -56.07
CA ALA B 45 10.55 10.65 -55.70
C ALA B 45 9.99 12.07 -55.67
N GLN B 46 9.15 12.42 -56.64
CA GLN B 46 8.59 13.76 -56.69
C GLN B 46 7.68 14.03 -55.50
N LYS B 47 6.85 13.05 -55.13
CA LYS B 47 5.95 13.23 -53.99
C LYS B 47 6.74 13.34 -52.70
N PHE B 48 7.80 12.55 -52.55
CA PHE B 48 8.62 12.63 -51.34
C PHE B 48 9.38 13.95 -51.27
N GLN B 49 9.86 14.44 -52.42
CA GLN B 49 10.63 15.68 -52.42
C GLN B 49 9.81 16.84 -51.91
N GLN B 50 8.51 16.86 -52.23
CA GLN B 50 7.63 17.89 -51.69
C GLN B 50 7.56 17.82 -50.17
N VAL B 51 7.41 16.61 -49.63
CA VAL B 51 7.28 16.45 -48.18
C VAL B 51 8.61 16.75 -47.50
N ALA B 52 9.72 16.26 -48.07
CA ALA B 52 11.03 16.47 -47.45
C ALA B 52 11.37 17.96 -47.39
N SER B 53 11.11 18.69 -48.46
CA SER B 53 11.39 20.12 -48.45
C SER B 53 10.45 20.89 -47.54
N ALA B 54 9.21 20.42 -47.39
CA ALA B 54 8.26 21.11 -46.52
C ALA B 54 8.63 20.99 -45.05
N MET B 55 9.21 19.86 -44.65
CA MET B 55 9.58 19.69 -43.25
C MET B 55 10.79 20.54 -42.87
N GLN B 56 11.68 20.81 -43.82
CA GLN B 56 12.76 21.75 -43.56
C GLN B 56 12.21 23.14 -43.27
N VAL B 57 11.21 23.56 -44.04
CA VAL B 57 10.56 24.84 -43.79
C VAL B 57 9.86 24.85 -42.43
N ALA B 58 9.15 23.75 -42.12
CA ALA B 58 8.37 23.71 -40.88
C ALA B 58 9.27 23.69 -39.65
N MET B 59 10.28 22.81 -39.66
CA MET B 59 11.14 22.69 -38.48
C MET B 59 12.11 23.86 -38.37
N THR B 60 12.69 24.29 -39.49
CA THR B 60 13.64 25.40 -39.48
C THR B 60 12.98 26.68 -39.98
N LEU C 7 -7.23 26.77 -11.23
CA LEU C 7 -8.65 26.62 -10.91
C LEU C 7 -9.30 25.61 -11.84
N THR C 8 -10.07 24.70 -11.26
CA THR C 8 -10.67 23.62 -12.05
C THR C 8 -11.63 24.13 -13.13
N PRO C 9 -12.59 25.02 -12.86
CA PRO C 9 -13.46 25.48 -13.96
C PRO C 9 -12.71 26.19 -15.07
N ILE C 10 -11.67 26.96 -14.74
CA ILE C 10 -10.87 27.58 -15.78
C ILE C 10 -9.83 26.62 -16.33
N GLY C 11 -9.46 25.58 -15.57
CA GLY C 11 -8.57 24.56 -16.10
C GLY C 11 -9.20 23.78 -17.23
N PHE C 12 -10.51 23.51 -17.13
CA PHE C 12 -11.22 22.84 -18.22
C PHE C 12 -11.23 23.68 -19.47
N VAL C 13 -11.48 24.99 -19.33
CA VAL C 13 -11.45 25.90 -20.47
C VAL C 13 -10.04 25.97 -21.04
N LEU C 14 -9.05 26.10 -20.17
CA LEU C 14 -7.66 26.17 -20.63
C LEU C 14 -7.22 24.87 -21.29
N CYS C 15 -7.60 23.73 -20.72
CA CYS C 15 -7.12 22.45 -21.23
C CYS C 15 -7.59 22.21 -22.66
N PHE C 16 -8.90 22.33 -22.90
CA PHE C 16 -9.42 22.15 -24.24
C PHE C 16 -9.01 23.30 -25.15
N GLY C 17 -8.92 24.52 -24.61
CA GLY C 17 -8.52 25.66 -25.43
C GLY C 17 -7.09 25.57 -25.92
N LEU C 18 -6.18 25.14 -25.05
CA LEU C 18 -4.77 25.04 -25.44
C LEU C 18 -4.54 23.86 -26.37
N VAL C 19 -5.23 22.75 -26.14
CA VAL C 19 -5.13 21.60 -27.04
C VAL C 19 -5.74 21.93 -28.39
N LEU C 20 -6.88 22.61 -28.41
CA LEU C 20 -7.51 22.98 -29.67
C LEU C 20 -6.64 23.94 -30.47
N TRP C 21 -5.98 24.89 -29.79
CA TRP C 21 -5.09 25.81 -30.49
C TRP C 21 -3.95 25.07 -31.16
N GLY C 22 -3.36 24.09 -30.45
CA GLY C 22 -2.33 23.27 -31.06
C GLY C 22 -2.85 22.42 -32.20
N MET C 23 -4.11 21.98 -32.12
CA MET C 23 -4.71 21.21 -33.19
C MET C 23 -4.84 22.03 -34.47
N ALA C 24 -5.19 23.31 -34.34
CA ALA C 24 -5.42 24.17 -35.48
C ALA C 24 -4.18 24.99 -35.86
N SER C 25 -3.05 24.76 -35.20
CA SER C 25 -1.89 25.63 -35.37
C SER C 25 -1.31 25.53 -36.78
N GLY C 26 -1.28 24.34 -37.35
CA GLY C 26 -0.66 24.14 -38.64
C GLY C 26 -1.52 24.46 -39.84
N GLY C 27 -2.66 25.11 -39.65
CA GLY C 27 -3.54 25.46 -40.74
C GLY C 27 -4.51 24.37 -41.16
N SER C 28 -4.41 23.18 -40.57
CA SER C 28 -5.34 22.11 -40.90
C SER C 28 -6.73 22.43 -40.37
N ASN C 29 -7.75 22.02 -41.13
CA ASN C 29 -9.12 22.21 -40.69
C ASN C 29 -9.41 21.29 -39.51
N LEU C 30 -10.17 21.81 -38.54
CA LEU C 30 -10.49 21.05 -37.34
C LEU C 30 -11.56 19.99 -37.56
N LYS C 31 -12.22 19.99 -38.71
CA LYS C 31 -13.24 18.98 -38.98
C LYS C 31 -12.65 17.59 -39.16
N VAL C 32 -11.35 17.48 -39.42
CA VAL C 32 -10.72 16.18 -39.55
C VAL C 32 -10.70 15.44 -38.22
N PHE C 33 -10.86 16.13 -37.10
CA PHE C 33 -10.91 15.53 -35.79
C PHE C 33 -12.32 15.20 -35.33
N TRP C 34 -13.34 15.51 -36.14
CA TRP C 34 -14.72 15.30 -35.75
C TRP C 34 -15.28 14.08 -36.46
N ASP C 35 -15.82 13.14 -35.66
CA ASP C 35 -16.45 11.95 -36.19
C ASP C 35 -17.55 11.53 -35.22
N VAL C 36 -18.80 11.54 -35.69
CA VAL C 36 -19.92 11.20 -34.83
C VAL C 36 -19.84 9.75 -34.38
N ALA C 37 -19.50 8.85 -35.30
CA ALA C 37 -19.39 7.44 -34.96
C ALA C 37 -18.31 7.20 -33.93
N SER C 38 -17.18 7.90 -34.05
CA SER C 38 -16.12 7.76 -33.07
C SER C 38 -16.55 8.26 -31.70
N VAL C 39 -17.37 9.31 -31.66
CA VAL C 39 -17.87 9.82 -30.38
C VAL C 39 -18.72 8.77 -29.69
N PHE C 40 -19.62 8.12 -30.44
CA PHE C 40 -20.54 7.16 -29.83
C PHE C 40 -19.83 5.89 -29.39
N ILE C 41 -18.78 5.47 -30.11
CA ILE C 41 -18.03 4.28 -29.71
C ILE C 41 -17.26 4.55 -28.42
N THR C 42 -16.58 5.69 -28.34
CA THR C 42 -15.72 5.98 -27.21
C THR C 42 -16.52 6.49 -26.02
N ILE C 43 -17.28 7.57 -26.21
CA ILE C 43 -18.05 8.13 -25.10
C ILE C 43 -19.19 7.19 -24.71
N GLY C 44 -19.93 6.71 -25.69
CA GLY C 44 -21.04 5.81 -25.39
C GLY C 44 -20.57 4.47 -24.85
N GLY C 45 -19.52 3.91 -25.42
CA GLY C 45 -19.03 2.62 -24.96
C GLY C 45 -18.49 2.66 -23.55
N SER C 46 -17.69 3.68 -23.23
CA SER C 46 -17.19 3.82 -21.87
C SER C 46 -18.31 4.16 -20.90
N MET C 47 -19.28 4.96 -21.33
CA MET C 47 -20.45 5.24 -20.50
C MET C 47 -21.24 3.97 -20.22
N ALA C 48 -21.43 3.13 -21.23
CA ALA C 48 -22.16 1.87 -21.03
C ALA C 48 -21.38 0.93 -20.11
N ALA C 49 -20.05 0.91 -20.23
CA ALA C 49 -19.24 0.11 -19.32
C ALA C 49 -19.35 0.62 -17.88
N MET C 50 -19.46 1.94 -17.71
CA MET C 50 -19.65 2.49 -16.37
C MET C 50 -20.99 2.07 -15.78
N LEU C 51 -22.00 1.87 -16.63
CA LEU C 51 -23.29 1.38 -16.14
C LEU C 51 -23.22 -0.07 -15.71
N ILE C 52 -22.28 -0.85 -16.27
CA ILE C 52 -22.05 -2.20 -15.77
C ILE C 52 -21.39 -2.15 -14.40
N THR C 53 -20.40 -1.28 -14.22
CA THR C 53 -19.71 -1.17 -12.94
C THR C 53 -20.62 -0.58 -11.88
N TYR C 54 -21.42 0.42 -12.24
CA TYR C 54 -22.28 1.12 -11.30
C TYR C 54 -23.73 1.05 -11.76
N PRO C 55 -24.65 0.57 -10.95
CA PRO C 55 -26.08 0.66 -11.31
C PRO C 55 -26.51 2.10 -11.39
N MET C 56 -27.52 2.37 -12.21
CA MET C 56 -27.89 3.76 -12.46
C MET C 56 -28.76 4.27 -11.32
N ASP C 57 -28.33 4.01 -10.10
CA ASP C 57 -28.75 4.63 -8.85
C ASP C 57 -27.55 5.06 -8.02
N GLU C 58 -26.48 4.27 -8.01
CA GLU C 58 -25.22 4.68 -7.40
C GLU C 58 -24.44 5.59 -8.33
N PHE C 59 -24.62 5.45 -9.64
CA PHE C 59 -24.00 6.37 -10.59
C PHE C 59 -24.50 7.79 -10.39
N LYS C 60 -25.82 7.94 -10.24
CA LYS C 60 -26.39 9.27 -10.01
C LYS C 60 -25.90 9.85 -8.70
N ARG C 61 -25.89 9.04 -7.64
CA ARG C 61 -25.44 9.52 -6.34
C ARG C 61 -23.98 9.92 -6.38
N LEU C 62 -23.15 9.13 -7.07
CA LEU C 62 -21.74 9.48 -7.20
C LEU C 62 -21.56 10.73 -8.06
N LEU C 63 -22.41 10.91 -9.08
CA LEU C 63 -22.38 12.14 -9.87
C LEU C 63 -22.71 13.35 -9.02
N ILE C 64 -23.71 13.22 -8.14
CA ILE C 64 -24.05 14.32 -7.23
C ILE C 64 -22.92 14.55 -6.23
N VAL C 65 -22.28 13.47 -5.78
CA VAL C 65 -21.16 13.59 -4.85
C VAL C 65 -20.03 14.39 -5.48
N ILE C 66 -19.72 14.11 -6.75
CA ILE C 66 -18.69 14.87 -7.47
C ILE C 66 -19.13 16.32 -7.62
N ARG C 67 -20.40 16.55 -7.97
CA ARG C 67 -20.89 17.91 -8.16
C ARG C 67 -20.91 18.69 -6.84
N GLN C 68 -21.14 18.01 -5.72
CA GLN C 68 -21.17 18.70 -4.43
C GLN C 68 -19.81 19.29 -4.07
N THR C 69 -18.73 18.54 -4.33
CA THR C 69 -17.39 19.02 -3.99
C THR C 69 -16.93 20.13 -4.93
N PHE C 70 -17.59 20.29 -6.09
CA PHE C 70 -17.12 21.26 -7.07
C PHE C 70 -17.47 22.70 -6.69
N LYS C 71 -18.56 22.90 -5.95
CA LYS C 71 -19.05 24.24 -5.66
C LYS C 71 -18.98 24.61 -4.18
N ASP C 72 -18.64 23.68 -3.30
CA ASP C 72 -18.59 23.98 -1.88
C ASP C 72 -17.46 24.96 -1.59
N ASN C 73 -17.75 25.97 -0.77
CA ASN C 73 -16.79 27.01 -0.42
C ASN C 73 -16.79 27.18 1.09
N GLY C 74 -15.96 26.38 1.78
CA GLY C 74 -15.87 26.47 3.22
C GLY C 74 -15.00 27.63 3.68
N MET C 75 -15.01 27.84 4.99
CA MET C 75 -14.21 28.91 5.57
C MET C 75 -12.73 28.55 5.53
N SER C 76 -11.89 29.58 5.52
CA SER C 76 -10.46 29.39 5.42
C SER C 76 -9.90 28.82 6.72
N ASN C 77 -8.74 28.17 6.62
CA ASN C 77 -8.07 27.64 7.80
C ASN C 77 -7.64 28.75 8.75
N ILE C 78 -7.24 29.90 8.22
CA ILE C 78 -6.87 31.03 9.07
C ILE C 78 -8.08 31.49 9.88
N ASP C 79 -9.26 31.53 9.26
CA ASP C 79 -10.46 31.91 9.98
C ASP C 79 -10.90 30.85 10.98
N VAL C 80 -10.47 29.60 10.81
CA VAL C 80 -10.73 28.58 11.82
C VAL C 80 -9.97 28.91 13.10
N ILE C 81 -8.72 29.37 12.99
CA ILE C 81 -7.95 29.77 14.16
C ILE C 81 -8.65 30.91 14.90
N GLN C 82 -9.10 31.93 14.15
CA GLN C 82 -9.66 33.11 14.77
C GLN C 82 -10.96 32.80 15.51
N ASN C 83 -11.83 31.99 14.92
CA ASN C 83 -13.07 31.61 15.58
C ASN C 83 -12.80 30.77 16.83
N PHE C 84 -11.84 29.84 16.75
CA PHE C 84 -11.53 29.00 17.89
C PHE C 84 -10.85 29.80 19.00
N VAL C 85 -9.98 30.73 18.63
CA VAL C 85 -9.34 31.58 19.64
C VAL C 85 -10.37 32.49 20.30
N ASP C 86 -11.28 33.07 19.50
CA ASP C 86 -12.33 33.91 20.07
C ASP C 86 -13.26 33.10 20.96
N LEU C 87 -13.64 31.89 20.52
CA LEU C 87 -14.53 31.06 21.32
C LEU C 87 -13.87 30.62 22.61
N SER C 88 -12.57 30.31 22.57
CA SER C 88 -11.86 29.88 23.77
C SER C 88 -11.73 31.03 24.77
N ARG C 89 -11.50 32.25 24.27
CA ARG C 89 -11.45 33.41 25.15
C ARG C 89 -12.80 33.69 25.79
N LYS C 90 -13.88 33.57 25.00
CA LYS C 90 -15.21 33.81 25.52
C LYS C 90 -15.67 32.70 26.47
N ALA C 91 -15.26 31.46 26.20
CA ALA C 91 -15.65 30.35 27.08
C ALA C 91 -14.96 30.44 28.43
N ARG C 92 -13.81 31.12 28.50
CA ARG C 92 -13.12 31.28 29.78
C ARG C 92 -13.68 32.44 30.60
N ARG C 93 -14.62 33.22 30.05
CA ARG C 93 -15.25 34.31 30.77
C ARG C 93 -16.65 33.96 31.25
N GLU C 94 -17.50 33.42 30.36
CA GLU C 94 -18.89 33.14 30.70
C GLU C 94 -19.25 31.67 30.54
N GLY C 95 -18.28 30.78 30.39
CA GLY C 95 -18.55 29.37 30.30
C GLY C 95 -18.95 28.91 28.91
N LEU C 96 -19.18 27.60 28.81
CA LEU C 96 -19.47 26.99 27.51
C LEU C 96 -20.85 27.38 26.98
N LEU C 97 -21.83 27.54 27.88
CA LEU C 97 -23.18 27.84 27.43
C LEU C 97 -23.30 29.22 26.81
N SER C 98 -22.34 30.11 27.06
CA SER C 98 -22.35 31.42 26.41
C SER C 98 -22.02 31.34 24.93
N LEU C 99 -21.46 30.22 24.49
CA LEU C 99 -21.08 30.04 23.08
C LEU C 99 -22.25 29.59 22.22
N GLU C 100 -23.43 29.38 22.80
CA GLU C 100 -24.55 28.81 22.05
C GLU C 100 -24.95 29.72 20.89
N ASP C 101 -25.01 31.04 21.13
CA ASP C 101 -25.37 31.96 20.06
C ASP C 101 -24.27 32.03 18.99
N ALA C 102 -23.01 31.96 19.42
CA ALA C 102 -21.90 32.00 18.47
C ALA C 102 -21.83 30.73 17.64
N ILE C 103 -22.18 29.58 18.22
CA ILE C 103 -22.11 28.31 17.49
C ILE C 103 -23.10 28.32 16.32
N ASN C 104 -24.32 28.80 16.55
CA ASN C 104 -25.32 28.82 15.50
C ASN C 104 -24.97 29.79 14.38
N ASN C 105 -24.01 30.69 14.60
CA ASN C 105 -23.56 31.62 13.57
C ASN C 105 -22.48 31.04 12.69
N LEU C 106 -22.03 29.81 12.95
CA LEU C 106 -21.01 29.18 12.14
C LEU C 106 -21.60 28.70 10.81
N THR C 107 -20.72 28.39 9.87
CA THR C 107 -21.09 27.96 8.53
C THR C 107 -20.27 26.74 8.11
N ASP C 108 -20.14 25.77 9.01
CA ASP C 108 -19.37 24.56 8.73
C ASP C 108 -20.18 23.29 8.84
N ASP C 109 -21.03 23.18 9.86
CA ASP C 109 -21.86 22.00 10.15
C ASP C 109 -21.01 20.85 10.69
N TYR C 110 -19.69 21.00 10.62
CA TYR C 110 -18.78 20.08 11.30
C TYR C 110 -18.16 20.71 12.54
N MET C 111 -17.74 21.96 12.45
CA MET C 111 -17.42 22.72 13.66
C MET C 111 -18.65 22.89 14.53
N LYS C 112 -19.80 23.15 13.92
CA LYS C 112 -21.04 23.31 14.67
C LYS C 112 -21.42 22.02 15.39
N LYS C 113 -21.29 20.88 14.72
CA LYS C 113 -21.68 19.62 15.32
C LYS C 113 -20.78 19.28 16.51
N GLY C 114 -19.47 19.47 16.36
CA GLY C 114 -18.57 19.18 17.47
C GLY C 114 -18.75 20.13 18.64
N LEU C 115 -18.96 21.42 18.36
CA LEU C 115 -19.11 22.39 19.43
C LEU C 115 -20.44 22.25 20.15
N ARG C 116 -21.49 21.81 19.44
CA ARG C 116 -22.77 21.57 20.10
C ARG C 116 -22.70 20.39 21.06
N MET C 117 -21.90 19.37 20.72
CA MET C 117 -21.65 18.29 21.67
C MET C 117 -20.81 18.79 22.85
N VAL C 118 -19.97 19.80 22.63
CA VAL C 118 -19.17 20.37 23.71
C VAL C 118 -20.06 21.12 24.69
N VAL C 119 -21.01 21.91 24.18
CA VAL C 119 -21.88 22.69 25.04
C VAL C 119 -22.73 21.77 25.92
N ASP C 120 -23.31 20.73 25.32
CA ASP C 120 -23.95 19.71 26.10
C ASP C 120 -22.91 18.88 26.83
N GLY C 121 -23.37 18.04 27.76
CA GLY C 121 -22.43 17.21 28.47
C GLY C 121 -22.14 15.93 27.72
N ILE C 122 -21.07 15.94 26.93
CA ILE C 122 -20.65 14.80 26.13
C ILE C 122 -19.16 14.63 26.36
N GLU C 123 -18.76 13.44 26.80
CA GLU C 123 -17.37 13.23 27.19
C GLU C 123 -16.44 13.30 25.97
N PRO C 124 -15.19 13.72 26.16
CA PRO C 124 -14.28 13.87 25.02
C PRO C 124 -14.01 12.57 24.28
N GLU C 125 -14.19 11.42 24.91
CA GLU C 125 -13.93 10.15 24.23
C GLU C 125 -14.92 9.93 23.09
N THR C 126 -16.21 10.10 23.36
CA THR C 126 -17.21 9.88 22.32
C THR C 126 -17.27 11.04 21.33
N ILE C 127 -16.95 12.26 21.76
CA ILE C 127 -16.88 13.37 20.82
C ILE C 127 -15.79 13.12 19.78
N ARG C 128 -14.62 12.66 20.24
CA ARG C 128 -13.52 12.40 19.31
C ARG C 128 -13.90 11.35 18.29
N GLU C 129 -14.36 10.18 18.75
CA GLU C 129 -14.62 9.08 17.83
C GLU C 129 -15.79 9.39 16.90
N ILE C 130 -16.74 10.22 17.33
CA ILE C 130 -17.80 10.65 16.42
C ILE C 130 -17.23 11.57 15.35
N MET C 131 -16.36 12.50 15.74
CA MET C 131 -15.81 13.46 14.79
C MET C 131 -14.82 12.81 13.84
N GLU C 132 -14.00 11.87 14.34
CA GLU C 132 -13.12 11.11 13.45
C GLU C 132 -13.91 10.22 12.51
N LEU C 133 -15.08 9.75 12.96
CA LEU C 133 -15.94 8.98 12.07
C LEU C 133 -16.43 9.84 10.90
N GLU C 134 -16.76 11.11 11.18
CA GLU C 134 -17.15 12.02 10.11
C GLU C 134 -16.01 12.24 9.13
N ILE C 135 -14.78 12.38 9.64
CA ILE C 135 -13.63 12.55 8.76
C ILE C 135 -13.40 11.29 7.92
N ASP C 136 -13.48 10.11 8.54
CA ASP C 136 -13.24 8.87 7.81
C ASP C 136 -14.29 8.64 6.74
N GLU C 137 -15.56 8.91 7.06
CA GLU C 137 -16.62 8.70 6.08
C GLU C 137 -16.59 9.76 4.99
N MET C 138 -16.16 10.98 5.32
CA MET C 138 -15.97 12.01 4.29
C MET C 138 -14.88 11.60 3.31
N GLU C 139 -13.77 11.05 3.84
CA GLU C 139 -12.69 10.60 2.96
C GLU C 139 -13.13 9.43 2.09
N LYS C 140 -13.90 8.51 2.66
CA LYS C 140 -14.39 7.37 1.89
C LYS C 140 -15.31 7.81 0.77
N ARG C 141 -16.18 8.78 1.04
CA ARG C 141 -17.09 9.29 0.02
C ARG C 141 -16.33 9.97 -1.11
N HIS C 142 -15.32 10.78 -0.78
CA HIS C 142 -14.50 11.42 -1.80
C HIS C 142 -13.72 10.38 -2.60
N LYS C 143 -13.19 9.36 -1.93
CA LYS C 143 -12.44 8.31 -2.61
C LYS C 143 -13.32 7.56 -3.60
N SER C 144 -14.56 7.25 -3.20
CA SER C 144 -15.46 6.52 -4.10
C SER C 144 -15.81 7.36 -5.32
N GLY C 145 -16.03 8.67 -5.13
CA GLY C 145 -16.26 9.54 -6.27
C GLY C 145 -15.03 9.67 -7.15
N ALA C 146 -13.85 9.79 -6.54
CA ALA C 146 -12.61 9.84 -7.31
C ALA C 146 -12.35 8.51 -8.01
N ASP C 147 -12.67 7.40 -7.36
CA ASP C 147 -12.48 6.08 -7.98
C ASP C 147 -13.40 5.92 -9.18
N MET C 148 -14.62 6.47 -9.09
CA MET C 148 -15.53 6.43 -10.23
C MET C 148 -14.97 7.20 -11.42
N LEU C 149 -14.36 8.37 -11.16
CA LEU C 149 -13.78 9.16 -12.24
C LEU C 149 -12.53 8.50 -12.81
N LYS C 150 -11.70 7.89 -11.94
CA LYS C 150 -10.53 7.17 -12.43
C LYS C 150 -10.91 5.94 -13.23
N THR C 151 -12.00 5.27 -12.84
CA THR C 151 -12.47 4.12 -13.60
C THR C 151 -12.93 4.54 -15.00
N TRP C 152 -13.62 5.66 -15.11
CA TRP C 152 -14.00 6.19 -16.41
C TRP C 152 -12.78 6.65 -17.21
N GLY C 153 -11.75 7.14 -16.53
CA GLY C 153 -10.51 7.50 -17.20
C GLY C 153 -9.77 6.31 -17.78
N GLY C 154 -10.12 5.10 -17.36
CA GLY C 154 -9.56 3.90 -17.97
C GLY C 154 -10.46 3.34 -19.05
N TYR C 155 -11.79 3.48 -18.87
CA TYR C 155 -12.73 2.94 -19.83
C TYR C 155 -12.69 3.70 -21.16
N ALA C 156 -12.56 5.03 -21.09
CA ALA C 156 -12.62 5.83 -22.32
C ALA C 156 -11.48 5.50 -23.29
N PRO C 157 -10.21 5.45 -22.87
CA PRO C 157 -9.18 4.96 -23.80
C PRO C 157 -9.34 3.49 -24.15
N ALA C 158 -9.92 2.68 -23.25
CA ALA C 158 -10.13 1.27 -23.56
C ALA C 158 -11.12 1.10 -24.71
N PHE C 159 -12.21 1.86 -24.70
CA PHE C 159 -13.15 1.80 -25.80
C PHE C 159 -12.71 2.64 -26.99
N GLY C 160 -11.79 3.58 -26.79
CA GLY C 160 -11.11 4.19 -27.92
C GLY C 160 -10.24 3.19 -28.65
N MET C 161 -9.60 2.28 -27.91
CA MET C 161 -8.81 1.22 -28.53
C MET C 161 -9.71 0.21 -29.25
N VAL C 162 -10.85 -0.13 -28.66
CA VAL C 162 -11.79 -1.03 -29.30
C VAL C 162 -12.29 -0.43 -30.62
N GLY C 163 -12.63 0.86 -30.60
CA GLY C 163 -13.05 1.52 -31.82
C GLY C 163 -11.95 1.60 -32.86
N THR C 164 -10.70 1.76 -32.41
CA THR C 164 -9.58 1.78 -33.35
C THR C 164 -9.43 0.43 -34.04
N LEU C 165 -9.57 -0.67 -33.30
CA LEU C 165 -9.53 -2.00 -33.92
C LEU C 165 -10.67 -2.16 -34.91
N ILE C 166 -11.87 -1.68 -34.56
CA ILE C 166 -13.00 -1.72 -35.48
C ILE C 166 -12.67 -0.95 -36.75
N GLY C 167 -12.06 0.24 -36.60
CA GLY C 167 -11.67 1.01 -37.76
C GLY C 167 -10.60 0.32 -38.59
N LEU C 168 -9.58 -0.23 -37.93
CA LEU C 168 -8.50 -0.90 -38.65
C LEU C 168 -9.00 -2.14 -39.39
N ILE C 169 -9.85 -2.93 -38.73
CA ILE C 169 -10.39 -4.13 -39.37
C ILE C 169 -11.27 -3.75 -40.56
N GLN C 170 -12.12 -2.74 -40.39
CA GLN C 170 -13.04 -2.35 -41.44
C GLN C 170 -12.30 -1.86 -42.69
N MET C 171 -11.27 -1.04 -42.50
CA MET C 171 -10.57 -0.48 -43.65
C MET C 171 -9.63 -1.49 -44.30
N LEU C 172 -8.98 -2.34 -43.51
CA LEU C 172 -8.09 -3.34 -44.08
C LEU C 172 -8.84 -4.40 -44.87
N ALA C 173 -10.12 -4.62 -44.54
CA ALA C 173 -10.93 -5.56 -45.31
C ALA C 173 -11.32 -4.99 -46.66
N ASN C 174 -11.72 -3.71 -46.69
CA ASN C 174 -12.15 -3.03 -47.91
C ASN C 174 -11.15 -1.92 -48.22
N LEU C 175 -10.19 -2.22 -49.09
CA LEU C 175 -9.16 -1.26 -49.49
C LEU C 175 -9.09 -1.19 -51.01
N THR C 176 -8.72 -0.02 -51.52
CA THR C 176 -8.62 0.21 -52.95
C THR C 176 -7.24 0.66 -53.41
N ASP C 177 -6.46 1.30 -52.55
CA ASP C 177 -5.11 1.73 -52.89
C ASP C 177 -4.35 2.03 -51.61
N SER C 178 -3.03 2.20 -51.77
CA SER C 178 -2.20 2.53 -50.61
C SER C 178 -2.54 3.90 -50.05
N SER C 179 -3.09 4.80 -50.88
CA SER C 179 -3.42 6.13 -50.40
C SER C 179 -4.67 6.10 -49.53
N THR C 180 -5.70 5.35 -49.93
CA THR C 180 -6.91 5.25 -49.12
C THR C 180 -6.67 4.46 -47.84
N ILE C 181 -5.64 3.60 -47.81
CA ILE C 181 -5.30 2.90 -46.58
C ILE C 181 -4.70 3.87 -45.58
N ALA C 182 -3.83 4.77 -46.04
CA ALA C 182 -3.18 5.72 -45.12
C ALA C 182 -4.20 6.62 -44.46
N SER C 183 -5.18 7.13 -45.21
CA SER C 183 -6.23 7.94 -44.62
C SER C 183 -7.20 7.10 -43.78
N GLY C 184 -7.21 5.78 -43.99
CA GLY C 184 -8.02 4.91 -43.15
C GLY C 184 -7.52 4.85 -41.72
N MET C 185 -6.19 4.84 -41.54
CA MET C 185 -5.63 4.85 -40.19
C MET C 185 -6.00 6.13 -39.45
N GLY C 186 -6.08 7.26 -40.15
CA GLY C 186 -6.44 8.50 -39.50
C GLY C 186 -7.83 8.46 -38.91
N LYS C 187 -8.80 7.96 -39.68
CA LYS C 187 -10.16 7.83 -39.17
C LYS C 187 -10.25 6.78 -38.07
N ALA C 188 -9.44 5.72 -38.17
CA ALA C 188 -9.45 4.69 -37.15
C ALA C 188 -8.91 5.20 -35.82
N LEU C 189 -7.95 6.12 -35.84
CA LEU C 189 -7.31 6.62 -34.63
C LEU C 189 -8.07 7.76 -33.97
N ILE C 190 -9.15 8.24 -34.59
CA ILE C 190 -9.91 9.34 -34.00
C ILE C 190 -10.55 8.91 -32.68
N THR C 191 -11.09 7.69 -32.62
CA THR C 191 -11.72 7.21 -31.40
C THR C 191 -10.70 7.04 -30.28
N THR C 192 -9.48 6.61 -30.61
CA THR C 192 -8.41 6.54 -29.62
C THR C 192 -8.05 7.94 -29.12
N PHE C 193 -8.02 8.91 -30.05
CA PHE C 193 -7.79 10.30 -29.67
C PHE C 193 -8.87 10.81 -28.72
N TYR C 194 -10.13 10.44 -28.99
CA TYR C 194 -11.22 10.85 -28.10
C TYR C 194 -11.06 10.25 -26.71
N GLY C 195 -10.72 8.95 -26.62
CA GLY C 195 -10.56 8.33 -25.33
C GLY C 195 -9.38 8.88 -24.55
N SER C 196 -8.26 9.12 -25.23
CA SER C 196 -7.10 9.70 -24.57
C SER C 196 -7.38 11.12 -24.09
N LEU C 197 -8.07 11.92 -24.91
CA LEU C 197 -8.39 13.28 -24.51
C LEU C 197 -9.36 13.31 -23.34
N MET C 198 -10.39 12.46 -23.38
CA MET C 198 -11.36 12.45 -22.29
C MET C 198 -10.72 11.97 -20.98
N ALA C 199 -9.81 11.01 -21.07
CA ALA C 199 -9.14 10.52 -19.86
C ALA C 199 -8.21 11.58 -19.28
N ASN C 200 -7.37 12.19 -20.12
CA ASN C 200 -6.30 13.05 -19.63
C ASN C 200 -6.75 14.49 -19.38
N ALA C 201 -7.85 14.93 -19.98
CA ALA C 201 -8.30 16.30 -19.79
C ALA C 201 -9.51 16.41 -18.87
N VAL C 202 -10.26 15.33 -18.66
CA VAL C 202 -11.49 15.42 -17.87
C VAL C 202 -11.45 14.44 -16.69
N PHE C 203 -11.40 13.14 -16.99
CA PHE C 203 -11.68 12.14 -15.96
C PHE C 203 -10.52 12.02 -14.96
N ASN C 204 -9.32 11.78 -15.44
CA ASN C 204 -8.18 11.63 -14.53
C ASN C 204 -7.88 12.89 -13.72
N PRO C 205 -7.78 14.08 -14.31
CA PRO C 205 -7.57 15.27 -13.47
C PRO C 205 -8.70 15.55 -12.49
N MET C 206 -9.95 15.24 -12.85
CA MET C 206 -11.05 15.43 -11.91
C MET C 206 -10.98 14.42 -10.77
N GLY C 207 -10.58 13.18 -11.07
CA GLY C 207 -10.42 12.19 -10.02
C GLY C 207 -9.32 12.55 -9.05
N ALA C 208 -8.20 13.06 -9.57
CA ALA C 208 -7.12 13.51 -8.69
C ALA C 208 -7.50 14.79 -7.95
N ASN C 209 -8.36 15.62 -8.55
CA ASN C 209 -8.85 16.80 -7.85
C ASN C 209 -9.67 16.42 -6.62
N LEU C 210 -10.51 15.39 -6.74
CA LEU C 210 -11.29 14.93 -5.60
C LEU C 210 -10.38 14.37 -4.51
N MET C 211 -9.35 13.63 -4.90
CA MET C 211 -8.40 13.11 -3.93
C MET C 211 -7.67 14.23 -3.21
N PHE C 212 -7.27 15.28 -3.94
CA PHE C 212 -6.60 16.41 -3.32
C PHE C 212 -7.55 17.17 -2.39
N LYS C 213 -8.80 17.35 -2.82
CA LYS C 213 -9.77 18.05 -1.98
C LYS C 213 -10.09 17.26 -0.71
N SER C 214 -10.09 15.93 -0.80
CA SER C 214 -10.34 15.12 0.39
C SER C 214 -9.26 15.31 1.44
N GLY C 215 -8.00 15.37 1.01
CA GLY C 215 -6.91 15.59 1.95
C GLY C 215 -6.94 16.97 2.56
N VAL C 216 -7.31 17.98 1.76
CA VAL C 216 -7.37 19.35 2.27
C VAL C 216 -8.47 19.48 3.31
N GLU C 217 -9.65 18.91 3.03
CA GLU C 217 -10.75 18.98 3.99
C GLU C 217 -10.47 18.11 5.21
N ALA C 218 -9.77 16.99 5.04
CA ALA C 218 -9.40 16.16 6.18
C ALA C 218 -8.46 16.89 7.12
N THR C 219 -7.52 17.66 6.57
CA THR C 219 -6.63 18.47 7.40
C THR C 219 -7.42 19.52 8.17
N THR C 220 -8.37 20.18 7.50
CA THR C 220 -9.19 21.18 8.17
C THR C 220 -10.04 20.57 9.27
N ARG C 221 -10.57 19.37 9.02
CA ARG C 221 -11.46 18.74 10.00
C ARG C 221 -10.68 18.21 11.20
N GLU C 222 -9.49 17.66 10.96
CA GLU C 222 -8.61 17.29 12.07
C GLU C 222 -8.19 18.52 12.84
N MET C 223 -7.96 19.63 12.13
CA MET C 223 -7.73 20.92 12.77
C MET C 223 -8.92 21.38 13.60
N VAL C 224 -10.13 21.22 13.06
CA VAL C 224 -11.32 21.65 13.79
C VAL C 224 -11.57 20.76 15.00
N LEU C 225 -11.39 19.44 14.83
CA LEU C 225 -11.55 18.53 15.95
C LEU C 225 -10.54 18.81 17.06
N GLU C 226 -9.27 18.99 16.67
CA GLU C 226 -8.23 19.39 17.62
C GLU C 226 -8.38 20.88 17.85
N GLY C 227 -9.23 21.23 18.81
CA GLY C 227 -9.63 22.61 18.99
C GLY C 227 -11.10 22.70 19.41
N VAL C 228 -11.92 21.75 18.92
CA VAL C 228 -13.20 21.51 19.57
C VAL C 228 -12.98 20.85 20.92
N LEU C 229 -12.03 19.91 20.99
CA LEU C 229 -11.70 19.27 22.25
C LEU C 229 -10.94 20.21 23.18
N ALA C 230 -10.22 21.19 22.61
CA ALA C 230 -9.52 22.16 23.43
C ALA C 230 -10.47 23.17 24.07
N ILE C 231 -11.60 23.45 23.42
CA ILE C 231 -12.60 24.35 24.00
C ILE C 231 -13.18 23.76 25.26
N GLN C 232 -13.54 22.47 25.22
CA GLN C 232 -14.15 21.83 26.37
C GLN C 232 -13.14 21.35 27.39
N SER C 233 -11.86 21.24 27.01
CA SER C 233 -10.81 20.94 27.97
C SER C 233 -10.30 22.17 28.70
N GLY C 234 -10.76 23.36 28.31
CA GLY C 234 -10.38 24.58 28.99
C GLY C 234 -8.91 24.93 28.89
N VAL C 235 -8.30 24.73 27.72
CA VAL C 235 -6.91 25.09 27.53
C VAL C 235 -6.79 26.60 27.36
N ASN C 236 -5.57 27.10 27.56
CA ASN C 236 -5.32 28.53 27.40
C ASN C 236 -5.49 28.93 25.94
N PRO C 237 -6.06 30.10 25.67
CA PRO C 237 -6.17 30.56 24.27
C PRO C 237 -4.84 30.66 23.56
N ARG C 238 -3.76 31.00 24.26
CA ARG C 238 -2.45 31.01 23.62
C ARG C 238 -1.99 29.60 23.30
N ILE C 239 -2.20 28.66 24.22
CA ILE C 239 -1.83 27.27 23.96
C ILE C 239 -2.68 26.70 22.83
N MET C 240 -3.98 27.04 22.82
CA MET C 240 -4.84 26.61 21.72
C MET C 240 -4.35 27.16 20.39
N GLU C 241 -3.99 28.44 20.36
CA GLU C 241 -3.48 29.03 19.13
C GLU C 241 -2.15 28.40 18.72
N GLU C 242 -1.28 28.12 19.69
CA GLU C 242 0.01 27.50 19.38
C GLU C 242 -0.18 26.13 18.74
N LYS C 243 -1.08 25.32 19.27
CA LYS C 243 -1.35 24.01 18.69
C LYS C 243 -2.09 24.15 17.36
N LEU C 244 -2.98 25.13 17.25
CA LEU C 244 -3.80 25.27 16.05
C LEU C 244 -2.97 25.77 14.87
N VAL C 245 -2.05 26.71 15.10
CA VAL C 245 -1.23 27.22 14.01
C VAL C 245 -0.24 26.20 13.48
N SER C 246 -0.07 25.06 14.17
CA SER C 246 0.76 23.99 13.62
C SER C 246 -0.07 23.14 12.67
N TYR C 247 -0.84 23.80 11.82
CA TYR C 247 -1.57 23.17 10.71
C TYR C 247 -1.45 23.97 9.43
N LEU C 248 -0.97 25.20 9.48
CA LEU C 248 -0.94 26.11 8.35
C LEU C 248 0.44 26.12 7.71
N SER C 249 0.48 26.36 6.41
CA SER C 249 1.74 26.57 5.72
C SER C 249 2.38 27.87 6.22
N PRO C 250 3.70 27.97 6.12
CA PRO C 250 4.39 29.19 6.58
C PRO C 250 3.86 30.45 5.91
N PRO C 251 3.45 30.40 4.62
CA PRO C 251 2.73 31.56 4.08
C PRO C 251 1.46 31.89 4.83
N GLU C 252 0.73 30.87 5.31
CA GLU C 252 -0.48 31.12 6.09
C GLU C 252 -0.17 31.58 7.51
N ARG C 253 0.97 31.15 8.06
CA ARG C 253 1.31 31.53 9.42
C ARG C 253 1.59 33.02 9.54
N GLN C 254 2.28 33.60 8.57
CA GLN C 254 2.53 35.03 8.61
C GLN C 254 1.28 35.83 8.29
N ALA C 255 0.41 35.31 7.44
CA ALA C 255 -0.85 35.98 7.16
C ALA C 255 -1.75 36.02 8.39
N TYR C 256 -1.70 34.97 9.22
CA TYR C 256 -2.46 34.99 10.47
C TYR C 256 -1.82 35.91 11.51
N SER C 257 -0.49 36.08 11.45
CA SER C 257 0.19 36.93 12.42
C SER C 257 -0.22 38.39 12.25
N LYS C 258 -0.37 38.84 11.00
CA LYS C 258 -0.71 40.23 10.74
C LYS C 258 -2.20 40.53 10.90
N VAL C 259 -3.03 39.51 11.06
CA VAL C 259 -4.47 39.71 11.20
C VAL C 259 -4.86 39.61 12.68
N LYS D 3 22.10 21.38 3.29
CA LYS D 3 23.35 20.78 3.75
C LYS D 3 24.38 20.74 2.62
N ARG D 4 24.27 21.70 1.69
CA ARG D 4 25.13 21.78 0.52
C ARG D 4 25.12 20.48 -0.27
N ASP D 5 23.92 20.13 -0.76
CA ASP D 5 23.77 18.95 -1.61
C ASP D 5 24.26 19.28 -3.01
N ILE D 6 25.08 18.39 -3.56
CA ILE D 6 25.68 18.62 -4.87
C ILE D 6 25.19 17.65 -5.93
N LEU D 7 24.59 16.52 -5.55
CA LEU D 7 24.12 15.57 -6.54
C LEU D 7 23.02 16.15 -7.41
N THR D 8 22.07 16.86 -6.81
CA THR D 8 20.97 17.44 -7.58
C THR D 8 21.45 18.51 -8.56
N PRO D 9 22.25 19.50 -8.17
CA PRO D 9 22.76 20.44 -9.19
C PRO D 9 23.60 19.77 -10.25
N ILE D 10 24.41 18.77 -9.88
CA ILE D 10 25.22 18.06 -10.86
C ILE D 10 24.34 17.22 -11.76
N GLY D 11 23.34 16.55 -11.19
CA GLY D 11 22.45 15.72 -11.99
C GLY D 11 21.70 16.51 -13.04
N PHE D 12 21.24 17.72 -12.69
CA PHE D 12 20.52 18.55 -13.64
C PHE D 12 21.45 19.01 -14.78
N VAL D 13 22.69 19.38 -14.44
CA VAL D 13 23.62 19.86 -15.46
C VAL D 13 23.94 18.74 -16.46
N LEU D 14 24.24 17.55 -15.94
CA LEU D 14 24.54 16.43 -16.82
C LEU D 14 23.30 15.99 -17.60
N CYS D 15 22.14 16.00 -16.95
CA CYS D 15 20.93 15.52 -17.61
C CYS D 15 20.57 16.38 -18.81
N PHE D 16 20.49 17.70 -18.61
CA PHE D 16 20.19 18.59 -19.72
C PHE D 16 21.39 18.83 -20.61
N GLY D 17 22.60 18.74 -20.05
CA GLY D 17 23.80 18.85 -20.87
C GLY D 17 23.93 17.70 -21.85
N LEU D 18 23.56 16.49 -21.44
CA LEU D 18 23.60 15.36 -22.36
C LEU D 18 22.47 15.44 -23.37
N VAL D 19 21.29 15.89 -22.95
CA VAL D 19 20.17 16.07 -23.88
C VAL D 19 20.51 17.16 -24.89
N LEU D 20 21.05 18.28 -24.42
CA LEU D 20 21.46 19.36 -25.32
C LEU D 20 22.56 18.89 -26.26
N TRP D 21 23.52 18.12 -25.75
CA TRP D 21 24.58 17.58 -26.60
C TRP D 21 24.01 16.64 -27.66
N GLY D 22 23.01 15.83 -27.29
CA GLY D 22 22.34 15.00 -28.27
C GLY D 22 21.58 15.80 -29.30
N MET D 23 20.89 16.85 -28.87
CA MET D 23 20.19 17.71 -29.82
C MET D 23 21.15 18.39 -30.79
N ALA D 24 22.26 18.91 -30.28
CA ALA D 24 23.27 19.54 -31.12
C ALA D 24 24.34 18.56 -31.56
N SER D 25 23.93 17.42 -32.10
CA SER D 25 24.84 16.38 -32.56
C SER D 25 24.84 16.37 -34.08
N GLY D 26 26.02 16.42 -34.66
CA GLY D 26 26.17 16.57 -36.11
C GLY D 26 26.21 18.05 -36.51
N GLY D 27 25.14 18.49 -37.19
CA GLY D 27 25.02 19.88 -37.55
C GLY D 27 23.60 20.39 -37.41
N SER D 28 22.83 19.74 -36.54
CA SER D 28 21.43 20.10 -36.38
C SER D 28 21.29 21.47 -35.74
N ASN D 29 20.42 22.30 -36.31
CA ASN D 29 20.12 23.60 -35.74
C ASN D 29 19.06 23.44 -34.66
N LEU D 30 19.28 24.08 -33.52
CA LEU D 30 18.46 23.84 -32.33
C LEU D 30 17.01 24.29 -32.49
N LYS D 31 16.71 25.08 -33.51
CA LYS D 31 15.33 25.54 -33.72
C LYS D 31 14.39 24.40 -34.08
N VAL D 32 14.91 23.29 -34.61
CA VAL D 32 14.05 22.17 -35.00
C VAL D 32 13.39 21.53 -33.78
N PHE D 33 13.95 21.70 -32.59
CA PHE D 33 13.36 21.18 -31.37
C PHE D 33 12.38 22.14 -30.72
N TRP D 34 12.18 23.32 -31.31
CA TRP D 34 11.20 24.29 -30.82
C TRP D 34 9.97 24.25 -31.71
N ASP D 35 8.81 24.05 -31.08
CA ASP D 35 7.54 24.02 -31.80
C ASP D 35 6.48 24.65 -30.90
N VAL D 36 5.91 25.77 -31.35
CA VAL D 36 4.92 26.48 -30.54
C VAL D 36 3.67 25.62 -30.35
N ALA D 37 3.23 24.95 -31.43
CA ALA D 37 2.06 24.08 -31.32
C ALA D 37 2.30 22.96 -30.32
N SER D 38 3.51 22.41 -30.30
CA SER D 38 3.84 21.38 -29.32
C SER D 38 3.81 21.92 -27.90
N VAL D 39 4.32 23.14 -27.70
CA VAL D 39 4.30 23.75 -26.36
C VAL D 39 2.87 23.87 -25.86
N PHE D 40 1.94 24.27 -26.75
CA PHE D 40 0.55 24.43 -26.34
C PHE D 40 -0.11 23.10 -26.00
N ILE D 41 0.33 22.01 -26.62
CA ILE D 41 -0.36 20.74 -26.45
C ILE D 41 0.11 20.03 -25.19
N THR D 42 1.42 19.83 -25.03
CA THR D 42 1.90 19.05 -23.89
C THR D 42 2.23 19.92 -22.68
N ILE D 43 3.00 20.99 -22.89
CA ILE D 43 3.33 21.87 -21.76
C ILE D 43 2.09 22.63 -21.31
N GLY D 44 1.36 23.23 -22.25
CA GLY D 44 0.13 23.92 -21.91
C GLY D 44 -0.97 22.97 -21.47
N GLY D 45 -1.11 21.85 -22.16
CA GLY D 45 -2.18 20.92 -21.83
C GLY D 45 -2.02 20.27 -20.47
N SER D 46 -0.80 19.85 -20.13
CA SER D 46 -0.56 19.22 -18.84
C SER D 46 -0.64 20.24 -17.72
N MET D 47 -0.18 21.47 -17.96
CA MET D 47 -0.31 22.53 -16.96
C MET D 47 -1.77 22.86 -16.71
N ALA D 48 -2.59 22.89 -17.77
CA ALA D 48 -4.01 23.15 -17.59
C ALA D 48 -4.71 21.99 -16.89
N ALA D 49 -4.27 20.77 -17.16
CA ALA D 49 -4.78 19.63 -16.40
C ALA D 49 -4.35 19.69 -14.94
N MET D 50 -3.17 20.27 -14.68
CA MET D 50 -2.74 20.49 -13.31
C MET D 50 -3.66 21.49 -12.60
N LEU D 51 -4.15 22.49 -13.33
CA LEU D 51 -5.08 23.45 -12.75
C LEU D 51 -6.45 22.85 -12.49
N ILE D 52 -6.83 21.79 -13.22
CA ILE D 52 -8.05 21.07 -12.89
C ILE D 52 -7.87 20.30 -11.59
N THR D 53 -6.73 19.62 -11.43
CA THR D 53 -6.48 18.85 -10.22
C THR D 53 -6.27 19.78 -9.02
N TYR D 54 -5.48 20.83 -9.19
CA TYR D 54 -5.11 21.72 -8.10
C TYR D 54 -5.65 23.11 -8.37
N PRO D 55 -6.48 23.67 -7.49
CA PRO D 55 -6.91 25.06 -7.65
C PRO D 55 -5.71 26.00 -7.64
N MET D 56 -5.84 27.11 -8.37
CA MET D 56 -4.72 28.02 -8.56
C MET D 56 -4.18 28.51 -7.22
N ASP D 57 -5.06 28.75 -6.24
CA ASP D 57 -4.60 29.15 -4.92
C ASP D 57 -3.76 28.06 -4.27
N GLU D 58 -4.23 26.81 -4.32
CA GLU D 58 -3.47 25.71 -3.76
C GLU D 58 -2.30 25.33 -4.66
N PHE D 59 -2.42 25.54 -5.97
CA PHE D 59 -1.29 25.31 -6.87
C PHE D 59 -0.13 26.23 -6.54
N LYS D 60 -0.42 27.51 -6.25
CA LYS D 60 0.61 28.44 -5.83
C LYS D 60 1.22 28.02 -4.50
N ARG D 61 0.39 27.56 -3.57
CA ARG D 61 0.89 27.14 -2.26
C ARG D 61 1.86 25.99 -2.38
N LEU D 62 1.52 24.98 -3.19
CA LEU D 62 2.39 23.82 -3.33
C LEU D 62 3.69 24.18 -4.05
N LEU D 63 3.62 25.10 -5.01
CA LEU D 63 4.83 25.58 -5.67
C LEU D 63 5.74 26.29 -4.67
N ILE D 64 5.16 27.08 -3.76
CA ILE D 64 5.93 27.71 -2.70
C ILE D 64 6.53 26.66 -1.78
N VAL D 65 5.74 25.63 -1.44
CA VAL D 65 6.24 24.56 -0.59
C VAL D 65 7.41 23.84 -1.25
N ILE D 66 7.30 23.58 -2.55
CA ILE D 66 8.40 22.95 -3.28
C ILE D 66 9.63 23.85 -3.29
N ARG D 67 9.43 25.14 -3.57
CA ARG D 67 10.57 26.06 -3.67
C ARG D 67 11.29 26.20 -2.32
N GLN D 68 10.54 26.30 -1.23
CA GLN D 68 11.16 26.51 0.07
C GLN D 68 11.98 25.30 0.52
N THR D 69 11.54 24.08 0.16
CA THR D 69 12.25 22.89 0.60
C THR D 69 13.64 22.79 -0.02
N PHE D 70 13.85 23.40 -1.18
CA PHE D 70 15.12 23.32 -1.88
C PHE D 70 16.05 24.47 -1.55
N LYS D 71 15.65 25.36 -0.64
CA LYS D 71 16.52 26.43 -0.19
C LYS D 71 17.63 25.87 0.70
N ASP D 72 18.60 26.73 1.02
CA ASP D 72 19.70 26.33 1.89
C ASP D 72 19.26 26.13 3.33
N ASN D 73 18.03 26.50 3.67
CA ASN D 73 17.49 26.38 5.04
C ASN D 73 18.34 27.25 5.96
N GLY D 74 18.49 26.83 7.22
CA GLY D 74 19.26 27.60 8.17
C GLY D 74 20.64 27.03 8.42
N MET D 75 20.80 26.32 9.54
CA MET D 75 22.08 25.77 9.95
C MET D 75 22.01 24.25 10.01
N SER D 76 23.18 23.63 9.94
CA SER D 76 23.30 22.19 9.81
C SER D 76 23.02 21.49 11.14
N ASN D 77 22.98 20.15 11.07
CA ASN D 77 22.82 19.34 12.26
C ASN D 77 23.99 19.50 13.23
N ILE D 78 25.16 19.90 12.73
CA ILE D 78 26.28 20.15 13.61
C ILE D 78 26.05 21.41 14.44
N ASP D 79 25.53 22.47 13.80
CA ASP D 79 25.41 23.75 14.47
C ASP D 79 24.30 23.74 15.52
N VAL D 80 23.21 23.01 15.26
CA VAL D 80 22.11 22.98 16.21
C VAL D 80 22.53 22.32 17.52
N ILE D 81 23.37 21.28 17.42
CA ILE D 81 23.90 20.66 18.63
C ILE D 81 24.84 21.62 19.35
N GLN D 82 25.68 22.34 18.59
CA GLN D 82 26.52 23.35 19.20
C GLN D 82 25.70 24.48 19.79
N ASN D 83 24.63 24.88 19.10
CA ASN D 83 23.76 25.92 19.62
C ASN D 83 23.04 25.47 20.89
N PHE D 84 22.54 24.22 20.90
CA PHE D 84 21.84 23.71 22.07
C PHE D 84 22.78 23.56 23.26
N VAL D 85 24.01 23.10 23.02
CA VAL D 85 24.98 22.96 24.10
C VAL D 85 25.34 24.33 24.67
N ASP D 86 25.54 25.32 23.80
CA ASP D 86 25.79 26.68 24.28
C ASP D 86 24.59 27.23 25.03
N LEU D 87 23.38 26.92 24.56
CA LEU D 87 22.18 27.32 25.28
C LEU D 87 22.09 26.64 26.64
N SER D 88 22.47 25.36 26.70
CA SER D 88 22.41 24.63 27.97
C SER D 88 23.33 25.24 29.00
N ARG D 89 24.54 25.65 28.59
CA ARG D 89 25.45 26.30 29.52
C ARG D 89 24.87 27.60 30.06
N LYS D 90 24.27 28.41 29.18
CA LYS D 90 23.71 29.68 29.61
C LYS D 90 22.44 29.48 30.42
N ALA D 91 21.64 28.48 30.05
CA ALA D 91 20.40 28.23 30.77
C ALA D 91 20.64 27.58 32.13
N ARG D 92 21.75 26.86 32.28
CA ARG D 92 22.05 26.21 33.55
C ARG D 92 22.76 27.12 34.53
N ARG D 93 23.08 28.35 34.13
CA ARG D 93 23.70 29.33 35.02
C ARG D 93 22.80 30.51 35.34
N GLU D 94 22.11 31.06 34.33
CA GLU D 94 21.18 32.17 34.53
C GLU D 94 19.72 31.72 34.56
N GLY D 95 19.47 30.41 34.62
CA GLY D 95 18.11 29.90 34.59
C GLY D 95 17.56 29.83 33.18
N LEU D 96 16.34 29.31 33.08
CA LEU D 96 15.69 29.20 31.77
C LEU D 96 15.46 30.56 31.15
N LEU D 97 15.21 31.58 31.96
CA LEU D 97 15.08 32.93 31.45
C LEU D 97 16.45 33.48 31.06
N SER D 98 16.46 34.75 30.63
CA SER D 98 17.65 35.42 30.10
C SER D 98 18.09 34.79 28.78
N LEU D 99 17.36 33.77 28.33
CA LEU D 99 17.57 33.15 27.03
C LEU D 99 16.79 33.84 25.94
N GLU D 100 15.96 34.83 26.28
CA GLU D 100 15.10 35.47 25.29
C GLU D 100 15.91 36.12 24.17
N ASP D 101 17.00 36.79 24.53
CA ASP D 101 17.86 37.39 23.51
C ASP D 101 18.48 36.31 22.63
N ALA D 102 18.92 35.21 23.22
CA ALA D 102 19.54 34.14 22.45
C ALA D 102 18.54 33.42 21.55
N ILE D 103 17.31 33.27 22.00
CA ILE D 103 16.29 32.54 21.24
C ILE D 103 15.44 33.47 20.38
N ASN D 104 15.85 34.74 20.22
CA ASN D 104 15.13 35.67 19.37
C ASN D 104 15.90 36.06 18.11
N ASN D 105 17.22 35.90 18.10
CA ASN D 105 18.02 36.16 16.91
C ASN D 105 18.17 34.92 16.04
N LEU D 106 17.57 33.80 16.43
CA LEU D 106 17.63 32.58 15.65
C LEU D 106 16.78 32.71 14.39
N THR D 107 17.07 31.86 13.40
CA THR D 107 16.36 31.86 12.13
C THR D 107 15.72 30.51 11.84
N ASP D 108 15.48 29.70 12.87
CA ASP D 108 14.92 28.37 12.67
C ASP D 108 13.41 28.42 12.55
N ASP D 109 12.75 29.18 13.43
CA ASP D 109 11.30 29.33 13.50
C ASP D 109 10.63 28.07 14.01
N TYR D 110 11.40 26.99 14.16
CA TYR D 110 10.95 25.79 14.84
C TYR D 110 11.67 25.57 16.15
N MET D 111 12.97 25.86 16.21
CA MET D 111 13.66 25.96 17.49
C MET D 111 13.10 27.11 18.31
N LYS D 112 12.79 28.24 17.66
CA LYS D 112 12.24 29.39 18.36
C LYS D 112 10.90 29.06 18.99
N LYS D 113 10.03 28.37 18.25
CA LYS D 113 8.70 28.06 18.75
C LYS D 113 8.77 27.17 19.98
N GLY D 114 9.59 26.11 19.93
CA GLY D 114 9.70 25.22 21.06
C GLY D 114 10.39 25.88 22.26
N LEU D 115 11.43 26.66 22.00
CA LEU D 115 12.17 27.30 23.10
C LEU D 115 11.35 28.40 23.76
N ARG D 116 10.52 29.11 22.99
CA ARG D 116 9.65 30.12 23.58
C ARG D 116 8.66 29.50 24.55
N MET D 117 8.09 28.34 24.18
CA MET D 117 7.22 27.61 25.10
C MET D 117 7.99 27.13 26.32
N VAL D 118 9.26 26.77 26.15
CA VAL D 118 10.09 26.35 27.28
C VAL D 118 10.30 27.50 28.24
N VAL D 119 10.62 28.69 27.72
CA VAL D 119 10.88 29.84 28.56
C VAL D 119 9.60 30.28 29.26
N ASP D 120 8.46 30.22 28.57
CA ASP D 120 7.20 30.64 29.18
C ASP D 120 6.80 29.74 30.34
N GLY D 121 7.17 28.46 30.29
CA GLY D 121 6.84 27.55 31.36
C GLY D 121 5.70 26.61 31.01
N ILE D 122 5.71 26.09 29.79
CA ILE D 122 4.71 25.14 29.33
C ILE D 122 5.19 23.72 29.65
N GLU D 123 4.26 22.86 30.05
CA GLU D 123 4.62 21.51 30.46
C GLU D 123 5.20 20.75 29.26
N PRO D 124 6.14 19.84 29.52
CA PRO D 124 6.78 19.10 28.41
C PRO D 124 5.80 18.30 27.56
N GLU D 125 4.73 17.76 28.16
CA GLU D 125 3.77 16.98 27.39
C GLU D 125 3.06 17.84 26.36
N THR D 126 2.66 19.06 26.75
CA THR D 126 2.06 19.98 25.79
C THR D 126 3.06 20.39 24.72
N ILE D 127 4.31 20.66 25.10
CA ILE D 127 5.33 21.06 24.14
C ILE D 127 5.60 19.92 23.16
N ARG D 128 5.72 18.69 23.67
CA ARG D 128 6.02 17.56 22.81
C ARG D 128 4.91 17.32 21.79
N GLU D 129 3.65 17.40 22.23
CA GLU D 129 2.54 17.15 21.32
C GLU D 129 2.38 18.28 20.31
N ILE D 130 2.69 19.52 20.69
CA ILE D 130 2.61 20.62 19.74
C ILE D 130 3.74 20.53 18.72
N MET D 131 4.96 20.23 19.18
CA MET D 131 6.10 20.18 18.28
C MET D 131 6.08 18.94 17.39
N GLU D 132 5.56 17.81 17.90
CA GLU D 132 5.39 16.64 17.05
C GLU D 132 4.27 16.85 16.04
N LEU D 133 3.30 17.70 16.36
CA LEU D 133 2.26 18.06 15.40
C LEU D 133 2.84 18.91 14.27
N GLU D 134 3.82 19.76 14.58
CA GLU D 134 4.50 20.52 13.54
C GLU D 134 5.22 19.60 12.57
N ILE D 135 5.87 18.55 13.08
CA ILE D 135 6.59 17.62 12.22
C ILE D 135 5.62 16.86 11.32
N ASP D 136 4.50 16.38 11.90
CA ASP D 136 3.55 15.60 11.11
C ASP D 136 2.91 16.45 10.01
N GLU D 137 2.57 17.69 10.32
CA GLU D 137 1.93 18.55 9.31
C GLU D 137 2.92 19.02 8.27
N MET D 138 4.18 19.23 8.65
CA MET D 138 5.20 19.61 7.68
C MET D 138 5.45 18.48 6.69
N GLU D 139 5.45 17.22 7.16
CA GLU D 139 5.61 16.09 6.26
C GLU D 139 4.42 15.95 5.32
N LYS D 140 3.22 16.24 5.82
CA LYS D 140 2.05 16.22 4.95
C LYS D 140 2.14 17.28 3.87
N ARG D 141 2.64 18.47 4.22
CA ARG D 141 2.83 19.52 3.23
C ARG D 141 3.87 19.11 2.18
N HIS D 142 4.97 18.51 2.63
CA HIS D 142 6.01 18.06 1.71
C HIS D 142 5.51 16.93 0.82
N LYS D 143 4.74 16.01 1.39
CA LYS D 143 4.16 14.94 0.59
C LYS D 143 3.19 15.48 -0.45
N SER D 144 2.42 16.51 -0.09
CA SER D 144 1.50 17.12 -1.04
C SER D 144 2.26 17.77 -2.19
N GLY D 145 3.38 18.44 -1.90
CA GLY D 145 4.17 19.03 -2.96
C GLY D 145 4.83 18.00 -3.85
N ALA D 146 5.35 16.92 -3.26
CA ALA D 146 5.97 15.86 -4.05
C ALA D 146 4.92 15.11 -4.87
N ASP D 147 3.74 14.89 -4.30
CA ASP D 147 2.67 14.25 -5.06
C ASP D 147 2.22 15.13 -6.22
N MET D 148 2.30 16.45 -6.07
CA MET D 148 1.94 17.35 -7.15
C MET D 148 2.94 17.26 -8.30
N LEU D 149 4.24 17.14 -7.98
CA LEU D 149 5.25 16.97 -9.02
C LEU D 149 5.08 15.63 -9.74
N LYS D 150 4.74 14.57 -9.00
CA LYS D 150 4.51 13.28 -9.63
C LYS D 150 3.24 13.28 -10.48
N THR D 151 2.23 14.04 -10.06
CA THR D 151 1.03 14.19 -10.88
C THR D 151 1.35 14.85 -12.21
N TRP D 152 2.17 15.91 -12.19
CA TRP D 152 2.61 16.54 -13.43
C TRP D 152 3.52 15.62 -14.24
N GLY D 153 4.29 14.76 -13.56
CA GLY D 153 5.13 13.80 -14.26
C GLY D 153 4.35 12.73 -15.00
N GLY D 154 3.07 12.58 -14.69
CA GLY D 154 2.20 11.68 -15.43
C GLY D 154 1.38 12.41 -16.47
N TYR D 155 1.11 13.69 -16.23
CA TYR D 155 0.28 14.46 -17.15
C TYR D 155 1.05 14.82 -18.43
N ALA D 156 2.32 15.20 -18.29
CA ALA D 156 3.08 15.66 -19.45
C ALA D 156 3.28 14.56 -20.50
N PRO D 157 3.71 13.34 -20.16
CA PRO D 157 3.74 12.29 -21.19
C PRO D 157 2.36 11.91 -21.71
N ALA D 158 1.33 12.04 -20.87
CA ALA D 158 -0.04 11.75 -21.34
C ALA D 158 -0.47 12.74 -22.41
N PHE D 159 -0.17 14.02 -22.22
CA PHE D 159 -0.47 15.03 -23.24
C PHE D 159 0.52 15.00 -24.40
N GLY D 160 1.72 14.45 -24.18
CA GLY D 160 2.61 14.21 -25.30
C GLY D 160 2.07 13.15 -26.25
N MET D 161 1.39 12.14 -25.70
CA MET D 161 0.75 11.14 -26.54
C MET D 161 -0.48 11.70 -27.24
N VAL D 162 -1.19 12.64 -26.59
CA VAL D 162 -2.31 13.32 -27.24
C VAL D 162 -1.82 14.07 -28.47
N GLY D 163 -0.68 14.77 -28.35
CA GLY D 163 -0.13 15.48 -29.49
C GLY D 163 0.33 14.56 -30.61
N THR D 164 0.70 13.32 -30.27
CA THR D 164 1.03 12.34 -31.29
C THR D 164 -0.20 11.98 -32.11
N LEU D 165 -1.32 11.71 -31.44
CA LEU D 165 -2.56 11.40 -32.14
C LEU D 165 -3.04 12.60 -32.96
N ILE D 166 -2.89 13.81 -32.41
CA ILE D 166 -3.26 15.01 -33.15
C ILE D 166 -2.42 15.13 -34.41
N GLY D 167 -1.11 14.90 -34.30
CA GLY D 167 -0.23 15.01 -35.45
C GLY D 167 -0.50 13.96 -36.51
N LEU D 168 -0.67 12.70 -36.10
CA LEU D 168 -0.94 11.63 -37.07
C LEU D 168 -2.28 11.80 -37.74
N ILE D 169 -3.32 12.19 -37.00
CA ILE D 169 -4.61 12.44 -37.60
C ILE D 169 -4.52 13.58 -38.59
N GLN D 170 -3.80 14.65 -38.23
CA GLN D 170 -3.57 15.75 -39.14
C GLN D 170 -2.81 15.29 -40.38
N MET D 171 -1.75 14.49 -40.18
CA MET D 171 -0.92 14.06 -41.30
C MET D 171 -1.70 13.18 -42.26
N LEU D 172 -2.50 12.25 -41.74
CA LEU D 172 -3.20 11.29 -42.58
C LEU D 172 -4.44 11.89 -43.25
N ALA D 173 -4.95 13.00 -42.74
CA ALA D 173 -6.13 13.63 -43.33
C ALA D 173 -5.78 14.68 -44.37
N ASN D 174 -4.50 15.03 -44.53
CA ASN D 174 -4.04 16.03 -45.48
C ASN D 174 -2.82 15.52 -46.24
N LEU D 175 -2.92 14.31 -46.76
CA LEU D 175 -1.79 13.68 -47.44
C LEU D 175 -1.44 14.35 -48.76
N THR D 176 -2.29 15.24 -49.28
CA THR D 176 -1.98 15.98 -50.49
C THR D 176 -1.33 17.33 -50.22
N ASP D 177 -1.23 17.74 -48.96
CA ASP D 177 -0.64 19.03 -48.59
C ASP D 177 0.62 18.75 -47.78
N SER D 178 1.79 19.06 -48.36
CA SER D 178 3.05 18.74 -47.69
C SER D 178 3.28 19.63 -46.48
N SER D 179 2.82 20.88 -46.51
CA SER D 179 2.99 21.76 -45.35
C SER D 179 2.20 21.26 -44.15
N THR D 180 0.96 20.79 -44.38
CA THR D 180 0.18 20.22 -43.28
C THR D 180 0.78 18.90 -42.80
N ILE D 181 1.34 18.12 -43.73
CA ILE D 181 2.04 16.89 -43.34
C ILE D 181 3.21 17.21 -42.44
N ALA D 182 4.00 18.23 -42.84
CA ALA D 182 5.17 18.62 -42.05
C ALA D 182 4.76 19.15 -40.68
N SER D 183 3.71 19.99 -40.65
CA SER D 183 3.24 20.53 -39.37
C SER D 183 2.71 19.44 -38.46
N GLY D 184 1.94 18.50 -39.01
CA GLY D 184 1.39 17.43 -38.19
C GLY D 184 2.47 16.53 -37.62
N MET D 185 3.44 16.14 -38.46
CA MET D 185 4.49 15.25 -38.00
C MET D 185 5.42 15.95 -37.01
N GLY D 186 5.68 17.24 -37.22
CA GLY D 186 6.46 17.99 -36.24
C GLY D 186 5.75 18.10 -34.90
N LYS D 187 4.42 18.27 -34.94
CA LYS D 187 3.63 18.29 -33.71
C LYS D 187 3.75 16.97 -32.95
N ALA D 188 3.57 15.86 -33.67
CA ALA D 188 3.55 14.55 -33.01
C ALA D 188 4.90 14.21 -32.40
N LEU D 189 5.99 14.51 -33.11
CA LEU D 189 7.32 14.16 -32.63
C LEU D 189 7.73 15.02 -31.44
N ILE D 190 7.43 16.31 -31.47
CA ILE D 190 7.96 17.21 -30.47
C ILE D 190 7.08 17.24 -29.22
N THR D 191 5.80 16.93 -29.34
CA THR D 191 4.95 16.81 -28.15
C THR D 191 5.43 15.69 -27.24
N THR D 192 5.82 14.56 -27.82
CA THR D 192 6.37 13.46 -27.04
C THR D 192 7.73 13.83 -26.46
N PHE D 193 8.55 14.54 -27.23
CA PHE D 193 9.86 14.96 -26.76
C PHE D 193 9.73 15.88 -25.54
N TYR D 194 8.79 16.82 -25.59
CA TYR D 194 8.57 17.71 -24.45
C TYR D 194 8.02 16.95 -23.24
N GLY D 195 7.03 16.07 -23.48
CA GLY D 195 6.43 15.36 -22.37
C GLY D 195 7.39 14.40 -21.69
N SER D 196 8.28 13.76 -22.45
CA SER D 196 9.24 12.85 -21.86
C SER D 196 10.35 13.60 -21.13
N LEU D 197 10.71 14.80 -21.61
CA LEU D 197 11.71 15.60 -20.91
C LEU D 197 11.18 16.10 -19.57
N MET D 198 9.95 16.61 -19.56
CA MET D 198 9.38 17.11 -18.31
C MET D 198 9.21 16.01 -17.28
N ALA D 199 8.74 14.84 -17.71
CA ALA D 199 8.50 13.75 -16.77
C ALA D 199 9.80 13.16 -16.25
N ASN D 200 10.73 12.84 -17.15
CA ASN D 200 11.88 12.03 -16.77
C ASN D 200 13.10 12.85 -16.36
N ALA D 201 13.21 14.10 -16.81
CA ALA D 201 14.33 14.93 -16.41
C ALA D 201 13.98 15.90 -15.29
N VAL D 202 12.70 16.22 -15.08
CA VAL D 202 12.34 17.18 -14.06
C VAL D 202 11.36 16.60 -13.05
N PHE D 203 10.14 16.30 -13.48
CA PHE D 203 9.03 16.13 -12.54
C PHE D 203 9.20 14.88 -11.69
N ASN D 204 9.42 13.73 -12.32
CA ASN D 204 9.56 12.49 -11.56
C ASN D 204 10.80 12.48 -10.66
N PRO D 205 12.01 12.82 -11.14
CA PRO D 205 13.16 12.86 -10.22
C PRO D 205 13.00 13.89 -9.11
N MET D 206 12.37 15.03 -9.38
CA MET D 206 12.38 16.11 -8.41
C MET D 206 11.41 15.82 -7.27
N GLY D 207 10.27 15.20 -7.59
CA GLY D 207 9.32 14.82 -6.56
C GLY D 207 9.87 13.77 -5.61
N ALA D 208 10.59 12.79 -6.15
CA ALA D 208 11.30 11.83 -5.29
C ALA D 208 12.38 12.51 -4.47
N ASN D 209 13.06 13.50 -5.06
CA ASN D 209 14.04 14.27 -4.31
C ASN D 209 13.40 15.02 -3.17
N LEU D 210 12.18 15.52 -3.37
CA LEU D 210 11.44 16.19 -2.30
C LEU D 210 11.19 15.25 -1.12
N MET D 211 10.90 13.99 -1.40
CA MET D 211 10.60 13.05 -0.32
C MET D 211 11.83 12.75 0.54
N PHE D 212 13.00 12.66 -0.09
CA PHE D 212 14.22 12.43 0.68
C PHE D 212 14.58 13.65 1.53
N LYS D 213 14.38 14.85 0.98
CA LYS D 213 14.65 16.07 1.75
C LYS D 213 13.65 16.23 2.89
N SER D 214 12.41 15.80 2.70
CA SER D 214 11.42 15.87 3.77
C SER D 214 11.80 14.95 4.93
N GLY D 215 12.28 13.74 4.62
CA GLY D 215 12.67 12.83 5.69
C GLY D 215 13.88 13.33 6.46
N VAL D 216 14.84 13.93 5.76
CA VAL D 216 16.01 14.49 6.44
C VAL D 216 15.59 15.65 7.33
N GLU D 217 14.71 16.51 6.83
CA GLU D 217 14.24 17.65 7.61
C GLU D 217 13.43 17.20 8.82
N ALA D 218 12.64 16.13 8.65
CA ALA D 218 11.88 15.60 9.78
C ALA D 218 12.80 15.09 10.89
N THR D 219 13.89 14.42 10.50
CA THR D 219 14.86 13.96 11.49
C THR D 219 15.52 15.13 12.21
N THR D 220 15.83 16.20 11.46
CA THR D 220 16.40 17.39 12.08
C THR D 220 15.45 18.01 13.09
N ARG D 221 14.15 18.03 12.76
CA ARG D 221 13.17 18.59 13.69
C ARG D 221 12.91 17.64 14.85
N GLU D 222 13.09 16.33 14.65
CA GLU D 222 12.91 15.38 15.74
C GLU D 222 13.97 15.56 16.82
N MET D 223 15.20 15.90 16.42
CA MET D 223 16.25 16.09 17.40
C MET D 223 16.31 17.50 17.95
N VAL D 224 15.75 18.47 17.22
CA VAL D 224 15.59 19.81 17.78
C VAL D 224 14.58 19.78 18.92
N LEU D 225 13.54 18.95 18.79
CA LEU D 225 12.58 18.78 19.87
C LEU D 225 13.24 18.19 21.11
N GLU D 226 14.12 17.22 20.93
CA GLU D 226 14.82 16.64 22.07
C GLU D 226 15.74 17.68 22.74
N GLY D 227 16.42 18.50 21.93
CA GLY D 227 17.21 19.58 22.49
C GLY D 227 16.37 20.62 23.19
N VAL D 228 15.16 20.89 22.68
CA VAL D 228 14.26 21.83 23.34
C VAL D 228 13.76 21.26 24.66
N LEU D 229 13.34 19.99 24.67
CA LEU D 229 12.80 19.40 25.88
C LEU D 229 13.88 19.19 26.93
N ALA D 230 15.13 18.96 26.52
CA ALA D 230 16.21 18.80 27.48
C ALA D 230 16.64 20.13 28.08
N ILE D 231 16.48 21.23 27.36
CA ILE D 231 16.73 22.54 27.94
C ILE D 231 15.72 22.83 29.05
N GLN D 232 14.45 22.54 28.80
CA GLN D 232 13.41 22.76 29.80
C GLN D 232 13.63 21.87 31.03
N SER D 233 13.87 20.59 30.81
CA SER D 233 14.25 19.67 31.89
C SER D 233 15.76 19.76 32.05
N GLY D 234 16.20 20.84 32.69
CA GLY D 234 17.59 21.23 32.75
C GLY D 234 18.60 20.14 33.03
N VAL D 235 19.46 19.86 32.04
CA VAL D 235 20.53 18.88 32.18
C VAL D 235 21.82 19.51 31.68
N ASN D 236 22.93 18.99 32.20
CA ASN D 236 24.24 19.52 31.84
C ASN D 236 24.56 19.21 30.37
N PRO D 237 25.38 20.04 29.71
CA PRO D 237 25.65 19.88 28.28
C PRO D 237 26.61 18.74 27.95
N ARG D 238 26.39 17.58 28.57
CA ARG D 238 27.10 16.37 28.20
C ARG D 238 26.11 15.25 27.96
N ILE D 239 24.96 15.31 28.65
CA ILE D 239 23.87 14.40 28.33
C ILE D 239 23.04 14.93 27.18
N MET D 240 23.01 16.25 26.98
CA MET D 240 22.41 16.81 25.78
C MET D 240 23.15 16.37 24.54
N GLU D 241 24.47 16.58 24.52
CA GLU D 241 25.28 16.13 23.39
C GLU D 241 25.36 14.62 23.30
N GLU D 242 24.92 13.89 24.34
CA GLU D 242 24.84 12.44 24.25
C GLU D 242 23.65 11.99 23.41
N LYS D 243 22.50 12.63 23.59
CA LYS D 243 21.30 12.21 22.87
C LYS D 243 21.13 12.92 21.54
N LEU D 244 21.67 14.13 21.39
CA LEU D 244 21.54 14.83 20.11
C LEU D 244 22.35 14.15 19.02
N VAL D 245 23.54 13.64 19.35
CA VAL D 245 24.35 12.95 18.36
C VAL D 245 23.77 11.60 17.99
N SER D 246 22.85 11.06 18.81
CA SER D 246 22.20 9.81 18.46
C SER D 246 21.31 9.96 17.23
N TYR D 247 20.79 11.16 17.00
CA TYR D 247 19.97 11.41 15.82
C TYR D 247 20.80 11.65 14.57
N LEU D 248 22.10 11.91 14.72
CA LEU D 248 22.96 12.16 13.56
C LEU D 248 23.06 10.91 12.69
N SER D 249 23.26 11.15 11.40
CA SER D 249 23.43 10.04 10.46
C SER D 249 24.76 9.34 10.74
N PRO D 250 24.88 8.06 10.39
CA PRO D 250 26.12 7.31 10.64
C PRO D 250 27.34 7.99 10.05
N PRO D 251 27.26 8.60 8.86
CA PRO D 251 28.41 9.40 8.39
C PRO D 251 28.49 10.79 9.01
N GLU D 252 27.61 11.13 9.94
CA GLU D 252 27.63 12.44 10.60
C GLU D 252 28.06 12.38 12.06
N ARG D 253 27.84 11.26 12.74
CA ARG D 253 28.18 11.17 14.15
C ARG D 253 29.68 11.32 14.37
N GLN D 254 30.50 10.68 13.53
CA GLN D 254 31.94 10.78 13.69
C GLN D 254 32.47 12.14 13.28
N ALA D 255 31.77 12.87 12.41
CA ALA D 255 32.18 14.22 12.05
C ALA D 255 32.09 15.15 13.26
N TYR D 256 31.04 15.01 14.07
CA TYR D 256 30.92 15.84 15.26
C TYR D 256 31.97 15.48 16.31
N SER D 257 32.45 14.24 16.31
CA SER D 257 33.43 13.81 17.29
C SER D 257 34.75 14.56 17.14
N LYS D 258 35.05 15.09 15.96
CA LYS D 258 36.27 15.85 15.73
C LYS D 258 36.08 17.34 15.99
N VAL D 259 34.87 17.77 16.32
CA VAL D 259 34.51 19.18 16.56
C VAL D 259 35.26 20.17 15.66
N LEU E 7 26.24 -14.28 -5.35
CA LEU E 7 25.81 -14.53 -6.72
C LEU E 7 26.95 -14.32 -7.71
N THR E 8 27.27 -15.37 -8.45
CA THR E 8 28.30 -15.26 -9.48
C THR E 8 27.77 -14.44 -10.65
N PRO E 9 28.65 -13.70 -11.35
CA PRO E 9 28.24 -12.91 -12.52
C PRO E 9 28.17 -13.72 -13.81
N ILE E 10 27.58 -14.92 -13.72
CA ILE E 10 27.40 -15.75 -14.90
C ILE E 10 26.06 -15.47 -15.57
N GLY E 11 25.07 -14.98 -14.82
CA GLY E 11 23.82 -14.58 -15.44
C GLY E 11 23.99 -13.39 -16.36
N PHE E 12 24.86 -12.45 -15.97
CA PHE E 12 25.12 -11.30 -16.83
C PHE E 12 25.79 -11.72 -18.13
N VAL E 13 26.78 -12.61 -18.04
CA VAL E 13 27.44 -13.12 -19.24
C VAL E 13 26.46 -13.91 -20.09
N LEU E 14 25.64 -14.76 -19.46
CA LEU E 14 24.63 -15.50 -20.21
C LEU E 14 23.59 -14.58 -20.82
N CYS E 15 23.13 -13.58 -20.06
CA CYS E 15 22.06 -12.71 -20.55
C CYS E 15 22.50 -11.94 -21.79
N PHE E 16 23.66 -11.27 -21.71
CA PHE E 16 24.15 -10.54 -22.86
C PHE E 16 24.62 -11.49 -23.96
N GLY E 17 25.23 -12.60 -23.58
CA GLY E 17 25.72 -13.55 -24.58
C GLY E 17 24.61 -14.21 -25.36
N LEU E 18 23.55 -14.64 -24.68
CA LEU E 18 22.45 -15.31 -25.39
C LEU E 18 21.68 -14.34 -26.26
N VAL E 19 21.49 -13.11 -25.79
CA VAL E 19 20.83 -12.09 -26.61
C VAL E 19 21.70 -11.72 -27.79
N LEU E 20 23.02 -11.58 -27.57
CA LEU E 20 23.93 -11.26 -28.67
C LEU E 20 23.95 -12.35 -29.72
N TRP E 21 23.80 -13.62 -29.30
CA TRP E 21 23.74 -14.70 -30.28
C TRP E 21 22.49 -14.58 -31.14
N GLY E 22 21.36 -14.21 -30.53
CA GLY E 22 20.15 -14.03 -31.29
C GLY E 22 20.22 -12.85 -32.26
N MET E 23 20.92 -11.78 -31.85
CA MET E 23 21.09 -10.63 -32.73
C MET E 23 21.88 -11.00 -33.98
N ALA E 24 22.92 -11.81 -33.83
CA ALA E 24 23.80 -12.18 -34.93
C ALA E 24 23.37 -13.45 -35.66
N SER E 25 22.20 -14.00 -35.32
CA SER E 25 21.82 -15.32 -35.81
C SER E 25 21.61 -15.31 -37.32
N GLY E 26 20.67 -14.51 -37.82
CA GLY E 26 20.29 -14.57 -39.21
C GLY E 26 21.26 -13.89 -40.16
N GLY E 27 22.54 -14.14 -39.99
CA GLY E 27 23.55 -13.52 -40.84
C GLY E 27 23.52 -12.01 -40.81
N SER E 28 23.29 -11.43 -39.65
CA SER E 28 23.12 -9.98 -39.51
C SER E 28 24.38 -9.38 -38.90
N ASN E 29 24.86 -8.30 -39.51
CA ASN E 29 26.05 -7.63 -39.01
C ASN E 29 25.73 -6.87 -37.73
N LEU E 30 26.58 -7.05 -36.72
CA LEU E 30 26.32 -6.51 -35.39
C LEU E 30 26.69 -5.04 -35.26
N LYS E 31 27.39 -4.46 -36.23
CA LYS E 31 27.78 -3.05 -36.12
C LYS E 31 26.59 -2.10 -36.21
N VAL E 32 25.47 -2.56 -36.75
CA VAL E 32 24.26 -1.74 -36.79
C VAL E 32 23.64 -1.57 -35.42
N PHE E 33 24.12 -2.31 -34.42
CA PHE E 33 23.63 -2.19 -33.05
C PHE E 33 24.59 -1.44 -32.14
N TRP E 34 25.74 -1.00 -32.65
CA TRP E 34 26.73 -0.30 -31.85
C TRP E 34 26.71 1.19 -32.18
N ASP E 35 26.62 2.00 -31.13
CA ASP E 35 26.68 3.45 -31.28
C ASP E 35 27.19 4.03 -29.97
N VAL E 36 28.40 4.58 -29.99
CA VAL E 36 29.02 5.09 -28.78
C VAL E 36 28.21 6.24 -28.19
N ALA E 37 27.76 7.16 -29.05
CA ALA E 37 26.96 8.28 -28.57
C ALA E 37 25.64 7.82 -27.97
N SER E 38 25.10 6.70 -28.44
CA SER E 38 23.86 6.17 -27.88
C SER E 38 24.04 5.71 -26.44
N VAL E 39 25.22 5.21 -26.09
CA VAL E 39 25.48 4.77 -24.72
C VAL E 39 25.44 5.96 -23.76
N PHE E 40 26.05 7.08 -24.14
CA PHE E 40 26.06 8.25 -23.28
C PHE E 40 24.65 8.79 -23.06
N ILE E 41 23.83 8.81 -24.11
CA ILE E 41 22.47 9.31 -23.98
C ILE E 41 21.67 8.45 -23.02
N THR E 42 21.78 7.13 -23.15
CA THR E 42 20.97 6.22 -22.35
C THR E 42 21.52 6.06 -20.94
N ILE E 43 22.78 5.61 -20.83
CA ILE E 43 23.36 5.37 -19.52
C ILE E 43 23.59 6.69 -18.78
N GLY E 44 24.19 7.66 -19.46
CA GLY E 44 24.48 8.94 -18.82
C GLY E 44 23.21 9.70 -18.47
N GLY E 45 22.23 9.70 -19.38
CA GLY E 45 21.00 10.42 -19.11
C GLY E 45 20.23 9.85 -17.93
N SER E 46 20.15 8.53 -17.84
CA SER E 46 19.44 7.91 -16.73
C SER E 46 20.24 8.00 -15.43
N MET E 47 21.58 8.01 -15.53
CA MET E 47 22.40 8.19 -14.34
C MET E 47 22.27 9.60 -13.78
N ALA E 48 22.20 10.60 -14.66
CA ALA E 48 22.01 11.97 -14.22
C ALA E 48 20.65 12.16 -13.55
N ALA E 49 19.63 11.48 -14.06
CA ALA E 49 18.33 11.51 -13.40
C ALA E 49 18.37 10.81 -12.05
N MET E 50 19.18 9.76 -11.92
CA MET E 50 19.33 9.09 -10.63
C MET E 50 20.03 10.00 -9.61
N LEU E 51 20.97 10.82 -10.08
CA LEU E 51 21.63 11.78 -9.19
C LEU E 51 20.63 12.80 -8.67
N ILE E 52 19.71 13.26 -9.53
CA ILE E 52 18.65 14.15 -9.08
C ILE E 52 17.72 13.44 -8.11
N THR E 53 17.40 12.17 -8.39
CA THR E 53 16.42 11.45 -7.59
C THR E 53 16.96 11.11 -6.21
N TYR E 54 18.23 10.68 -6.12
CA TYR E 54 18.70 10.09 -4.88
C TYR E 54 19.87 10.89 -4.29
N PRO E 55 19.93 11.00 -2.98
CA PRO E 55 21.06 11.68 -2.33
C PRO E 55 22.30 10.79 -2.30
N MET E 56 23.40 11.39 -1.86
CA MET E 56 24.70 10.71 -1.87
C MET E 56 24.68 9.49 -0.95
N ASP E 57 24.06 9.62 0.22
CA ASP E 57 24.07 8.53 1.19
C ASP E 57 23.33 7.30 0.67
N GLU E 58 22.25 7.52 -0.09
CA GLU E 58 21.52 6.40 -0.67
C GLU E 58 22.38 5.61 -1.64
N PHE E 59 23.18 6.30 -2.46
CA PHE E 59 24.09 5.61 -3.37
C PHE E 59 25.14 4.82 -2.60
N LYS E 60 25.66 5.40 -1.51
CA LYS E 60 26.64 4.68 -0.70
C LYS E 60 26.04 3.43 -0.08
N ARG E 61 24.80 3.53 0.41
CA ARG E 61 24.13 2.36 0.95
C ARG E 61 23.86 1.32 -0.14
N LEU E 62 23.51 1.78 -1.34
CA LEU E 62 23.28 0.86 -2.46
C LEU E 62 24.54 0.10 -2.82
N LEU E 63 25.69 0.78 -2.82
CA LEU E 63 26.95 0.11 -3.13
C LEU E 63 27.29 -0.94 -2.09
N ILE E 64 26.89 -0.73 -0.83
CA ILE E 64 27.22 -1.67 0.23
C ILE E 64 26.46 -2.99 0.04
N VAL E 65 25.16 -2.90 -0.21
CA VAL E 65 24.36 -4.12 -0.35
C VAL E 65 24.72 -4.85 -1.63
N ILE E 66 24.99 -4.11 -2.71
CA ILE E 66 25.36 -4.75 -3.97
C ILE E 66 26.70 -5.47 -3.83
N ARG E 67 27.65 -4.86 -3.12
CA ARG E 67 28.93 -5.52 -2.88
C ARG E 67 28.74 -6.78 -2.05
N GLN E 68 27.82 -6.75 -1.08
CA GLN E 68 27.57 -7.91 -0.25
C GLN E 68 26.98 -9.07 -1.05
N THR E 69 26.06 -8.78 -1.98
CA THR E 69 25.35 -9.83 -2.69
C THR E 69 26.23 -10.61 -3.66
N PHE E 70 27.43 -10.12 -3.96
CA PHE E 70 28.33 -10.80 -4.88
C PHE E 70 29.38 -11.65 -4.18
N LYS E 71 29.35 -11.73 -2.85
CA LYS E 71 30.23 -12.61 -2.11
C LYS E 71 29.45 -13.72 -1.41
N ASP E 72 28.49 -13.35 -0.55
CA ASP E 72 27.57 -14.29 0.09
C ASP E 72 28.31 -15.46 0.77
N ASN E 73 29.52 -15.20 1.24
CA ASN E 73 30.31 -16.23 1.92
C ASN E 73 29.95 -16.29 3.40
N GLY E 74 28.68 -16.53 3.66
CA GLY E 74 28.17 -16.54 5.02
C GLY E 74 28.07 -17.92 5.64
N MET E 75 26.92 -18.21 6.22
CA MET E 75 26.70 -19.46 6.96
C MET E 75 25.47 -20.16 6.39
N SER E 76 25.62 -21.44 6.08
CA SER E 76 24.51 -22.22 5.55
C SER E 76 23.47 -22.48 6.64
N ASN E 77 22.21 -22.61 6.20
CA ASN E 77 21.12 -22.87 7.15
C ASN E 77 21.29 -24.21 7.83
N ILE E 78 21.76 -25.22 7.08
CA ILE E 78 22.05 -26.52 7.69
C ILE E 78 23.17 -26.40 8.70
N ASP E 79 24.16 -25.53 8.43
CA ASP E 79 25.23 -25.30 9.38
C ASP E 79 24.72 -24.60 10.63
N VAL E 80 23.77 -23.68 10.48
CA VAL E 80 23.25 -22.93 11.63
C VAL E 80 22.60 -23.88 12.63
N ILE E 81 21.72 -24.76 12.15
CA ILE E 81 21.05 -25.70 13.05
C ILE E 81 22.05 -26.71 13.60
N GLN E 82 23.01 -27.13 12.77
CA GLN E 82 23.99 -28.13 13.21
C GLN E 82 24.78 -27.63 14.41
N ASN E 83 25.22 -26.37 14.37
CA ASN E 83 25.93 -25.81 15.50
C ASN E 83 25.00 -25.42 16.64
N PHE E 84 23.78 -24.99 16.34
CA PHE E 84 22.82 -24.67 17.40
C PHE E 84 22.42 -25.92 18.17
N VAL E 85 22.30 -27.06 17.48
CA VAL E 85 21.98 -28.30 18.16
C VAL E 85 23.17 -28.76 19.01
N ASP E 86 24.38 -28.61 18.48
CA ASP E 86 25.58 -28.94 19.26
C ASP E 86 25.69 -28.05 20.49
N LEU E 87 25.40 -26.75 20.34
CA LEU E 87 25.44 -25.85 21.49
C LEU E 87 24.37 -26.20 22.52
N SER E 88 23.23 -26.75 22.06
CA SER E 88 22.21 -27.19 23.00
C SER E 88 22.72 -28.31 23.89
N ARG E 89 23.46 -29.27 23.31
CA ARG E 89 23.98 -30.38 24.09
C ARG E 89 24.97 -29.91 25.14
N LYS E 90 25.88 -29.00 24.75
CA LYS E 90 26.87 -28.49 25.71
C LYS E 90 26.22 -27.62 26.76
N ALA E 91 25.23 -26.81 26.38
CA ALA E 91 24.49 -26.02 27.35
C ALA E 91 23.69 -26.89 28.31
N ARG E 92 23.45 -28.14 27.94
CA ARG E 92 22.78 -29.11 28.81
C ARG E 92 23.75 -30.00 29.55
N ARG E 93 24.82 -30.45 28.87
CA ARG E 93 25.81 -31.32 29.48
C ARG E 93 26.71 -30.58 30.46
N GLU E 94 27.15 -29.36 30.09
CA GLU E 94 28.16 -28.65 30.85
C GLU E 94 27.71 -27.27 31.32
N GLY E 95 26.43 -26.95 31.22
CA GLY E 95 25.92 -25.68 31.69
C GLY E 95 26.01 -24.58 30.66
N LEU E 96 25.29 -23.49 30.93
CA LEU E 96 25.24 -22.37 29.99
C LEU E 96 26.53 -21.54 30.04
N LEU E 97 27.14 -21.43 31.22
CA LEU E 97 28.36 -20.61 31.34
C LEU E 97 29.53 -21.16 30.55
N SER E 98 29.53 -22.47 30.27
CA SER E 98 30.60 -23.05 29.46
C SER E 98 30.54 -22.60 28.01
N LEU E 99 29.46 -21.95 27.58
CA LEU E 99 29.32 -21.47 26.21
C LEU E 99 29.99 -20.10 26.09
N GLU E 100 31.32 -20.12 26.20
CA GLU E 100 32.12 -18.93 25.98
C GLU E 100 33.21 -19.12 24.93
N ASP E 101 33.87 -20.28 24.91
CA ASP E 101 34.86 -20.54 23.88
C ASP E 101 34.20 -20.86 22.54
N ALA E 102 33.11 -21.63 22.57
CA ALA E 102 32.43 -21.99 21.32
C ALA E 102 31.79 -20.77 20.67
N ILE E 103 31.39 -19.78 21.47
CA ILE E 103 30.82 -18.55 20.90
C ILE E 103 31.86 -17.79 20.10
N ASN E 104 33.07 -17.66 20.64
CA ASN E 104 34.11 -16.85 20.02
C ASN E 104 34.85 -17.57 18.90
N ASN E 105 34.57 -18.86 18.67
CA ASN E 105 35.24 -19.61 17.62
C ASN E 105 34.44 -19.70 16.34
N LEU E 106 33.28 -19.06 16.27
CA LEU E 106 32.45 -19.04 15.06
C LEU E 106 32.51 -17.67 14.41
N THR E 107 32.16 -17.63 13.12
CA THR E 107 32.18 -16.40 12.33
C THR E 107 30.81 -16.22 11.69
N ASP E 108 29.89 -15.58 12.41
CA ASP E 108 28.56 -15.30 11.89
C ASP E 108 28.22 -13.82 12.02
N ASP E 109 28.72 -13.19 13.07
CA ASP E 109 28.53 -11.78 13.41
C ASP E 109 27.09 -11.45 13.80
N TYR E 110 26.18 -12.40 13.70
CA TYR E 110 24.81 -12.26 14.19
C TYR E 110 24.46 -13.34 15.19
N MET E 111 24.96 -14.56 14.99
CA MET E 111 24.87 -15.59 16.03
C MET E 111 25.62 -15.15 17.28
N LYS E 112 26.82 -14.60 17.11
CA LYS E 112 27.63 -14.21 18.26
C LYS E 112 26.97 -13.11 19.08
N LYS E 113 26.40 -12.11 18.41
CA LYS E 113 25.75 -11.02 19.12
C LYS E 113 24.57 -11.52 19.95
N GLY E 114 23.74 -12.37 19.36
CA GLY E 114 22.64 -12.96 20.11
C GLY E 114 23.12 -13.92 21.18
N LEU E 115 24.12 -14.75 20.86
CA LEU E 115 24.60 -15.74 21.83
C LEU E 115 25.30 -15.07 23.00
N ARG E 116 26.08 -14.01 22.74
CA ARG E 116 26.74 -13.30 23.83
C ARG E 116 25.71 -12.63 24.74
N MET E 117 24.58 -12.20 24.19
CA MET E 117 23.51 -11.68 25.03
C MET E 117 22.95 -12.76 25.93
N VAL E 118 22.84 -13.99 25.43
CA VAL E 118 22.30 -15.09 26.23
C VAL E 118 23.20 -15.37 27.43
N VAL E 119 24.52 -15.42 27.20
CA VAL E 119 25.47 -15.71 28.27
C VAL E 119 25.75 -14.51 29.14
N ASP E 120 25.12 -13.37 28.88
CA ASP E 120 25.27 -12.17 29.70
C ASP E 120 24.02 -11.84 30.50
N GLY E 121 23.03 -12.72 30.51
CA GLY E 121 21.85 -12.52 31.33
C GLY E 121 20.99 -11.36 30.90
N ILE E 122 20.35 -11.48 29.74
CA ILE E 122 19.47 -10.45 29.20
C ILE E 122 18.10 -11.07 28.93
N GLU E 123 17.06 -10.29 29.20
CA GLU E 123 15.69 -10.80 29.13
C GLU E 123 15.37 -11.30 27.73
N PRO E 124 14.63 -12.41 27.61
CA PRO E 124 14.27 -12.91 26.26
C PRO E 124 13.52 -11.89 25.42
N GLU E 125 12.64 -11.11 26.04
CA GLU E 125 11.95 -10.06 25.29
C GLU E 125 12.92 -8.98 24.84
N THR E 126 13.92 -8.66 25.66
CA THR E 126 14.93 -7.69 25.27
C THR E 126 15.76 -8.21 24.10
N ILE E 127 16.14 -9.49 24.13
CA ILE E 127 16.92 -10.07 23.04
C ILE E 127 16.10 -10.07 21.76
N ARG E 128 14.82 -10.44 21.84
CA ARG E 128 13.97 -10.42 20.67
C ARG E 128 13.82 -9.00 20.11
N GLU E 129 13.81 -8.00 20.99
CA GLU E 129 13.71 -6.62 20.53
C GLU E 129 14.94 -6.21 19.72
N ILE E 130 16.13 -6.53 20.24
CA ILE E 130 17.36 -6.13 19.56
C ILE E 130 17.55 -6.90 18.26
N MET E 131 17.35 -8.22 18.28
CA MET E 131 17.62 -9.04 17.11
C MET E 131 16.61 -8.78 15.99
N GLU E 132 15.33 -8.59 16.35
CA GLU E 132 14.33 -8.32 15.33
C GLU E 132 14.50 -6.94 14.71
N LEU E 133 14.95 -5.96 15.51
CA LEU E 133 15.22 -4.64 14.96
C LEU E 133 16.40 -4.69 13.98
N GLU E 134 17.40 -5.50 14.27
CA GLU E 134 18.52 -5.68 13.35
C GLU E 134 18.06 -6.31 12.04
N ILE E 135 17.12 -7.24 12.11
CA ILE E 135 16.57 -7.84 10.90
C ILE E 135 15.84 -6.78 10.07
N ASP E 136 15.02 -5.95 10.72
CA ASP E 136 14.30 -4.91 10.00
C ASP E 136 15.24 -3.89 9.39
N GLU E 137 16.36 -3.60 10.04
CA GLU E 137 17.35 -2.71 9.45
C GLU E 137 17.95 -3.31 8.18
N MET E 138 18.24 -4.61 8.20
CA MET E 138 18.78 -5.26 7.01
C MET E 138 17.77 -5.27 5.86
N GLU E 139 16.50 -5.55 6.16
CA GLU E 139 15.48 -5.54 5.11
C GLU E 139 15.31 -4.13 4.53
N LYS E 140 15.36 -3.11 5.38
CA LYS E 140 15.22 -1.74 4.90
C LYS E 140 16.37 -1.36 3.97
N ARG E 141 17.59 -1.78 4.32
CA ARG E 141 18.74 -1.49 3.46
C ARG E 141 18.58 -2.16 2.10
N HIS E 142 18.12 -3.40 2.07
CA HIS E 142 17.95 -4.11 0.81
C HIS E 142 16.80 -3.54 0.00
N LYS E 143 15.69 -3.20 0.68
CA LYS E 143 14.54 -2.66 -0.03
C LYS E 143 14.85 -1.32 -0.67
N SER E 144 15.56 -0.45 0.03
CA SER E 144 15.94 0.84 -0.55
C SER E 144 16.93 0.66 -1.68
N GLY E 145 17.84 -0.31 -1.56
CA GLY E 145 18.76 -0.59 -2.65
C GLY E 145 18.05 -1.15 -3.87
N ALA E 146 17.08 -2.05 -3.65
CA ALA E 146 16.31 -2.60 -4.76
C ALA E 146 15.46 -1.54 -5.42
N ASP E 147 14.88 -0.63 -4.64
CA ASP E 147 14.10 0.46 -5.21
C ASP E 147 14.95 1.36 -6.09
N MET E 148 16.19 1.62 -5.66
CA MET E 148 17.09 2.43 -6.47
C MET E 148 17.38 1.77 -7.82
N LEU E 149 17.63 0.46 -7.82
CA LEU E 149 17.89 -0.24 -9.08
C LEU E 149 16.64 -0.33 -9.94
N LYS E 150 15.48 -0.49 -9.31
CA LYS E 150 14.22 -0.50 -10.07
C LYS E 150 13.92 0.88 -10.65
N THR E 151 14.25 1.93 -9.91
CA THR E 151 14.11 3.29 -10.44
C THR E 151 15.03 3.50 -11.63
N TRP E 152 16.27 3.02 -11.54
CA TRP E 152 17.18 3.09 -12.68
C TRP E 152 16.69 2.22 -13.84
N GLY E 153 15.99 1.12 -13.53
CA GLY E 153 15.42 0.30 -14.57
C GLY E 153 14.24 0.95 -15.29
N GLY E 154 13.68 2.00 -14.72
CA GLY E 154 12.66 2.77 -15.40
C GLY E 154 13.23 3.99 -16.11
N TYR E 155 14.35 4.50 -15.59
CA TYR E 155 14.97 5.68 -16.18
C TYR E 155 15.68 5.34 -17.49
N ALA E 156 16.37 4.19 -17.54
CA ALA E 156 17.17 3.85 -18.72
C ALA E 156 16.33 3.72 -19.98
N PRO E 157 15.22 2.98 -20.00
CA PRO E 157 14.36 3.03 -21.20
C PRO E 157 13.78 4.40 -21.47
N ALA E 158 13.51 5.19 -20.43
CA ALA E 158 12.94 6.53 -20.63
C ALA E 158 13.92 7.44 -21.36
N PHE E 159 15.19 7.43 -20.95
CA PHE E 159 16.19 8.25 -21.62
C PHE E 159 16.67 7.64 -22.92
N GLY E 160 16.52 6.34 -23.10
CA GLY E 160 16.73 5.75 -24.41
C GLY E 160 15.71 6.21 -25.42
N MET E 161 14.47 6.41 -24.99
CA MET E 161 13.45 6.92 -25.90
C MET E 161 13.63 8.41 -26.18
N VAL E 162 14.17 9.15 -25.21
CA VAL E 162 14.50 10.56 -25.46
C VAL E 162 15.54 10.67 -26.56
N GLY E 163 16.56 9.81 -26.51
CA GLY E 163 17.54 9.79 -27.58
C GLY E 163 16.98 9.35 -28.92
N THR E 164 16.01 8.43 -28.90
CA THR E 164 15.35 8.04 -30.14
C THR E 164 14.55 9.20 -30.72
N LEU E 165 13.84 9.94 -29.87
CA LEU E 165 13.07 11.09 -30.34
C LEU E 165 13.99 12.17 -30.91
N ILE E 166 15.13 12.41 -30.25
CA ILE E 166 16.09 13.39 -30.77
C ILE E 166 16.58 12.96 -32.15
N GLY E 167 16.91 11.67 -32.30
CA GLY E 167 17.34 11.19 -33.60
C GLY E 167 16.27 11.28 -34.67
N LEU E 168 15.02 10.98 -34.30
CA LEU E 168 13.92 11.10 -35.26
C LEU E 168 13.68 12.54 -35.66
N ILE E 169 13.76 13.47 -34.71
CA ILE E 169 13.56 14.88 -35.00
C ILE E 169 14.70 15.40 -35.89
N GLN E 170 15.93 14.99 -35.61
CA GLN E 170 17.06 15.47 -36.41
C GLN E 170 17.03 14.90 -37.83
N MET E 171 16.73 13.61 -37.97
CA MET E 171 16.67 13.01 -39.30
C MET E 171 15.57 13.65 -40.14
N LEU E 172 14.42 13.90 -39.51
CA LEU E 172 13.29 14.50 -40.21
C LEU E 172 13.56 15.93 -40.65
N ALA E 173 14.47 16.63 -39.96
CA ALA E 173 14.83 17.98 -40.37
C ALA E 173 15.72 18.01 -41.61
N ASN E 174 16.35 16.89 -41.95
CA ASN E 174 17.29 16.83 -43.08
C ASN E 174 17.08 15.54 -43.88
N LEU E 175 15.83 15.23 -44.25
CA LEU E 175 15.56 13.97 -44.91
C LEU E 175 16.29 13.82 -46.25
N THR E 176 15.84 14.60 -47.25
CA THR E 176 16.55 14.81 -48.51
C THR E 176 16.91 13.55 -49.30
N ASP E 177 16.49 12.36 -48.86
CA ASP E 177 16.97 11.21 -49.62
C ASP E 177 15.90 10.20 -49.98
N SER E 178 14.96 9.92 -49.09
CA SER E 178 13.95 8.87 -49.17
C SER E 178 14.53 7.46 -49.13
N SER E 179 15.85 7.31 -49.12
CA SER E 179 16.49 6.01 -49.03
C SER E 179 17.33 5.85 -47.77
N THR E 180 17.58 6.92 -47.03
CA THR E 180 18.28 6.87 -45.75
C THR E 180 17.32 6.96 -44.57
N ILE E 181 16.01 6.97 -44.81
CA ILE E 181 15.05 7.08 -43.72
C ILE E 181 15.09 5.84 -42.86
N ALA E 182 15.03 4.65 -43.47
CA ALA E 182 15.01 3.42 -42.72
C ALA E 182 16.28 3.25 -41.90
N SER E 183 17.43 3.54 -42.52
CA SER E 183 18.70 3.48 -41.79
C SER E 183 18.74 4.52 -40.67
N GLY E 184 18.19 5.70 -40.93
CA GLY E 184 18.14 6.72 -39.89
C GLY E 184 17.22 6.34 -38.74
N MET E 185 16.06 5.76 -39.06
CA MET E 185 15.16 5.28 -38.02
C MET E 185 15.77 4.14 -37.22
N GLY E 186 16.44 3.22 -37.90
CA GLY E 186 17.12 2.15 -37.20
C GLY E 186 18.23 2.66 -36.30
N LYS E 187 18.97 3.67 -36.77
CA LYS E 187 20.02 4.26 -35.95
C LYS E 187 19.42 4.96 -34.72
N ALA E 188 18.30 5.66 -34.90
CA ALA E 188 17.68 6.35 -33.77
C ALA E 188 17.12 5.36 -32.75
N LEU E 189 16.69 4.18 -33.20
CA LEU E 189 16.12 3.17 -32.32
C LEU E 189 17.15 2.51 -31.41
N ILE E 190 18.44 2.76 -31.63
CA ILE E 190 19.48 2.08 -30.87
C ILE E 190 19.44 2.49 -29.40
N THR E 191 19.16 3.77 -29.12
CA THR E 191 19.11 4.24 -27.74
C THR E 191 17.99 3.54 -26.97
N THR E 192 16.83 3.36 -27.58
CA THR E 192 15.74 2.65 -26.93
C THR E 192 16.12 1.19 -26.68
N PHE E 193 16.80 0.56 -27.63
CA PHE E 193 17.28 -0.81 -27.44
C PHE E 193 18.28 -0.89 -26.29
N TYR E 194 19.17 0.10 -26.19
CA TYR E 194 20.11 0.13 -25.06
C TYR E 194 19.38 0.28 -23.74
N GLY E 195 18.37 1.15 -23.69
CA GLY E 195 17.63 1.34 -22.45
C GLY E 195 16.87 0.11 -22.01
N SER E 196 16.22 -0.57 -22.96
CA SER E 196 15.50 -1.80 -22.64
C SER E 196 16.47 -2.90 -22.23
N LEU E 197 17.60 -3.02 -22.92
CA LEU E 197 18.56 -4.06 -22.60
C LEU E 197 19.16 -3.85 -21.21
N MET E 198 19.51 -2.61 -20.86
CA MET E 198 20.09 -2.35 -19.55
C MET E 198 19.07 -2.53 -18.44
N ALA E 199 17.80 -2.18 -18.71
CA ALA E 199 16.75 -2.37 -17.72
C ALA E 199 16.50 -3.84 -17.46
N ASN E 200 16.33 -4.62 -18.53
CA ASN E 200 15.88 -6.00 -18.41
C ASN E 200 17.02 -6.97 -18.11
N ALA E 201 18.26 -6.64 -18.47
CA ALA E 201 19.38 -7.54 -18.23
C ALA E 201 20.25 -7.13 -17.05
N VAL E 202 20.15 -5.89 -16.58
CA VAL E 202 21.00 -5.44 -15.49
C VAL E 202 20.17 -4.92 -14.32
N PHE E 203 19.39 -3.86 -14.55
CA PHE E 203 18.82 -3.10 -13.45
C PHE E 203 17.69 -3.86 -12.76
N ASN E 204 16.66 -4.25 -13.52
CA ASN E 204 15.54 -4.96 -12.92
C ASN E 204 15.92 -6.31 -12.33
N PRO E 205 16.67 -7.18 -13.00
CA PRO E 205 17.08 -8.43 -12.35
C PRO E 205 17.96 -8.23 -11.12
N MET E 206 18.78 -7.18 -11.09
CA MET E 206 19.60 -6.92 -9.90
C MET E 206 18.74 -6.40 -8.75
N GLY E 207 17.73 -5.58 -9.05
CA GLY E 207 16.83 -5.13 -8.01
C GLY E 207 16.03 -6.27 -7.42
N ALA E 208 15.55 -7.18 -8.26
CA ALA E 208 14.88 -8.38 -7.77
C ALA E 208 15.85 -9.29 -7.03
N ASN E 209 17.12 -9.29 -7.42
CA ASN E 209 18.13 -10.07 -6.71
C ASN E 209 18.29 -9.57 -5.27
N LEU E 210 18.32 -8.25 -5.07
CA LEU E 210 18.44 -7.71 -3.72
C LEU E 210 17.21 -8.04 -2.88
N MET E 211 16.02 -7.98 -3.49
CA MET E 211 14.80 -8.32 -2.76
C MET E 211 14.79 -9.78 -2.36
N PHE E 212 15.22 -10.66 -3.26
CA PHE E 212 15.27 -12.08 -2.93
C PHE E 212 16.32 -12.37 -1.87
N LYS E 213 17.49 -11.71 -1.96
CA LYS E 213 18.53 -11.91 -0.98
C LYS E 213 18.10 -11.43 0.40
N SER E 214 17.28 -10.37 0.45
CA SER E 214 16.77 -9.90 1.73
C SER E 214 15.91 -10.95 2.41
N GLY E 215 15.04 -11.61 1.66
CA GLY E 215 14.20 -12.64 2.24
C GLY E 215 14.98 -13.85 2.72
N VAL E 216 16.01 -14.23 1.98
CA VAL E 216 16.85 -15.36 2.37
C VAL E 216 17.58 -15.05 3.67
N GLU E 217 18.14 -13.84 3.77
CA GLU E 217 18.85 -13.45 5.00
C GLU E 217 17.88 -13.25 6.16
N ALA E 218 16.67 -12.77 5.88
CA ALA E 218 15.68 -12.61 6.94
C ALA E 218 15.29 -13.97 7.52
N THR E 219 15.15 -14.98 6.67
CA THR E 219 14.85 -16.33 7.16
C THR E 219 16.01 -16.88 8.00
N THR E 220 17.25 -16.67 7.54
CA THR E 220 18.41 -17.15 8.29
C THR E 220 18.52 -16.44 9.64
N ARG E 221 18.23 -15.15 9.67
CA ARG E 221 18.32 -14.40 10.93
C ARG E 221 17.17 -14.75 11.87
N GLU E 222 15.97 -15.01 11.32
CA GLU E 222 14.87 -15.48 12.15
C GLU E 222 15.17 -16.87 12.71
N MET E 223 15.84 -17.71 11.91
CA MET E 223 16.26 -19.02 12.39
C MET E 223 17.26 -18.89 13.53
N VAL E 224 18.22 -17.96 13.40
CA VAL E 224 19.22 -17.76 14.45
C VAL E 224 18.57 -17.22 15.72
N LEU E 225 17.61 -16.30 15.56
CA LEU E 225 16.93 -15.76 16.73
C LEU E 225 16.17 -16.85 17.48
N GLU E 226 15.52 -17.76 16.75
CA GLU E 226 14.84 -18.87 17.40
C GLU E 226 15.84 -19.78 18.12
N GLY E 227 16.99 -20.05 17.50
CA GLY E 227 18.00 -20.87 18.15
C GLY E 227 18.61 -20.18 19.35
N VAL E 228 18.81 -18.86 19.27
CA VAL E 228 19.39 -18.11 20.37
C VAL E 228 18.46 -18.13 21.58
N LEU E 229 17.16 -17.92 21.35
CA LEU E 229 16.20 -17.97 22.44
C LEU E 229 16.05 -19.38 22.99
N ALA E 230 16.21 -20.40 22.13
CA ALA E 230 16.12 -21.78 22.60
C ALA E 230 17.29 -22.13 23.52
N ILE E 231 18.48 -21.63 23.22
CA ILE E 231 19.64 -21.87 24.07
C ILE E 231 19.45 -21.18 25.42
N GLN E 232 18.87 -19.98 25.41
CA GLN E 232 18.66 -19.24 26.65
C GLN E 232 17.72 -19.98 27.58
N SER E 233 16.66 -20.57 27.04
CA SER E 233 15.69 -21.32 27.84
C SER E 233 16.11 -22.76 28.11
N GLY E 234 17.24 -23.19 27.56
CA GLY E 234 17.74 -24.53 27.82
C GLY E 234 16.84 -25.64 27.33
N VAL E 235 16.32 -25.50 26.11
CA VAL E 235 15.45 -26.54 25.56
C VAL E 235 16.25 -27.82 25.30
N ASN E 236 15.52 -28.92 25.15
CA ASN E 236 16.14 -30.18 24.81
C ASN E 236 16.80 -30.07 23.45
N PRO E 237 17.97 -30.69 23.24
CA PRO E 237 18.55 -30.69 21.89
C PRO E 237 17.63 -31.27 20.83
N ARG E 238 16.74 -32.19 21.21
CA ARG E 238 15.73 -32.65 20.26
C ARG E 238 14.69 -31.58 19.97
N ILE E 239 14.36 -30.75 20.97
CA ILE E 239 13.32 -29.74 20.78
C ILE E 239 13.80 -28.67 19.80
N MET E 240 15.02 -28.16 19.99
CA MET E 240 15.52 -27.13 19.09
C MET E 240 15.80 -27.68 17.70
N GLU E 241 16.19 -28.96 17.61
CA GLU E 241 16.42 -29.56 16.29
C GLU E 241 15.16 -29.51 15.45
N GLU E 242 14.05 -30.02 15.98
CA GLU E 242 12.81 -30.03 15.21
C GLU E 242 12.20 -28.64 15.10
N LYS E 243 12.55 -27.73 16.00
CA LYS E 243 12.10 -26.35 15.84
C LYS E 243 12.88 -25.65 14.73
N LEU E 244 14.16 -25.96 14.58
CA LEU E 244 14.97 -25.36 13.53
C LEU E 244 14.89 -26.10 12.21
N VAL E 245 14.56 -27.40 12.24
CA VAL E 245 14.32 -28.13 11.00
C VAL E 245 13.14 -27.51 10.24
N SER E 246 12.20 -26.90 10.96
CA SER E 246 11.11 -26.21 10.30
C SER E 246 11.55 -24.83 9.83
N TYR E 247 12.73 -24.78 9.20
CA TYR E 247 13.20 -23.63 8.47
C TYR E 247 13.89 -24.06 7.19
N LEU E 248 14.00 -25.35 6.93
CA LEU E 248 14.73 -25.90 5.79
C LEU E 248 13.76 -26.44 4.76
N SER E 249 14.16 -26.35 3.49
CA SER E 249 13.42 -26.97 2.43
C SER E 249 13.56 -28.49 2.54
N PRO E 250 12.62 -29.25 1.97
CA PRO E 250 12.72 -30.71 1.99
C PRO E 250 14.02 -31.21 1.39
N PRO E 251 14.57 -30.56 0.34
CA PRO E 251 15.95 -30.90 -0.04
C PRO E 251 16.97 -30.70 1.06
N GLU E 252 16.81 -29.65 1.87
CA GLU E 252 17.74 -29.42 2.97
C GLU E 252 17.54 -30.37 4.13
N ARG E 253 16.29 -30.81 4.36
CA ARG E 253 16.01 -31.69 5.49
C ARG E 253 16.62 -33.07 5.26
N GLN E 254 16.56 -33.58 4.03
CA GLN E 254 17.17 -34.87 3.74
C GLN E 254 18.69 -34.78 3.75
N ALA E 255 19.24 -33.62 3.38
CA ALA E 255 20.69 -33.43 3.44
C ALA E 255 21.16 -33.30 4.89
N TYR E 256 20.36 -32.68 5.74
CA TYR E 256 20.74 -32.52 7.14
C TYR E 256 20.66 -33.84 7.90
N SER E 257 19.66 -34.66 7.60
CA SER E 257 19.51 -35.93 8.30
C SER E 257 20.61 -36.92 7.90
N LYS E 258 21.02 -36.90 6.63
CA LYS E 258 22.06 -37.80 6.18
C LYS E 258 23.44 -37.43 6.71
N VAL E 259 23.59 -36.24 7.30
CA VAL E 259 24.85 -35.83 7.89
C VAL E 259 24.75 -35.82 9.40
N LYS F 3 -11.44 -34.16 -4.80
CA LYS F 3 -10.40 -35.15 -4.54
C LYS F 3 -9.17 -34.91 -5.42
N ARG F 4 -9.31 -35.18 -6.71
CA ARG F 4 -8.21 -35.07 -7.66
C ARG F 4 -8.28 -33.74 -8.38
N ASP F 5 -7.15 -33.05 -8.46
CA ASP F 5 -7.05 -31.79 -9.18
C ASP F 5 -6.95 -32.08 -10.68
N ILE F 6 -7.99 -31.71 -11.42
CA ILE F 6 -8.05 -32.03 -12.85
C ILE F 6 -8.22 -30.75 -13.66
N LEU F 7 -8.37 -29.62 -12.99
CA LEU F 7 -8.60 -28.36 -13.70
C LEU F 7 -7.34 -27.90 -14.44
N THR F 8 -6.19 -27.93 -13.77
CA THR F 8 -4.98 -27.41 -14.41
C THR F 8 -4.42 -28.34 -15.50
N PRO F 9 -4.53 -29.67 -15.43
CA PRO F 9 -4.15 -30.46 -16.61
C PRO F 9 -5.11 -30.24 -17.77
N ILE F 10 -6.39 -30.08 -17.48
CA ILE F 10 -7.36 -29.73 -18.52
C ILE F 10 -7.02 -28.37 -19.11
N GLY F 11 -6.68 -27.40 -18.26
CA GLY F 11 -6.33 -26.09 -18.75
C GLY F 11 -5.09 -26.10 -19.62
N PHE F 12 -4.06 -26.85 -19.22
CA PHE F 12 -2.83 -26.92 -20.01
C PHE F 12 -3.09 -27.59 -21.36
N VAL F 13 -3.86 -28.68 -21.37
CA VAL F 13 -4.19 -29.35 -22.63
C VAL F 13 -5.02 -28.44 -23.51
N LEU F 14 -6.00 -27.76 -22.93
CA LEU F 14 -6.84 -26.86 -23.72
C LEU F 14 -6.05 -25.63 -24.18
N CYS F 15 -5.21 -25.07 -23.32
CA CYS F 15 -4.50 -23.84 -23.66
C CYS F 15 -3.50 -24.08 -24.78
N PHE F 16 -2.64 -25.08 -24.63
CA PHE F 16 -1.64 -25.36 -25.66
C PHE F 16 -2.22 -26.15 -26.82
N GLY F 17 -3.31 -26.89 -26.62
CA GLY F 17 -3.99 -27.51 -27.74
C GLY F 17 -4.65 -26.50 -28.65
N LEU F 18 -5.27 -25.47 -28.07
CA LEU F 18 -5.91 -24.43 -28.88
C LEU F 18 -4.87 -23.57 -29.60
N VAL F 19 -3.76 -23.26 -28.94
CA VAL F 19 -2.71 -22.50 -29.59
C VAL F 19 -2.09 -23.31 -30.72
N LEU F 20 -1.84 -24.60 -30.48
CA LEU F 20 -1.33 -25.47 -31.54
C LEU F 20 -2.35 -25.60 -32.66
N TRP F 21 -3.63 -25.70 -32.33
CA TRP F 21 -4.66 -25.78 -33.34
C TRP F 21 -4.70 -24.52 -34.21
N GLY F 22 -4.56 -23.36 -33.58
CA GLY F 22 -4.48 -22.13 -34.35
C GLY F 22 -3.22 -22.04 -35.20
N MET F 23 -2.11 -22.57 -34.67
CA MET F 23 -0.85 -22.54 -35.42
C MET F 23 -0.93 -23.38 -36.69
N ALA F 24 -1.61 -24.52 -36.63
CA ALA F 24 -1.77 -25.41 -37.77
C ALA F 24 -3.12 -25.24 -38.47
N SER F 25 -3.85 -24.17 -38.17
CA SER F 25 -5.21 -24.02 -38.69
C SER F 25 -5.21 -23.90 -40.20
N GLY F 26 -4.26 -23.14 -40.76
CA GLY F 26 -4.23 -22.92 -42.19
C GLY F 26 -3.53 -23.99 -43.00
N GLY F 27 -3.26 -25.15 -42.41
CA GLY F 27 -2.48 -26.16 -43.10
C GLY F 27 -1.04 -25.75 -43.35
N SER F 28 -0.46 -24.97 -42.44
CA SER F 28 0.91 -24.49 -42.58
C SER F 28 1.84 -25.31 -41.70
N ASN F 29 3.13 -25.27 -42.05
CA ASN F 29 4.13 -25.99 -41.28
C ASN F 29 4.34 -25.34 -39.93
N LEU F 30 4.40 -26.16 -38.88
CA LEU F 30 4.69 -25.66 -37.55
C LEU F 30 6.12 -25.16 -37.40
N LYS F 31 6.98 -25.45 -38.39
CA LYS F 31 8.35 -24.97 -38.36
C LYS F 31 8.44 -23.44 -38.47
N VAL F 32 7.41 -22.80 -39.02
CA VAL F 32 7.44 -21.34 -39.17
C VAL F 32 7.37 -20.65 -37.82
N PHE F 33 6.87 -21.31 -36.79
CA PHE F 33 6.81 -20.76 -35.44
C PHE F 33 8.07 -21.05 -34.64
N TRP F 34 9.05 -21.73 -35.23
CA TRP F 34 10.30 -22.04 -34.57
C TRP F 34 11.44 -21.33 -35.27
N ASP F 35 12.22 -20.56 -34.52
CA ASP F 35 13.51 -20.07 -34.98
C ASP F 35 14.39 -19.87 -33.76
N VAL F 36 15.66 -20.27 -33.88
CA VAL F 36 16.55 -20.30 -32.73
C VAL F 36 16.87 -18.90 -32.23
N ALA F 37 16.88 -17.90 -33.13
CA ALA F 37 17.19 -16.54 -32.71
C ALA F 37 16.18 -16.02 -31.70
N SER F 38 14.89 -16.29 -31.94
CA SER F 38 13.87 -15.86 -30.98
C SER F 38 13.92 -16.69 -29.70
N VAL F 39 14.25 -17.97 -29.80
CA VAL F 39 14.44 -18.79 -28.61
C VAL F 39 15.59 -18.23 -27.77
N PHE F 40 16.68 -17.86 -28.42
CA PHE F 40 17.87 -17.38 -27.72
C PHE F 40 17.61 -16.02 -27.07
N ILE F 41 16.79 -15.18 -27.69
CA ILE F 41 16.54 -13.85 -27.16
C ILE F 41 15.52 -13.88 -26.03
N THR F 42 14.36 -14.48 -26.27
CA THR F 42 13.28 -14.43 -25.28
C THR F 42 13.44 -15.49 -24.21
N ILE F 43 13.48 -16.77 -24.61
CA ILE F 43 13.62 -17.84 -23.64
C ILE F 43 14.99 -17.82 -23.00
N GLY F 44 16.04 -17.68 -23.81
CA GLY F 44 17.38 -17.64 -23.28
C GLY F 44 17.65 -16.39 -22.45
N GLY F 45 17.20 -15.23 -22.95
CA GLY F 45 17.45 -13.99 -22.24
C GLY F 45 16.72 -13.91 -20.91
N SER F 46 15.44 -14.30 -20.89
CA SER F 46 14.67 -14.23 -19.65
C SER F 46 15.16 -15.27 -18.64
N MET F 47 15.55 -16.46 -19.11
CA MET F 47 16.09 -17.46 -18.21
C MET F 47 17.42 -17.03 -17.61
N ALA F 48 18.27 -16.38 -18.41
CA ALA F 48 19.54 -15.87 -17.90
C ALA F 48 19.32 -14.69 -16.96
N ALA F 49 18.28 -13.88 -17.20
CA ALA F 49 17.93 -12.84 -16.25
C ALA F 49 17.42 -13.44 -14.94
N MET F 50 16.74 -14.59 -15.02
CA MET F 50 16.33 -15.28 -13.80
C MET F 50 17.53 -15.77 -13.00
N LEU F 51 18.63 -16.11 -13.67
CA LEU F 51 19.84 -16.51 -12.97
C LEU F 51 20.56 -15.34 -12.30
N ILE F 52 20.34 -14.11 -12.79
CA ILE F 52 20.83 -12.94 -12.08
C ILE F 52 20.04 -12.72 -10.79
N THR F 53 18.72 -12.85 -10.87
CA THR F 53 17.88 -12.67 -9.68
C THR F 53 18.10 -13.80 -8.68
N TYR F 54 18.11 -15.04 -9.16
CA TYR F 54 18.17 -16.20 -8.28
C TYR F 54 19.47 -16.95 -8.53
N PRO F 55 20.30 -17.16 -7.51
CA PRO F 55 21.48 -18.02 -7.68
C PRO F 55 21.07 -19.45 -8.00
N MET F 56 21.95 -20.15 -8.72
CA MET F 56 21.62 -21.49 -9.20
C MET F 56 21.25 -22.42 -8.06
N ASP F 57 21.94 -22.32 -6.92
CA ASP F 57 21.61 -23.14 -5.77
C ASP F 57 20.18 -22.85 -5.28
N GLU F 58 19.83 -21.57 -5.18
CA GLU F 58 18.48 -21.20 -4.76
C GLU F 58 17.47 -21.37 -5.88
N PHE F 59 17.88 -21.15 -7.13
CA PHE F 59 16.96 -21.34 -8.25
C PHE F 59 16.55 -22.80 -8.39
N LYS F 60 17.51 -23.72 -8.27
CA LYS F 60 17.18 -25.14 -8.29
C LYS F 60 16.35 -25.53 -7.07
N ARG F 61 16.64 -24.92 -5.91
CA ARG F 61 15.88 -25.22 -4.70
C ARG F 61 14.42 -24.82 -4.86
N LEU F 62 14.17 -23.65 -5.45
CA LEU F 62 12.80 -23.22 -5.66
C LEU F 62 12.11 -24.05 -6.73
N LEU F 63 12.86 -24.59 -7.68
CA LEU F 63 12.28 -25.46 -8.70
C LEU F 63 11.75 -26.75 -8.07
N ILE F 64 12.48 -27.31 -7.10
CA ILE F 64 12.02 -28.52 -6.42
C ILE F 64 10.79 -28.22 -5.59
N VAL F 65 10.74 -27.05 -4.95
CA VAL F 65 9.57 -26.65 -4.18
C VAL F 65 8.36 -26.55 -5.09
N ILE F 66 8.53 -25.96 -6.27
CA ILE F 66 7.44 -25.88 -7.24
C ILE F 66 7.03 -27.28 -7.68
N ARG F 67 8.00 -28.13 -8.00
CA ARG F 67 7.69 -29.48 -8.48
C ARG F 67 7.02 -30.30 -7.39
N GLN F 68 7.47 -30.17 -6.14
CA GLN F 68 6.88 -30.95 -5.07
C GLN F 68 5.45 -30.51 -4.76
N THR F 69 5.15 -29.22 -4.94
CA THR F 69 3.81 -28.73 -4.63
C THR F 69 2.76 -29.29 -5.58
N PHE F 70 3.13 -29.55 -6.84
CA PHE F 70 2.19 -30.05 -7.82
C PHE F 70 2.24 -31.56 -7.98
N LYS F 71 3.05 -32.24 -7.17
CA LYS F 71 3.13 -33.70 -7.15
C LYS F 71 2.41 -34.28 -5.93
N ASP F 72 1.28 -33.69 -5.56
CA ASP F 72 0.56 -34.11 -4.35
C ASP F 72 -0.02 -35.51 -4.56
N ASN F 73 0.53 -36.50 -3.85
CA ASN F 73 0.02 -37.86 -3.88
C ASN F 73 -0.45 -38.32 -2.50
N GLY F 74 -0.57 -37.40 -1.55
CA GLY F 74 -0.95 -37.77 -0.20
C GLY F 74 -2.42 -38.08 -0.03
N MET F 75 -2.76 -38.61 1.13
CA MET F 75 -4.14 -38.96 1.44
C MET F 75 -4.99 -37.72 1.66
N SER F 76 -6.26 -37.83 1.30
CA SER F 76 -7.16 -36.68 1.29
C SER F 76 -7.51 -36.25 2.71
N ASN F 77 -8.15 -35.09 2.80
CA ASN F 77 -8.51 -34.52 4.10
C ASN F 77 -9.43 -35.44 4.88
N ILE F 78 -10.37 -36.10 4.19
CA ILE F 78 -11.24 -37.06 4.85
C ILE F 78 -10.43 -38.22 5.40
N ASP F 79 -9.47 -38.72 4.62
CA ASP F 79 -8.66 -39.85 5.06
C ASP F 79 -7.82 -39.50 6.28
N VAL F 80 -7.35 -38.25 6.39
CA VAL F 80 -6.62 -37.84 7.58
C VAL F 80 -7.53 -37.89 8.80
N ILE F 81 -8.76 -37.38 8.65
CA ILE F 81 -9.71 -37.38 9.77
C ILE F 81 -10.05 -38.81 10.17
N GLN F 82 -10.28 -39.69 9.19
CA GLN F 82 -10.55 -41.08 9.51
C GLN F 82 -9.33 -41.78 10.09
N ASN F 83 -8.12 -41.27 9.81
CA ASN F 83 -6.92 -41.82 10.43
C ASN F 83 -6.75 -41.34 11.87
N PHE F 84 -7.18 -40.11 12.16
CA PHE F 84 -7.04 -39.59 13.52
C PHE F 84 -8.03 -40.24 14.48
N VAL F 85 -9.26 -40.47 14.04
CA VAL F 85 -10.23 -41.16 14.88
C VAL F 85 -9.83 -42.60 15.11
N ASP F 86 -9.22 -43.24 14.11
CA ASP F 86 -8.66 -44.57 14.30
C ASP F 86 -7.53 -44.54 15.32
N LEU F 87 -6.65 -43.53 15.23
CA LEU F 87 -5.57 -43.40 16.20
C LEU F 87 -6.11 -43.07 17.58
N SER F 88 -7.11 -42.20 17.67
CA SER F 88 -7.69 -41.83 18.95
C SER F 88 -8.37 -43.03 19.61
N ARG F 89 -8.98 -43.91 18.82
CA ARG F 89 -9.58 -45.12 19.37
C ARG F 89 -8.52 -46.01 20.03
N LYS F 90 -7.38 -46.19 19.37
CA LYS F 90 -6.32 -47.01 19.93
C LYS F 90 -5.60 -46.30 21.06
N ALA F 91 -5.61 -44.96 21.06
CA ALA F 91 -4.93 -44.21 22.11
C ALA F 91 -5.57 -44.44 23.46
N ARG F 92 -6.90 -44.42 23.52
CA ARG F 92 -7.62 -44.57 24.78
C ARG F 92 -7.84 -46.03 25.16
N ARG F 93 -7.44 -46.98 24.32
CA ARG F 93 -7.59 -48.40 24.61
C ARG F 93 -6.29 -49.07 25.00
N GLU F 94 -5.20 -48.75 24.33
CA GLU F 94 -3.89 -49.34 24.62
C GLU F 94 -2.86 -48.35 25.12
N GLY F 95 -3.18 -47.06 25.15
CA GLY F 95 -2.24 -46.06 25.60
C GLY F 95 -1.61 -45.30 24.45
N LEU F 96 -1.00 -44.16 24.79
CA LEU F 96 -0.36 -43.32 23.77
C LEU F 96 0.89 -44.00 23.19
N LEU F 97 1.60 -44.78 24.01
CA LEU F 97 2.81 -45.44 23.54
C LEU F 97 2.52 -46.52 22.51
N SER F 98 1.28 -47.03 22.46
CA SER F 98 0.90 -48.06 21.51
C SER F 98 0.83 -47.55 20.08
N LEU F 99 0.82 -46.23 19.87
CA LEU F 99 0.76 -45.66 18.53
C LEU F 99 2.11 -45.59 17.84
N GLU F 100 3.18 -46.02 18.51
CA GLU F 100 4.52 -45.92 17.94
C GLU F 100 4.62 -46.69 16.62
N ASP F 101 4.04 -47.88 16.57
CA ASP F 101 4.07 -48.65 15.33
C ASP F 101 3.17 -48.03 14.26
N ALA F 102 1.99 -47.54 14.65
CA ALA F 102 1.07 -46.95 13.69
C ALA F 102 1.62 -45.65 13.13
N ILE F 103 2.28 -44.84 13.96
CA ILE F 103 2.78 -43.55 13.51
C ILE F 103 3.89 -43.73 12.49
N ASN F 104 4.80 -44.68 12.72
CA ASN F 104 5.93 -44.88 11.82
C ASN F 104 5.49 -45.38 10.45
N ASN F 105 4.26 -45.87 10.31
CA ASN F 105 3.73 -46.32 9.03
C ASN F 105 3.00 -45.22 8.28
N LEU F 106 2.92 -44.01 8.83
CA LEU F 106 2.25 -42.92 8.16
C LEU F 106 3.10 -42.38 7.02
N THR F 107 2.43 -41.75 6.06
CA THR F 107 3.11 -41.14 4.91
C THR F 107 3.28 -39.64 5.04
N ASP F 108 2.44 -38.96 5.82
CA ASP F 108 2.52 -37.52 6.00
C ASP F 108 3.62 -37.22 7.02
N ASP F 109 4.70 -36.57 6.56
CA ASP F 109 5.80 -36.24 7.45
C ASP F 109 5.38 -35.22 8.50
N TYR F 110 4.49 -34.30 8.15
CA TYR F 110 4.00 -33.33 9.12
C TYR F 110 3.21 -34.02 10.22
N MET F 111 2.38 -35.00 9.87
CA MET F 111 1.60 -35.73 10.86
C MET F 111 2.49 -36.52 11.82
N LYS F 112 3.49 -37.21 11.28
CA LYS F 112 4.39 -37.99 12.14
C LYS F 112 5.18 -37.09 13.08
N LYS F 113 5.61 -35.93 12.60
CA LYS F 113 6.40 -35.03 13.43
C LYS F 113 5.63 -34.57 14.65
N GLY F 114 4.36 -34.18 14.45
CA GLY F 114 3.53 -33.79 15.59
C GLY F 114 3.18 -34.96 16.49
N LEU F 115 2.93 -36.13 15.90
CA LEU F 115 2.53 -37.28 16.70
C LEU F 115 3.67 -37.83 17.52
N ARG F 116 4.88 -37.83 16.95
CA ARG F 116 6.05 -38.32 17.71
C ARG F 116 6.33 -37.46 18.92
N MET F 117 6.15 -36.13 18.80
CA MET F 117 6.30 -35.25 19.94
C MET F 117 5.26 -35.56 21.01
N VAL F 118 4.03 -35.89 20.59
CA VAL F 118 2.98 -36.23 21.55
C VAL F 118 3.33 -37.51 22.30
N VAL F 119 3.83 -38.52 21.58
CA VAL F 119 4.18 -39.79 22.22
C VAL F 119 5.30 -39.59 23.23
N ASP F 120 6.30 -38.77 22.87
CA ASP F 120 7.43 -38.51 23.76
C ASP F 120 7.07 -37.59 24.92
N GLY F 121 5.87 -37.01 24.93
CA GLY F 121 5.43 -36.21 26.04
C GLY F 121 5.82 -34.75 25.99
N ILE F 122 6.11 -34.21 24.81
CA ILE F 122 6.45 -32.79 24.70
C ILE F 122 5.23 -31.97 25.06
N GLU F 123 5.47 -30.82 25.70
CA GLU F 123 4.39 -30.00 26.25
C GLU F 123 3.45 -29.54 25.13
N PRO F 124 2.16 -29.40 25.42
CA PRO F 124 1.19 -29.03 24.36
C PRO F 124 1.50 -27.70 23.69
N GLU F 125 1.94 -26.69 24.44
CA GLU F 125 2.23 -25.41 23.81
C GLU F 125 3.55 -25.41 23.06
N THR F 126 4.44 -26.36 23.36
CA THR F 126 5.65 -26.51 22.54
C THR F 126 5.33 -27.17 21.21
N ILE F 127 4.42 -28.14 21.20
CA ILE F 127 4.02 -28.80 19.95
C ILE F 127 3.32 -27.80 19.04
N ARG F 128 2.40 -27.02 19.61
CA ARG F 128 1.68 -26.03 18.80
C ARG F 128 2.63 -24.98 18.24
N GLU F 129 3.59 -24.53 19.05
CA GLU F 129 4.55 -23.54 18.57
C GLU F 129 5.40 -24.09 17.42
N ILE F 130 5.85 -25.34 17.54
CA ILE F 130 6.67 -25.94 16.49
C ILE F 130 5.82 -26.22 15.24
N MET F 131 4.62 -26.74 15.43
CA MET F 131 3.76 -27.07 14.29
C MET F 131 3.32 -25.82 13.55
N GLU F 132 3.03 -24.74 14.28
CA GLU F 132 2.67 -23.48 13.62
C GLU F 132 3.85 -22.92 12.83
N LEU F 133 5.06 -23.03 13.37
CA LEU F 133 6.25 -22.60 12.64
C LEU F 133 6.48 -23.45 11.40
N GLU F 134 6.12 -24.73 11.46
CA GLU F 134 6.17 -25.58 10.27
C GLU F 134 5.25 -25.05 9.18
N ILE F 135 4.04 -24.63 9.55
CA ILE F 135 3.08 -24.12 8.57
C ILE F 135 3.55 -22.78 8.02
N ASP F 136 3.98 -21.87 8.92
CA ASP F 136 4.35 -20.53 8.49
C ASP F 136 5.55 -20.55 7.54
N GLU F 137 6.56 -21.36 7.86
CA GLU F 137 7.73 -21.44 6.99
C GLU F 137 7.42 -22.14 5.68
N MET F 138 6.51 -23.12 5.70
CA MET F 138 6.12 -23.79 4.46
C MET F 138 5.34 -22.84 3.56
N GLU F 139 4.50 -21.99 4.13
CA GLU F 139 3.79 -20.98 3.34
C GLU F 139 4.77 -19.99 2.74
N LYS F 140 5.79 -19.58 3.50
CA LYS F 140 6.80 -18.67 2.98
C LYS F 140 7.59 -19.30 1.85
N ARG F 141 7.90 -20.60 1.97
CA ARG F 141 8.63 -21.29 0.91
C ARG F 141 7.81 -21.36 -0.37
N HIS F 142 6.50 -21.65 -0.24
CA HIS F 142 5.64 -21.70 -1.41
C HIS F 142 5.51 -20.33 -2.07
N LYS F 143 5.44 -19.27 -1.25
CA LYS F 143 5.34 -17.92 -1.81
C LYS F 143 6.60 -17.55 -2.58
N SER F 144 7.76 -18.01 -2.11
CA SER F 144 9.01 -17.76 -2.83
C SER F 144 9.02 -18.46 -4.17
N GLY F 145 8.49 -19.69 -4.23
CA GLY F 145 8.39 -20.38 -5.50
C GLY F 145 7.43 -19.74 -6.48
N ALA F 146 6.28 -19.26 -5.97
CA ALA F 146 5.31 -18.60 -6.82
C ALA F 146 5.82 -17.24 -7.30
N ASP F 147 6.51 -16.50 -6.42
CA ASP F 147 7.09 -15.23 -6.82
C ASP F 147 8.18 -15.43 -7.86
N MET F 148 8.89 -16.55 -7.80
CA MET F 148 9.88 -16.87 -8.82
C MET F 148 9.22 -17.05 -10.18
N LEU F 149 8.06 -17.70 -10.23
CA LEU F 149 7.36 -17.89 -11.49
C LEU F 149 6.78 -16.58 -12.00
N LYS F 150 6.30 -15.72 -11.10
CA LYS F 150 5.79 -14.42 -11.51
C LYS F 150 6.92 -13.52 -12.00
N THR F 151 8.12 -13.64 -11.42
CA THR F 151 9.27 -12.91 -11.91
C THR F 151 9.62 -13.33 -13.33
N TRP F 152 9.58 -14.64 -13.61
CA TRP F 152 9.80 -15.12 -14.96
C TRP F 152 8.66 -14.71 -15.89
N GLY F 153 7.45 -14.59 -15.36
CA GLY F 153 6.31 -14.16 -16.17
C GLY F 153 6.37 -12.70 -16.59
N GLY F 154 7.24 -11.90 -15.97
CA GLY F 154 7.45 -10.55 -16.40
C GLY F 154 8.70 -10.42 -17.24
N TYR F 155 9.69 -11.27 -16.98
CA TYR F 155 10.94 -11.23 -17.74
C TYR F 155 10.72 -11.64 -19.19
N ALA F 156 9.94 -12.70 -19.42
CA ALA F 156 9.78 -13.22 -20.77
C ALA F 156 9.13 -12.23 -21.72
N PRO F 157 7.99 -11.59 -21.40
CA PRO F 157 7.49 -10.54 -22.29
C PRO F 157 8.44 -9.35 -22.42
N ALA F 158 9.19 -9.03 -21.38
CA ALA F 158 10.15 -7.93 -21.46
C ALA F 158 11.26 -8.24 -22.46
N PHE F 159 11.76 -9.47 -22.46
CA PHE F 159 12.76 -9.88 -23.44
C PHE F 159 12.15 -10.15 -24.81
N GLY F 160 10.83 -10.35 -24.89
CA GLY F 160 10.19 -10.44 -26.18
C GLY F 160 10.04 -9.08 -26.85
N MET F 161 10.00 -8.01 -26.05
CA MET F 161 10.01 -6.67 -26.61
C MET F 161 11.42 -6.24 -27.02
N VAL F 162 12.44 -6.71 -26.28
CA VAL F 162 13.82 -6.51 -26.71
C VAL F 162 14.04 -7.18 -28.06
N GLY F 163 13.47 -8.37 -28.26
CA GLY F 163 13.56 -9.02 -29.55
C GLY F 163 12.84 -8.26 -30.65
N THR F 164 11.75 -7.57 -30.31
CA THR F 164 11.08 -6.70 -31.27
C THR F 164 11.98 -5.53 -31.66
N LEU F 165 12.66 -4.93 -30.68
CA LEU F 165 13.62 -3.87 -30.98
C LEU F 165 14.76 -4.40 -31.83
N ILE F 166 15.25 -5.61 -31.52
CA ILE F 166 16.32 -6.21 -32.30
C ILE F 166 15.86 -6.44 -33.74
N GLY F 167 14.65 -6.98 -33.90
CA GLY F 167 14.15 -7.25 -35.23
C GLY F 167 13.91 -5.97 -36.03
N LEU F 168 13.37 -4.94 -35.39
CA LEU F 168 13.12 -3.68 -36.09
C LEU F 168 14.41 -3.03 -36.53
N ILE F 169 15.40 -2.93 -35.63
CA ILE F 169 16.67 -2.32 -35.97
C ILE F 169 17.37 -3.11 -37.08
N GLN F 170 17.34 -4.44 -36.96
CA GLN F 170 17.93 -5.28 -37.99
C GLN F 170 17.23 -5.10 -39.34
N MET F 171 15.90 -5.03 -39.32
CA MET F 171 15.15 -4.79 -40.56
C MET F 171 15.44 -3.41 -41.13
N LEU F 172 15.49 -2.38 -40.27
CA LEU F 172 15.64 -1.01 -40.77
C LEU F 172 17.05 -0.75 -41.30
N ALA F 173 18.06 -1.40 -40.73
CA ALA F 173 19.43 -1.15 -41.14
C ALA F 173 19.72 -1.71 -42.53
N ASN F 174 19.03 -2.77 -42.93
CA ASN F 174 19.29 -3.47 -44.18
C ASN F 174 17.99 -3.74 -44.93
N LEU F 175 17.17 -2.70 -45.10
CA LEU F 175 15.86 -2.86 -45.73
C LEU F 175 15.93 -3.14 -47.23
N THR F 176 17.11 -3.36 -47.81
CA THR F 176 17.24 -3.74 -49.22
C THR F 176 17.92 -5.08 -49.39
N ASP F 177 18.01 -5.87 -48.33
CA ASP F 177 18.65 -7.18 -48.37
C ASP F 177 17.68 -8.32 -48.65
N SER F 178 16.46 -8.24 -48.10
CA SER F 178 15.37 -9.17 -48.30
C SER F 178 15.60 -10.50 -47.58
N SER F 179 16.81 -10.71 -47.07
CA SER F 179 17.09 -11.84 -46.20
C SER F 179 17.29 -11.39 -44.76
N THR F 180 17.93 -10.24 -44.58
CA THR F 180 17.91 -9.56 -43.30
C THR F 180 16.50 -9.12 -42.94
N ILE F 181 15.71 -8.74 -43.94
CA ILE F 181 14.32 -8.37 -43.70
C ILE F 181 13.54 -9.55 -43.15
N ALA F 182 13.67 -10.71 -43.79
CA ALA F 182 12.98 -11.91 -43.33
C ALA F 182 13.47 -12.35 -41.96
N SER F 183 14.78 -12.32 -41.75
CA SER F 183 15.33 -12.68 -40.44
C SER F 183 14.91 -11.69 -39.36
N GLY F 184 14.95 -10.39 -39.67
CA GLY F 184 14.50 -9.40 -38.72
C GLY F 184 13.01 -9.46 -38.48
N MET F 185 12.23 -9.75 -39.54
CA MET F 185 10.78 -9.85 -39.40
C MET F 185 10.40 -10.99 -38.46
N GLY F 186 11.06 -12.14 -38.60
CA GLY F 186 10.76 -13.26 -37.74
C GLY F 186 11.20 -13.02 -36.30
N LYS F 187 12.34 -12.37 -36.11
CA LYS F 187 12.83 -12.09 -34.76
C LYS F 187 11.85 -11.22 -33.98
N ALA F 188 11.33 -10.18 -34.62
CA ALA F 188 10.43 -9.25 -33.93
C ALA F 188 9.13 -9.93 -33.54
N LEU F 189 8.53 -10.68 -34.46
CA LEU F 189 7.23 -11.28 -34.20
C LEU F 189 7.32 -12.49 -33.26
N ILE F 190 8.30 -13.36 -33.48
CA ILE F 190 8.32 -14.62 -32.75
C ILE F 190 8.87 -14.44 -31.33
N THR F 191 9.72 -13.45 -31.11
CA THR F 191 10.12 -13.13 -29.73
C THR F 191 8.92 -12.71 -28.89
N THR F 192 8.04 -11.88 -29.47
CA THR F 192 6.82 -11.50 -28.78
C THR F 192 5.90 -12.70 -28.60
N PHE F 193 5.83 -13.56 -29.61
CA PHE F 193 5.00 -14.76 -29.53
C PHE F 193 5.46 -15.67 -28.40
N TYR F 194 6.77 -15.88 -28.28
CA TYR F 194 7.30 -16.70 -27.19
C TYR F 194 7.07 -16.05 -25.84
N GLY F 195 7.30 -14.73 -25.76
CA GLY F 195 7.20 -14.05 -24.48
C GLY F 195 5.79 -14.03 -23.92
N SER F 196 4.80 -13.84 -24.79
CA SER F 196 3.41 -13.82 -24.32
C SER F 196 2.92 -15.21 -23.98
N LEU F 197 3.41 -16.24 -24.67
CA LEU F 197 3.04 -17.60 -24.32
C LEU F 197 3.62 -18.01 -22.97
N MET F 198 4.89 -17.68 -22.73
CA MET F 198 5.50 -18.01 -21.44
C MET F 198 4.80 -17.29 -20.30
N ALA F 199 4.48 -16.02 -20.48
CA ALA F 199 3.86 -15.24 -19.41
C ALA F 199 2.44 -15.70 -19.14
N ASN F 200 1.62 -15.82 -20.19
CA ASN F 200 0.18 -15.95 -20.01
C ASN F 200 -0.31 -17.38 -20.06
N ALA F 201 0.45 -18.30 -20.63
CA ALA F 201 0.05 -19.71 -20.66
C ALA F 201 0.78 -20.56 -19.64
N VAL F 202 1.95 -20.14 -19.16
CA VAL F 202 2.72 -20.97 -18.26
C VAL F 202 2.99 -20.26 -16.93
N PHE F 203 3.75 -19.17 -16.97
CA PHE F 203 4.38 -18.67 -15.75
C PHE F 203 3.37 -18.00 -14.82
N ASN F 204 2.66 -17.00 -15.31
CA ASN F 204 1.71 -16.30 -14.45
C ASN F 204 0.58 -17.20 -13.96
N PRO F 205 -0.08 -18.01 -14.79
CA PRO F 205 -1.08 -18.94 -14.24
C PRO F 205 -0.51 -19.95 -13.27
N MET F 206 0.72 -20.42 -13.48
CA MET F 206 1.31 -21.41 -12.58
C MET F 206 1.60 -20.80 -11.21
N GLY F 207 2.09 -19.56 -11.19
CA GLY F 207 2.39 -18.91 -9.91
C GLY F 207 1.14 -18.69 -9.08
N ALA F 208 0.06 -18.24 -9.71
CA ALA F 208 -1.21 -18.09 -8.99
C ALA F 208 -1.75 -19.45 -8.55
N ASN F 209 -1.63 -20.45 -9.42
CA ASN F 209 -2.05 -21.80 -9.07
C ASN F 209 -1.29 -22.31 -7.84
N LEU F 210 0.00 -21.99 -7.75
CA LEU F 210 0.82 -22.45 -6.64
C LEU F 210 0.33 -21.88 -5.31
N MET F 211 -0.04 -20.60 -5.29
CA MET F 211 -0.51 -19.98 -4.05
C MET F 211 -1.83 -20.59 -3.58
N PHE F 212 -2.72 -20.96 -4.50
CA PHE F 212 -3.97 -21.60 -4.10
C PHE F 212 -3.70 -22.97 -3.50
N LYS F 213 -2.76 -23.73 -4.08
CA LYS F 213 -2.41 -25.03 -3.50
C LYS F 213 -1.73 -24.87 -2.15
N SER F 214 -0.94 -23.81 -1.97
CA SER F 214 -0.30 -23.56 -0.69
C SER F 214 -1.34 -23.27 0.39
N GLY F 215 -2.36 -22.48 0.07
CA GLY F 215 -3.40 -22.19 1.06
C GLY F 215 -4.20 -23.41 1.43
N VAL F 216 -4.48 -24.28 0.46
CA VAL F 216 -5.18 -25.53 0.76
C VAL F 216 -4.32 -26.42 1.65
N GLU F 217 -3.03 -26.53 1.34
CA GLU F 217 -2.14 -27.37 2.12
C GLU F 217 -1.93 -26.81 3.52
N ALA F 218 -1.94 -25.48 3.68
CA ALA F 218 -1.86 -24.88 5.00
C ALA F 218 -3.09 -25.22 5.84
N THR F 219 -4.27 -25.20 5.21
CA THR F 219 -5.49 -25.56 5.92
C THR F 219 -5.46 -27.02 6.36
N THR F 220 -4.95 -27.91 5.52
CA THR F 220 -4.81 -29.31 5.89
C THR F 220 -3.88 -29.47 7.09
N ARG F 221 -2.76 -28.73 7.09
CA ARG F 221 -1.82 -28.81 8.20
C ARG F 221 -2.42 -28.26 9.49
N GLU F 222 -3.20 -27.17 9.38
CA GLU F 222 -3.85 -26.62 10.57
C GLU F 222 -4.83 -27.60 11.19
N MET F 223 -5.48 -28.41 10.36
CA MET F 223 -6.38 -29.45 10.89
C MET F 223 -5.60 -30.64 11.44
N VAL F 224 -4.47 -30.97 10.83
CA VAL F 224 -3.61 -32.03 11.37
C VAL F 224 -3.06 -31.63 12.73
N LEU F 225 -2.75 -30.35 12.91
CA LEU F 225 -2.27 -29.88 14.20
C LEU F 225 -3.30 -30.08 15.30
N GLU F 226 -4.56 -29.72 15.02
CA GLU F 226 -5.62 -29.93 16.02
C GLU F 226 -5.87 -31.40 16.26
N GLY F 227 -5.78 -32.23 15.22
CA GLY F 227 -5.88 -33.67 15.41
C GLY F 227 -4.76 -34.22 16.26
N VAL F 228 -3.54 -33.71 16.04
CA VAL F 228 -2.40 -34.14 16.85
C VAL F 228 -2.57 -33.70 18.30
N LEU F 229 -2.99 -32.46 18.51
CA LEU F 229 -3.15 -31.94 19.86
C LEU F 229 -4.30 -32.59 20.61
N ALA F 230 -5.27 -33.15 19.88
CA ALA F 230 -6.37 -33.84 20.55
C ALA F 230 -6.01 -35.25 20.97
N ILE F 231 -5.04 -35.87 20.28
CA ILE F 231 -4.50 -37.15 20.76
C ILE F 231 -3.80 -36.96 22.10
N GLN F 232 -3.04 -35.87 22.23
CA GLN F 232 -2.29 -35.61 23.45
C GLN F 232 -3.23 -35.39 24.62
N SER F 233 -4.24 -34.53 24.44
CA SER F 233 -5.20 -34.28 25.52
C SER F 233 -6.00 -35.54 25.83
N GLY F 234 -6.45 -36.25 24.81
CA GLY F 234 -7.18 -37.49 25.00
C GLY F 234 -8.67 -37.29 24.87
N VAL F 235 -9.22 -37.61 23.70
CA VAL F 235 -10.64 -37.44 23.43
C VAL F 235 -11.13 -38.66 22.65
N ASN F 236 -12.34 -39.09 22.95
CA ASN F 236 -12.96 -40.17 22.19
C ASN F 236 -13.22 -39.70 20.77
N PRO F 237 -13.29 -40.64 19.81
CA PRO F 237 -13.49 -40.23 18.41
C PRO F 237 -14.91 -39.75 18.13
N ARG F 238 -15.40 -38.88 18.99
CA ARG F 238 -16.67 -38.17 18.82
C ARG F 238 -16.49 -36.67 18.95
N ILE F 239 -15.66 -36.22 19.90
CA ILE F 239 -15.31 -34.81 19.97
C ILE F 239 -14.19 -34.49 18.98
N MET F 240 -13.30 -35.46 18.73
CA MET F 240 -12.28 -35.29 17.69
C MET F 240 -12.91 -35.14 16.32
N GLU F 241 -13.92 -35.95 16.01
CA GLU F 241 -14.52 -35.92 14.68
C GLU F 241 -15.19 -34.58 14.41
N GLU F 242 -15.84 -34.00 15.40
CA GLU F 242 -16.58 -32.75 15.19
C GLU F 242 -15.64 -31.57 15.02
N LYS F 243 -14.51 -31.55 15.75
CA LYS F 243 -13.59 -30.43 15.63
C LYS F 243 -12.75 -30.52 14.36
N LEU F 244 -12.42 -31.72 13.92
CA LEU F 244 -11.60 -31.87 12.72
C LEU F 244 -12.34 -31.43 11.46
N VAL F 245 -13.64 -31.75 11.38
CA VAL F 245 -14.41 -31.46 10.16
C VAL F 245 -14.77 -29.99 10.02
N SER F 246 -14.58 -29.18 11.07
CA SER F 246 -14.77 -27.75 10.92
C SER F 246 -13.79 -27.16 9.92
N TYR F 247 -12.61 -27.78 9.77
CA TYR F 247 -11.64 -27.35 8.77
C TYR F 247 -12.00 -27.82 7.37
N LEU F 248 -12.90 -28.80 7.25
CA LEU F 248 -13.25 -29.33 5.94
C LEU F 248 -13.97 -28.28 5.10
N SER F 249 -13.69 -28.28 3.80
CA SER F 249 -14.37 -27.38 2.89
C SER F 249 -15.85 -27.75 2.79
N PRO F 250 -16.72 -26.78 2.48
CA PRO F 250 -18.15 -27.07 2.39
C PRO F 250 -18.48 -28.18 1.41
N PRO F 251 -17.81 -28.27 0.25
CA PRO F 251 -17.99 -29.48 -0.58
C PRO F 251 -17.53 -30.75 0.12
N GLU F 252 -16.51 -30.66 0.98
CA GLU F 252 -15.98 -31.84 1.66
C GLU F 252 -16.67 -32.14 2.98
N ARG F 253 -17.45 -31.20 3.52
CA ARG F 253 -18.04 -31.40 4.84
C ARG F 253 -19.05 -32.54 4.84
N GLN F 254 -19.99 -32.53 3.90
CA GLN F 254 -20.97 -33.59 3.78
C GLN F 254 -20.54 -34.68 2.80
N ALA F 255 -19.34 -34.57 2.23
CA ALA F 255 -18.84 -35.61 1.33
C ALA F 255 -18.66 -36.93 2.08
N TYR F 256 -18.14 -36.88 3.30
CA TYR F 256 -17.93 -38.07 4.11
C TYR F 256 -19.12 -38.38 5.01
N SER F 257 -20.20 -37.62 4.92
CA SER F 257 -21.31 -37.74 5.86
C SER F 257 -21.95 -39.13 5.83
N LYS F 258 -21.75 -39.90 4.77
CA LYS F 258 -22.30 -41.25 4.70
C LYS F 258 -21.68 -42.19 5.73
N VAL F 259 -20.48 -41.88 6.22
CA VAL F 259 -19.79 -42.73 7.18
C VAL F 259 -19.40 -41.93 8.42
N THR G 8 -28.57 -5.16 -13.21
CA THR G 8 -29.33 -4.93 -14.44
C THR G 8 -28.44 -5.01 -15.67
N PRO G 9 -28.85 -5.79 -16.67
CA PRO G 9 -28.04 -5.95 -17.88
C PRO G 9 -28.20 -4.79 -18.86
N ILE G 10 -28.74 -3.67 -18.39
CA ILE G 10 -28.91 -2.51 -19.26
C ILE G 10 -27.55 -2.01 -19.74
N GLY G 11 -26.53 -2.07 -18.88
CA GLY G 11 -25.20 -1.67 -19.31
C GLY G 11 -24.63 -2.61 -20.36
N PHE G 12 -24.87 -3.92 -20.21
CA PHE G 12 -24.38 -4.87 -21.19
C PHE G 12 -25.04 -4.67 -22.55
N VAL G 13 -26.36 -4.44 -22.56
CA VAL G 13 -27.06 -4.22 -23.82
C VAL G 13 -26.56 -2.97 -24.51
N LEU G 14 -26.38 -1.89 -23.75
CA LEU G 14 -25.84 -0.65 -24.31
C LEU G 14 -24.41 -0.83 -24.78
N CYS G 15 -23.61 -1.57 -24.02
CA CYS G 15 -22.20 -1.74 -24.37
C CYS G 15 -22.04 -2.49 -25.68
N PHE G 16 -22.70 -3.64 -25.81
CA PHE G 16 -22.62 -4.39 -27.05
C PHE G 16 -23.44 -3.77 -28.16
N GLY G 17 -24.53 -3.08 -27.81
CA GLY G 17 -25.32 -2.41 -28.83
C GLY G 17 -24.57 -1.27 -29.50
N LEU G 18 -23.89 -0.44 -28.71
CA LEU G 18 -23.10 0.64 -29.29
C LEU G 18 -21.92 0.08 -30.08
N VAL G 19 -21.27 -0.97 -29.57
CA VAL G 19 -20.17 -1.59 -30.30
C VAL G 19 -20.67 -2.19 -31.60
N LEU G 20 -21.78 -2.93 -31.55
CA LEU G 20 -22.34 -3.52 -32.75
C LEU G 20 -22.77 -2.43 -33.73
N TRP G 21 -23.33 -1.34 -33.22
CA TRP G 21 -23.68 -0.21 -34.08
C TRP G 21 -22.44 0.38 -34.74
N GLY G 22 -21.33 0.45 -34.00
CA GLY G 22 -20.11 0.99 -34.56
C GLY G 22 -19.56 0.17 -35.71
N MET G 23 -19.58 -1.16 -35.57
CA MET G 23 -19.18 -2.03 -36.67
C MET G 23 -20.12 -1.88 -37.85
N ALA G 24 -21.43 -1.80 -37.60
CA ALA G 24 -22.40 -1.61 -38.66
C ALA G 24 -22.42 -0.19 -39.20
N SER G 25 -21.87 0.77 -38.45
CA SER G 25 -21.84 2.15 -38.94
C SER G 25 -21.04 2.27 -40.22
N GLY G 26 -19.90 1.61 -40.29
CA GLY G 26 -19.16 1.54 -41.53
C GLY G 26 -19.88 0.71 -42.57
N GLY G 27 -19.63 1.04 -43.84
CA GLY G 27 -20.30 0.35 -44.93
C GLY G 27 -19.94 -1.12 -45.06
N SER G 28 -18.90 -1.58 -44.38
CA SER G 28 -18.49 -2.97 -44.44
C SER G 28 -19.52 -3.87 -43.76
N ASN G 29 -19.70 -5.06 -44.33
CA ASN G 29 -20.59 -6.04 -43.75
C ASN G 29 -20.03 -6.56 -42.42
N LEU G 30 -20.94 -6.99 -41.55
CA LEU G 30 -20.54 -7.49 -40.23
C LEU G 30 -19.79 -8.80 -40.31
N LYS G 31 -19.76 -9.47 -41.46
CA LYS G 31 -19.06 -10.74 -41.58
C LYS G 31 -17.55 -10.58 -41.47
N VAL G 32 -17.01 -9.40 -41.76
CA VAL G 32 -15.57 -9.19 -41.65
C VAL G 32 -15.13 -9.20 -40.19
N PHE G 33 -16.04 -8.99 -39.26
CA PHE G 33 -15.74 -9.04 -37.83
C PHE G 33 -16.01 -10.41 -37.22
N TRP G 34 -16.57 -11.34 -37.99
CA TRP G 34 -16.91 -12.65 -37.48
C TRP G 34 -15.85 -13.67 -37.92
N ASP G 35 -15.38 -14.46 -36.95
CA ASP G 35 -14.39 -15.50 -37.23
C ASP G 35 -14.54 -16.55 -36.13
N VAL G 36 -15.07 -17.72 -36.51
CA VAL G 36 -15.33 -18.76 -35.52
C VAL G 36 -14.03 -19.24 -34.88
N ALA G 37 -12.98 -19.39 -35.69
CA ALA G 37 -11.69 -19.81 -35.16
C ALA G 37 -11.12 -18.77 -34.20
N SER G 38 -11.35 -17.49 -34.47
CA SER G 38 -10.86 -16.44 -33.56
C SER G 38 -11.51 -16.53 -32.19
N VAL G 39 -12.77 -16.97 -32.13
CA VAL G 39 -13.46 -17.09 -30.85
C VAL G 39 -12.79 -18.15 -29.99
N PHE G 40 -12.44 -19.30 -30.58
CA PHE G 40 -11.77 -20.34 -29.82
C PHE G 40 -10.41 -19.90 -29.31
N ILE G 41 -9.65 -19.19 -30.14
CA ILE G 41 -8.31 -18.77 -29.73
C ILE G 41 -8.39 -17.78 -28.57
N THR G 42 -9.32 -16.83 -28.64
CA THR G 42 -9.39 -15.78 -27.62
C THR G 42 -10.16 -16.25 -26.40
N ILE G 43 -11.42 -16.64 -26.58
CA ILE G 43 -12.24 -17.06 -25.45
C ILE G 43 -11.70 -18.36 -24.86
N GLY G 44 -11.47 -19.36 -25.71
CA GLY G 44 -11.00 -20.64 -25.22
C GLY G 44 -9.59 -20.57 -24.66
N GLY G 45 -8.72 -19.79 -25.29
CA GLY G 45 -7.36 -19.64 -24.79
C GLY G 45 -7.31 -18.98 -23.43
N SER G 46 -8.08 -17.90 -23.25
CA SER G 46 -8.09 -17.21 -21.97
C SER G 46 -8.84 -18.01 -20.90
N MET G 47 -9.87 -18.76 -21.31
CA MET G 47 -10.57 -19.62 -20.37
C MET G 47 -9.68 -20.77 -19.90
N ALA G 48 -8.87 -21.32 -20.80
CA ALA G 48 -7.97 -22.39 -20.44
C ALA G 48 -6.88 -21.91 -19.48
N ALA G 49 -6.41 -20.67 -19.67
CA ALA G 49 -5.46 -20.10 -18.72
C ALA G 49 -6.11 -19.83 -17.37
N MET G 50 -7.41 -19.52 -17.36
CA MET G 50 -8.12 -19.36 -16.10
C MET G 50 -8.28 -20.69 -15.38
N LEU G 51 -8.45 -21.78 -16.13
CA LEU G 51 -8.52 -23.10 -15.50
C LEU G 51 -7.20 -23.46 -14.84
N ILE G 52 -6.08 -23.12 -15.48
CA ILE G 52 -4.78 -23.29 -14.85
C ILE G 52 -4.64 -22.39 -13.63
N THR G 53 -5.13 -21.15 -13.75
CA THR G 53 -4.92 -20.16 -12.69
C THR G 53 -5.76 -20.46 -11.46
N TYR G 54 -7.02 -20.87 -11.64
CA TYR G 54 -7.92 -20.94 -10.51
C TYR G 54 -8.47 -22.35 -10.34
N PRO G 55 -8.57 -22.81 -9.10
CA PRO G 55 -9.21 -24.11 -8.83
C PRO G 55 -10.72 -24.01 -8.94
N MET G 56 -11.36 -25.19 -8.94
CA MET G 56 -12.80 -25.25 -9.12
C MET G 56 -13.55 -24.56 -7.99
N ASP G 57 -12.97 -24.53 -6.78
CA ASP G 57 -13.63 -23.89 -5.65
C ASP G 57 -13.76 -22.38 -5.87
N GLU G 58 -12.74 -21.76 -6.44
CA GLU G 58 -12.80 -20.32 -6.71
C GLU G 58 -13.86 -19.99 -7.76
N PHE G 59 -14.01 -20.86 -8.76
CA PHE G 59 -15.02 -20.64 -9.78
C PHE G 59 -16.43 -20.71 -9.20
N LYS G 60 -16.67 -21.67 -8.31
CA LYS G 60 -17.98 -21.76 -7.67
C LYS G 60 -18.27 -20.55 -6.78
N ARG G 61 -17.25 -20.10 -6.04
CA ARG G 61 -17.43 -18.91 -5.22
C ARG G 61 -17.64 -17.67 -6.08
N LEU G 62 -16.95 -17.58 -7.21
CA LEU G 62 -17.16 -16.46 -8.13
C LEU G 62 -18.58 -16.47 -8.67
N LEU G 63 -19.10 -17.63 -9.05
CA LEU G 63 -20.45 -17.71 -9.59
C LEU G 63 -21.48 -17.29 -8.55
N ILE G 64 -21.26 -17.68 -7.29
CA ILE G 64 -22.16 -17.27 -6.21
C ILE G 64 -22.15 -15.76 -6.04
N VAL G 65 -20.95 -15.16 -6.04
CA VAL G 65 -20.86 -13.72 -5.82
C VAL G 65 -21.37 -12.94 -7.02
N ILE G 66 -21.32 -13.53 -8.21
CA ILE G 66 -21.90 -12.87 -9.39
C ILE G 66 -23.42 -12.87 -9.29
N ARG G 67 -24.01 -13.97 -8.85
CA ARG G 67 -25.46 -14.04 -8.70
C ARG G 67 -25.96 -13.12 -7.61
N GLN G 68 -25.16 -12.91 -6.56
CA GLN G 68 -25.54 -11.98 -5.50
C GLN G 68 -25.67 -10.57 -6.03
N THR G 69 -24.80 -10.18 -6.95
CA THR G 69 -24.81 -8.82 -7.48
C THR G 69 -26.13 -8.51 -8.17
N PHE G 70 -26.63 -9.42 -8.99
CA PHE G 70 -27.86 -9.18 -9.74
C PHE G 70 -29.11 -9.38 -8.91
N LYS G 71 -29.03 -10.05 -7.77
CA LYS G 71 -30.19 -10.36 -6.96
C LYS G 71 -30.16 -9.66 -5.60
N ASP G 72 -29.10 -9.86 -4.82
CA ASP G 72 -29.02 -9.28 -3.48
C ASP G 72 -28.92 -7.77 -3.58
N ASN G 73 -29.95 -7.08 -3.09
CA ASN G 73 -30.01 -5.62 -3.18
C ASN G 73 -29.29 -4.96 -2.01
N GLY G 74 -29.66 -5.31 -0.78
CA GLY G 74 -29.15 -4.67 0.41
C GLY G 74 -30.23 -3.91 1.14
N MET G 75 -29.79 -3.04 2.05
CA MET G 75 -30.69 -2.21 2.83
C MET G 75 -30.24 -0.76 2.74
N SER G 76 -31.21 0.14 2.66
CA SER G 76 -30.91 1.57 2.57
C SER G 76 -30.30 2.07 3.87
N ASN G 77 -29.28 2.93 3.75
CA ASN G 77 -28.65 3.48 4.93
C ASN G 77 -29.58 4.43 5.69
N ILE G 78 -30.54 5.03 5.00
CA ILE G 78 -31.53 5.86 5.67
C ILE G 78 -32.43 5.00 6.56
N ASP G 79 -32.76 3.80 6.10
CA ASP G 79 -33.57 2.90 6.91
C ASP G 79 -32.77 2.35 8.10
N VAL G 80 -31.47 2.14 7.93
CA VAL G 80 -30.65 1.61 9.01
C VAL G 80 -30.63 2.59 10.18
N ILE G 81 -30.40 3.87 9.90
CA ILE G 81 -30.39 4.87 10.96
C ILE G 81 -31.79 5.07 11.53
N GLN G 82 -32.82 5.01 10.68
CA GLN G 82 -34.18 5.19 11.15
C GLN G 82 -34.59 4.07 12.10
N ASN G 83 -34.20 2.84 11.80
CA ASN G 83 -34.54 1.71 12.66
C ASN G 83 -33.74 1.75 13.96
N PHE G 84 -32.44 2.04 13.87
CA PHE G 84 -31.60 2.04 15.06
C PHE G 84 -31.98 3.17 16.01
N VAL G 85 -32.34 4.33 15.47
CA VAL G 85 -32.73 5.46 16.32
C VAL G 85 -34.00 5.12 17.09
N ASP G 86 -34.99 4.51 16.41
CA ASP G 86 -36.19 4.06 17.10
C ASP G 86 -35.87 2.97 18.11
N LEU G 87 -34.99 2.03 17.74
CA LEU G 87 -34.61 0.96 18.66
C LEU G 87 -33.88 1.51 19.87
N SER G 88 -32.99 2.50 19.67
CA SER G 88 -32.35 3.17 20.79
C SER G 88 -33.38 3.90 21.64
N ARG G 89 -34.35 4.56 21.00
CA ARG G 89 -35.38 5.26 21.74
C ARG G 89 -36.25 4.29 22.54
N LYS G 90 -36.69 3.21 21.91
CA LYS G 90 -37.52 2.23 22.60
C LYS G 90 -36.77 1.55 23.73
N ALA G 91 -35.49 1.25 23.53
CA ALA G 91 -34.69 0.65 24.59
C ALA G 91 -34.38 1.62 25.72
N ARG G 92 -34.68 2.91 25.55
CA ARG G 92 -34.51 3.89 26.61
C ARG G 92 -35.76 4.01 27.47
N ARG G 93 -36.93 4.10 26.84
CA ARG G 93 -38.19 4.14 27.60
C ARG G 93 -38.43 2.82 28.31
N GLU G 94 -38.33 1.72 27.58
CA GLU G 94 -38.46 0.38 28.15
C GLU G 94 -37.07 -0.17 28.45
N GLY G 95 -37.01 -1.46 28.79
CA GLY G 95 -35.73 -2.09 29.06
C GLY G 95 -35.05 -2.58 27.81
N LEU G 96 -33.82 -3.08 27.98
CA LEU G 96 -33.10 -3.67 26.85
C LEU G 96 -33.75 -4.97 26.39
N LEU G 97 -34.28 -5.75 27.32
CA LEU G 97 -34.97 -6.99 27.00
C LEU G 97 -36.44 -6.74 26.64
N SER G 98 -36.67 -5.82 25.72
CA SER G 98 -38.02 -5.51 25.26
C SER G 98 -38.09 -5.29 23.75
N LEU G 99 -37.01 -5.50 23.02
CA LEU G 99 -36.98 -5.29 21.58
C LEU G 99 -37.12 -6.59 20.80
N GLU G 100 -37.51 -7.69 21.46
CA GLU G 100 -37.61 -8.97 20.78
C GLU G 100 -38.62 -8.92 19.64
N ASP G 101 -39.75 -8.24 19.85
CA ASP G 101 -40.72 -8.07 18.77
C ASP G 101 -40.12 -7.28 17.62
N ALA G 102 -39.38 -6.22 17.93
CA ALA G 102 -38.75 -5.42 16.88
C ALA G 102 -37.57 -6.14 16.24
N ILE G 103 -36.83 -6.92 17.02
CA ILE G 103 -35.66 -7.63 16.49
C ILE G 103 -36.10 -8.65 15.44
N ASN G 104 -37.13 -9.42 15.74
CA ASN G 104 -37.58 -10.46 14.81
C ASN G 104 -38.21 -9.87 13.56
N ASN G 105 -38.83 -8.70 13.66
CA ASN G 105 -39.52 -8.09 12.53
C ASN G 105 -38.59 -7.32 11.61
N LEU G 106 -37.28 -7.36 11.85
CA LEU G 106 -36.32 -6.67 10.99
C LEU G 106 -36.14 -7.46 9.70
N THR G 107 -36.38 -6.81 8.57
CA THR G 107 -36.20 -7.45 7.26
C THR G 107 -34.81 -7.19 6.70
N ASP G 108 -33.79 -7.53 7.50
CA ASP G 108 -32.40 -7.32 7.09
C ASP G 108 -31.52 -8.28 7.88
N ASP G 109 -30.78 -9.13 7.18
CA ASP G 109 -29.84 -10.01 7.84
C ASP G 109 -28.65 -9.23 8.37
N TYR G 110 -27.90 -9.88 9.27
CA TYR G 110 -26.70 -9.34 9.90
C TYR G 110 -27.06 -8.27 10.93
N MET G 111 -28.33 -7.86 10.95
CA MET G 111 -28.81 -6.88 11.92
C MET G 111 -29.63 -7.52 13.02
N LYS G 112 -30.49 -8.48 12.67
CA LYS G 112 -31.12 -9.32 13.69
C LYS G 112 -30.06 -10.13 14.42
N LYS G 113 -29.11 -10.71 13.69
CA LYS G 113 -28.06 -11.50 14.32
C LYS G 113 -27.21 -10.63 15.24
N GLY G 114 -26.86 -9.42 14.79
CA GLY G 114 -26.08 -8.53 15.64
C GLY G 114 -26.85 -8.09 16.87
N LEU G 115 -28.14 -7.78 16.70
CA LEU G 115 -28.95 -7.36 17.83
C LEU G 115 -29.28 -8.53 18.76
N ARG G 116 -29.30 -9.76 18.23
CA ARG G 116 -29.63 -10.91 19.06
C ARG G 116 -28.52 -11.23 20.06
N MET G 117 -27.26 -11.04 19.68
CA MET G 117 -26.20 -11.23 20.66
C MET G 117 -26.05 -10.04 21.60
N VAL G 118 -26.85 -9.00 21.43
CA VAL G 118 -26.90 -7.91 22.40
C VAL G 118 -27.88 -8.23 23.52
N VAL G 119 -29.07 -8.74 23.18
CA VAL G 119 -30.04 -9.12 24.18
C VAL G 119 -29.66 -10.41 24.90
N ASP G 120 -28.71 -11.18 24.35
CA ASP G 120 -28.27 -12.42 24.95
C ASP G 120 -27.05 -12.24 25.85
N GLY G 121 -26.61 -11.01 26.07
CA GLY G 121 -25.58 -10.72 27.05
C GLY G 121 -24.20 -11.25 26.76
N ILE G 122 -23.72 -11.11 25.52
CA ILE G 122 -22.34 -11.43 25.18
C ILE G 122 -21.54 -10.12 25.14
N GLU G 123 -20.26 -10.23 25.47
CA GLU G 123 -19.44 -9.05 25.71
C GLU G 123 -19.36 -8.19 24.45
N PRO G 124 -19.43 -6.86 24.59
CA PRO G 124 -19.42 -5.99 23.39
C PRO G 124 -18.18 -6.16 22.52
N GLU G 125 -17.01 -6.40 23.13
CA GLU G 125 -15.80 -6.59 22.33
C GLU G 125 -15.88 -7.86 21.49
N THR G 126 -16.46 -8.93 22.06
CA THR G 126 -16.67 -10.15 21.28
C THR G 126 -17.72 -9.95 20.19
N ILE G 127 -18.72 -9.09 20.42
CA ILE G 127 -19.70 -8.80 19.39
C ILE G 127 -19.03 -8.12 18.20
N ARG G 128 -18.14 -7.16 18.47
CA ARG G 128 -17.43 -6.48 17.40
C ARG G 128 -16.56 -7.46 16.62
N GLU G 129 -15.84 -8.35 17.32
CA GLU G 129 -14.98 -9.30 16.63
C GLU G 129 -15.77 -10.29 15.79
N ILE G 130 -16.92 -10.74 16.31
CA ILE G 130 -17.74 -11.70 15.57
C ILE G 130 -18.31 -11.05 14.31
N MET G 131 -18.78 -9.81 14.42
CA MET G 131 -19.41 -9.14 13.28
C MET G 131 -18.43 -8.39 12.40
N GLU G 132 -17.22 -8.13 12.88
CA GLU G 132 -16.18 -7.62 11.98
C GLU G 132 -15.61 -8.71 11.11
N LEU G 133 -15.56 -9.95 11.62
CA LEU G 133 -15.13 -11.08 10.80
C LEU G 133 -16.13 -11.37 9.69
N GLU G 134 -17.42 -11.18 9.97
CA GLU G 134 -18.43 -11.34 8.93
C GLU G 134 -18.26 -10.30 7.84
N ILE G 135 -17.86 -9.09 8.20
CA ILE G 135 -17.53 -8.08 7.20
C ILE G 135 -16.31 -8.51 6.38
N ASP G 136 -15.30 -9.06 7.06
CA ASP G 136 -14.07 -9.44 6.39
C ASP G 136 -14.29 -10.55 5.36
N GLU G 137 -15.11 -11.55 5.70
CA GLU G 137 -15.35 -12.64 4.76
C GLU G 137 -16.18 -12.16 3.57
N MET G 138 -17.10 -11.23 3.78
CA MET G 138 -17.81 -10.63 2.66
C MET G 138 -16.85 -9.87 1.75
N GLU G 139 -15.94 -9.10 2.34
CA GLU G 139 -14.94 -8.38 1.54
C GLU G 139 -14.01 -9.34 0.83
N LYS G 140 -13.58 -10.40 1.51
CA LYS G 140 -12.68 -11.37 0.91
C LYS G 140 -13.36 -12.10 -0.24
N ARG G 141 -14.63 -12.46 -0.10
CA ARG G 141 -15.35 -13.13 -1.16
C ARG G 141 -15.47 -12.26 -2.40
N HIS G 142 -15.77 -10.97 -2.20
CA HIS G 142 -15.92 -10.07 -3.34
C HIS G 142 -14.57 -9.79 -4.00
N LYS G 143 -13.53 -9.59 -3.20
CA LYS G 143 -12.21 -9.32 -3.75
C LYS G 143 -11.70 -10.51 -4.56
N SER G 144 -11.94 -11.73 -4.08
CA SER G 144 -11.51 -12.92 -4.81
C SER G 144 -12.23 -13.04 -6.14
N GLY G 145 -13.54 -12.82 -6.15
CA GLY G 145 -14.28 -12.86 -7.40
C GLY G 145 -13.88 -11.74 -8.34
N ALA G 146 -13.63 -10.55 -7.80
CA ALA G 146 -13.19 -9.43 -8.62
C ALA G 146 -11.82 -9.70 -9.24
N ASP G 147 -10.91 -10.29 -8.47
CA ASP G 147 -9.58 -10.60 -8.99
C ASP G 147 -9.65 -11.63 -10.11
N MET G 148 -10.57 -12.60 -9.99
CA MET G 148 -10.74 -13.58 -11.05
C MET G 148 -11.20 -12.92 -12.35
N LEU G 149 -12.16 -12.00 -12.26
CA LEU G 149 -12.65 -11.31 -13.45
C LEU G 149 -11.58 -10.38 -14.02
N LYS G 150 -10.81 -9.73 -13.16
CA LYS G 150 -9.73 -8.88 -13.63
C LYS G 150 -8.61 -9.70 -14.26
N THR G 151 -8.35 -10.89 -13.71
CA THR G 151 -7.37 -11.79 -14.32
C THR G 151 -7.84 -12.24 -15.70
N TRP G 152 -9.12 -12.58 -15.84
CA TRP G 152 -9.66 -12.91 -17.15
C TRP G 152 -9.66 -11.69 -18.06
N GLY G 153 -9.84 -10.49 -17.50
CA GLY G 153 -9.73 -9.27 -18.29
C GLY G 153 -8.33 -8.99 -18.79
N GLY G 154 -7.32 -9.61 -18.20
CA GLY G 154 -5.96 -9.52 -18.70
C GLY G 154 -5.63 -10.66 -19.65
N TYR G 155 -6.25 -11.82 -19.43
CA TYR G 155 -5.98 -12.99 -20.26
C TYR G 155 -6.58 -12.84 -21.65
N ALA G 156 -7.81 -12.30 -21.74
CA ALA G 156 -8.50 -12.26 -23.02
C ALA G 156 -7.76 -11.43 -24.07
N PRO G 157 -7.31 -10.20 -23.79
CA PRO G 157 -6.51 -9.50 -24.81
C PRO G 157 -5.14 -10.13 -25.03
N ALA G 158 -4.56 -10.76 -24.02
CA ALA G 158 -3.26 -11.40 -24.19
C ALA G 158 -3.34 -12.57 -25.16
N PHE G 159 -4.39 -13.40 -25.04
CA PHE G 159 -4.55 -14.52 -25.95
C PHE G 159 -5.07 -14.08 -27.31
N GLY G 160 -5.81 -12.96 -27.36
CA GLY G 160 -6.15 -12.38 -28.64
C GLY G 160 -4.91 -11.88 -29.38
N MET G 161 -3.97 -11.30 -28.63
CA MET G 161 -2.70 -10.91 -29.23
C MET G 161 -1.92 -12.13 -29.73
N VAL G 162 -1.97 -13.23 -28.98
CA VAL G 162 -1.31 -14.46 -29.41
C VAL G 162 -1.94 -14.96 -30.71
N GLY G 163 -3.27 -14.93 -30.80
CA GLY G 163 -3.93 -15.32 -32.03
C GLY G 163 -3.63 -14.40 -33.19
N THR G 164 -3.48 -13.10 -32.89
CA THR G 164 -3.07 -12.15 -33.93
C THR G 164 -1.66 -12.45 -34.41
N LEU G 165 -0.74 -12.75 -33.49
CA LEU G 165 0.62 -13.08 -33.87
C LEU G 165 0.67 -14.34 -34.72
N ILE G 166 -0.15 -15.33 -34.38
CA ILE G 166 -0.20 -16.57 -35.15
C ILE G 166 -0.66 -16.28 -36.58
N GLY G 167 -1.67 -15.44 -36.74
CA GLY G 167 -2.13 -15.08 -38.07
C GLY G 167 -1.10 -14.32 -38.87
N LEU G 168 -0.36 -13.42 -38.22
CA LEU G 168 0.70 -12.68 -38.90
C LEU G 168 1.84 -13.60 -39.32
N ILE G 169 2.25 -14.50 -38.42
CA ILE G 169 3.36 -15.41 -38.73
C ILE G 169 2.97 -16.34 -39.85
N GLN G 170 1.73 -16.85 -39.84
CA GLN G 170 1.25 -17.70 -40.91
C GLN G 170 1.22 -16.96 -42.25
N MET G 171 0.82 -15.69 -42.22
CA MET G 171 0.73 -14.91 -43.46
C MET G 171 2.10 -14.70 -44.08
N LEU G 172 3.11 -14.43 -43.25
CA LEU G 172 4.47 -14.22 -43.77
C LEU G 172 5.02 -15.49 -44.40
N ALA G 173 4.74 -16.65 -43.80
CA ALA G 173 5.22 -17.90 -44.37
C ALA G 173 4.59 -18.15 -45.75
N ASN G 174 3.29 -17.92 -45.87
CA ASN G 174 2.59 -18.10 -47.15
C ASN G 174 2.37 -16.75 -47.83
N LEU G 175 3.49 -16.10 -48.19
CA LEU G 175 3.45 -14.80 -48.85
C LEU G 175 3.47 -15.02 -50.35
N THR G 176 2.31 -14.91 -50.99
CA THR G 176 2.18 -15.14 -52.43
C THR G 176 1.66 -13.93 -53.17
N ASP G 177 0.59 -13.31 -52.70
CA ASP G 177 -0.03 -12.18 -53.36
C ASP G 177 0.12 -10.93 -52.49
N SER G 178 0.64 -9.85 -53.10
CA SER G 178 0.84 -8.61 -52.36
C SER G 178 -0.46 -7.84 -52.14
N SER G 179 -1.51 -8.15 -52.91
CA SER G 179 -2.79 -7.49 -52.74
C SER G 179 -3.63 -8.09 -51.62
N THR G 180 -3.23 -9.23 -51.07
CA THR G 180 -3.95 -9.86 -49.98
C THR G 180 -3.22 -9.74 -48.65
N ILE G 181 -2.13 -8.98 -48.60
CA ILE G 181 -1.37 -8.84 -47.36
C ILE G 181 -2.18 -8.05 -46.33
N ALA G 182 -2.79 -6.95 -46.76
CA ALA G 182 -3.58 -6.13 -45.84
C ALA G 182 -4.89 -6.82 -45.46
N SER G 183 -5.45 -7.63 -46.36
CA SER G 183 -6.63 -8.40 -46.00
C SER G 183 -6.33 -9.39 -44.88
N GLY G 184 -5.19 -10.08 -44.96
CA GLY G 184 -4.77 -10.93 -43.87
C GLY G 184 -4.35 -10.16 -42.63
N MET G 185 -3.91 -8.91 -42.81
CA MET G 185 -3.64 -8.04 -41.66
C MET G 185 -4.89 -7.83 -40.82
N GLY G 186 -6.00 -7.48 -41.47
CA GLY G 186 -7.23 -7.22 -40.73
C GLY G 186 -7.89 -8.48 -40.21
N LYS G 187 -7.74 -9.59 -40.92
CA LYS G 187 -8.31 -10.85 -40.46
C LYS G 187 -7.60 -11.36 -39.21
N ALA G 188 -6.28 -11.17 -39.12
CA ALA G 188 -5.54 -11.57 -37.94
C ALA G 188 -5.83 -10.67 -36.75
N LEU G 189 -6.29 -9.45 -36.98
CA LEU G 189 -6.61 -8.52 -35.90
C LEU G 189 -7.94 -8.83 -35.22
N ILE G 190 -8.72 -9.77 -35.75
CA ILE G 190 -10.01 -10.09 -35.17
C ILE G 190 -9.85 -10.67 -33.76
N THR G 191 -8.81 -11.47 -33.55
CA THR G 191 -8.58 -12.06 -32.24
C THR G 191 -8.32 -10.98 -31.19
N THR G 192 -7.52 -9.97 -31.54
CA THR G 192 -7.27 -8.87 -30.61
C THR G 192 -8.54 -8.08 -30.34
N PHE G 193 -9.35 -7.87 -31.38
CA PHE G 193 -10.63 -7.18 -31.18
C PHE G 193 -11.55 -7.95 -30.25
N TYR G 194 -11.59 -9.28 -30.39
CA TYR G 194 -12.37 -10.10 -29.48
C TYR G 194 -11.85 -10.01 -28.05
N GLY G 195 -10.53 -10.04 -27.88
CA GLY G 195 -9.96 -10.01 -26.54
C GLY G 195 -10.19 -8.68 -25.84
N SER G 196 -10.02 -7.57 -26.55
CA SER G 196 -10.24 -6.27 -25.95
C SER G 196 -11.73 -6.01 -25.71
N LEU G 197 -12.59 -6.52 -26.58
CA LEU G 197 -14.03 -6.35 -26.39
C LEU G 197 -14.53 -7.13 -25.18
N MET G 198 -14.04 -8.36 -25.00
CA MET G 198 -14.45 -9.15 -23.86
C MET G 198 -13.89 -8.61 -22.56
N ALA G 199 -12.67 -8.06 -22.60
CA ALA G 199 -12.07 -7.49 -21.40
C ALA G 199 -12.79 -6.21 -20.99
N ASN G 200 -13.04 -5.31 -21.93
CA ASN G 200 -13.53 -3.98 -21.61
C ASN G 200 -15.04 -3.90 -21.50
N ALA G 201 -15.78 -4.85 -22.07
CA ALA G 201 -17.23 -4.85 -21.97
C ALA G 201 -17.80 -5.87 -21.00
N VAL G 202 -17.00 -6.87 -20.61
CA VAL G 202 -17.52 -7.91 -19.72
C VAL G 202 -16.66 -8.02 -18.45
N PHE G 203 -15.39 -8.39 -18.61
CA PHE G 203 -14.61 -8.84 -17.47
C PHE G 203 -14.19 -7.70 -16.56
N ASN G 204 -13.55 -6.67 -17.13
CA ASN G 204 -13.09 -5.55 -16.32
C ASN G 204 -14.23 -4.78 -15.66
N PRO G 205 -15.30 -4.38 -16.37
CA PRO G 205 -16.40 -3.70 -15.68
C PRO G 205 -17.10 -4.55 -14.64
N MET G 206 -17.20 -5.87 -14.84
CA MET G 206 -17.83 -6.72 -13.84
C MET G 206 -16.94 -6.92 -12.62
N GLY G 207 -15.63 -6.97 -12.82
CA GLY G 207 -14.73 -7.05 -11.69
C GLY G 207 -14.73 -5.79 -10.86
N ALA G 208 -14.76 -4.63 -11.53
CA ALA G 208 -14.89 -3.37 -10.81
C ALA G 208 -16.25 -3.24 -10.14
N ASN G 209 -17.28 -3.84 -10.74
CA ASN G 209 -18.61 -3.84 -10.12
C ASN G 209 -18.59 -4.57 -8.79
N LEU G 210 -17.91 -5.71 -8.71
CA LEU G 210 -17.81 -6.44 -7.46
C LEU G 210 -17.04 -5.66 -6.41
N MET G 211 -15.96 -4.99 -6.83
CA MET G 211 -15.17 -4.19 -5.89
C MET G 211 -15.97 -3.04 -5.32
N PHE G 212 -16.75 -2.36 -6.16
CA PHE G 212 -17.57 -1.26 -5.70
C PHE G 212 -18.70 -1.76 -4.80
N LYS G 213 -19.33 -2.87 -5.18
CA LYS G 213 -20.42 -3.43 -4.38
C LYS G 213 -19.92 -3.90 -3.03
N SER G 214 -18.67 -4.38 -2.96
CA SER G 214 -18.08 -4.76 -1.68
C SER G 214 -17.96 -3.57 -0.75
N GLY G 215 -17.49 -2.42 -1.27
CA GLY G 215 -17.33 -1.25 -0.44
C GLY G 215 -18.65 -0.70 0.06
N VAL G 216 -19.68 -0.74 -0.78
CA VAL G 216 -21.00 -0.28 -0.35
C VAL G 216 -21.54 -1.17 0.77
N GLU G 217 -21.37 -2.49 0.62
CA GLU G 217 -21.82 -3.41 1.66
C GLU G 217 -21.02 -3.21 2.95
N ALA G 218 -19.70 -3.05 2.82
CA ALA G 218 -18.86 -2.92 4.01
C ALA G 218 -19.23 -1.68 4.82
N THR G 219 -19.57 -0.59 4.14
CA THR G 219 -19.99 0.62 4.84
C THR G 219 -21.30 0.38 5.59
N THR G 220 -22.26 -0.30 4.96
CA THR G 220 -23.53 -0.58 5.62
C THR G 220 -23.36 -1.53 6.80
N ARG G 221 -22.51 -2.55 6.66
CA ARG G 221 -22.28 -3.48 7.76
C ARG G 221 -21.61 -2.77 8.93
N GLU G 222 -20.63 -1.90 8.65
CA GLU G 222 -19.99 -1.14 9.72
C GLU G 222 -20.97 -0.19 10.37
N MET G 223 -21.86 0.41 9.59
CA MET G 223 -22.90 1.27 10.15
C MET G 223 -23.84 0.47 11.04
N VAL G 224 -24.22 -0.74 10.62
CA VAL G 224 -25.07 -1.60 11.43
C VAL G 224 -24.34 -2.04 12.69
N LEU G 225 -23.06 -2.41 12.55
CA LEU G 225 -22.27 -2.79 13.71
C LEU G 225 -22.14 -1.65 14.71
N GLU G 226 -21.96 -0.43 14.20
CA GLU G 226 -21.89 0.74 15.07
C GLU G 226 -23.20 0.96 15.82
N GLY G 227 -24.33 0.79 15.13
CA GLY G 227 -25.61 0.91 15.81
C GLY G 227 -25.86 -0.20 16.81
N VAL G 228 -25.45 -1.42 16.48
CA VAL G 228 -25.65 -2.56 17.39
C VAL G 228 -24.84 -2.36 18.67
N LEU G 229 -23.60 -1.91 18.55
CA LEU G 229 -22.77 -1.68 19.72
C LEU G 229 -23.30 -0.53 20.57
N ALA G 230 -23.89 0.48 19.94
CA ALA G 230 -24.47 1.59 20.69
C ALA G 230 -25.77 1.21 21.39
N ILE G 231 -26.48 0.20 20.89
CA ILE G 231 -27.66 -0.29 21.60
C ILE G 231 -27.28 -1.01 22.88
N GLN G 232 -26.24 -1.85 22.81
CA GLN G 232 -25.80 -2.58 23.99
C GLN G 232 -25.31 -1.63 25.08
N SER G 233 -24.25 -0.89 24.79
CA SER G 233 -23.80 0.19 25.67
C SER G 233 -24.74 1.35 25.45
N GLY G 234 -25.85 1.34 26.19
CA GLY G 234 -26.95 2.26 25.95
C GLY G 234 -26.56 3.72 25.86
N VAL G 235 -26.72 4.30 24.66
CA VAL G 235 -26.44 5.69 24.42
C VAL G 235 -27.77 6.41 24.18
N ASN G 236 -27.75 7.72 24.33
CA ASN G 236 -28.94 8.52 24.06
C ASN G 236 -29.29 8.44 22.58
N PRO G 237 -30.58 8.49 22.24
CA PRO G 237 -30.96 8.51 20.82
C PRO G 237 -30.35 9.65 20.04
N ARG G 238 -30.11 10.79 20.68
CA ARG G 238 -29.42 11.89 20.01
C ARG G 238 -27.99 11.49 19.65
N ILE G 239 -27.30 10.83 20.58
CA ILE G 239 -25.93 10.40 20.31
C ILE G 239 -25.91 9.29 19.26
N MET G 240 -26.86 8.36 19.33
CA MET G 240 -26.94 7.30 18.33
C MET G 240 -27.18 7.87 16.94
N GLU G 241 -28.11 8.82 16.83
CA GLU G 241 -28.35 9.45 15.53
C GLU G 241 -27.12 10.20 15.05
N GLU G 242 -26.51 10.99 15.93
CA GLU G 242 -25.35 11.79 15.54
C GLU G 242 -24.18 10.89 15.12
N LYS G 243 -24.00 9.77 15.80
CA LYS G 243 -22.96 8.83 15.44
C LYS G 243 -23.23 8.19 14.08
N LEU G 244 -24.49 7.82 13.81
CA LEU G 244 -24.84 7.12 12.58
C LEU G 244 -25.05 8.07 11.40
N VAL G 245 -25.32 9.35 11.65
CA VAL G 245 -25.45 10.32 10.56
C VAL G 245 -24.15 10.45 9.79
N SER G 246 -23.01 10.22 10.45
CA SER G 246 -21.72 10.37 9.81
C SER G 246 -21.58 9.46 8.59
N TYR G 247 -22.29 8.33 8.57
CA TYR G 247 -22.20 7.41 7.45
C TYR G 247 -22.97 7.92 6.22
N LEU G 248 -23.85 8.89 6.40
CA LEU G 248 -24.66 9.40 5.31
C LEU G 248 -23.95 10.54 4.58
N SER G 249 -24.20 10.61 3.27
CA SER G 249 -23.72 11.73 2.48
C SER G 249 -24.56 12.97 2.79
N PRO G 250 -24.05 14.15 2.48
CA PRO G 250 -24.81 15.38 2.72
C PRO G 250 -26.19 15.36 2.07
N PRO G 251 -26.33 14.84 0.83
CA PRO G 251 -27.70 14.68 0.30
C PRO G 251 -28.56 13.73 1.13
N GLU G 252 -27.97 12.67 1.69
CA GLU G 252 -28.75 11.73 2.48
C GLU G 252 -29.18 12.32 3.81
N ARG G 253 -28.39 13.22 4.38
CA ARG G 253 -28.73 13.82 5.66
C ARG G 253 -29.99 14.66 5.56
N GLN G 254 -30.15 15.41 4.47
CA GLN G 254 -31.37 16.19 4.28
C GLN G 254 -32.58 15.28 4.13
N ALA G 255 -32.44 14.18 3.38
CA ALA G 255 -33.54 13.24 3.23
C ALA G 255 -33.91 12.61 4.58
N TYR G 256 -32.91 12.27 5.38
CA TYR G 256 -33.18 11.72 6.71
C TYR G 256 -33.79 12.76 7.64
N SER G 257 -33.38 14.02 7.51
CA SER G 257 -33.84 15.05 8.44
C SER G 257 -35.34 15.27 8.34
N LYS G 258 -35.91 15.17 7.12
CA LYS G 258 -37.34 15.36 6.96
C LYS G 258 -38.13 14.29 7.72
N VAL G 259 -37.76 13.03 7.55
CA VAL G 259 -38.43 11.96 8.28
C VAL G 259 -38.09 12.00 9.76
N GLN G 260 -36.81 12.18 10.09
CA GLN G 260 -36.36 12.21 11.48
C GLN G 260 -35.33 13.30 11.70
N VAL H 13 6.89 -43.09 48.75
CA VAL H 13 7.55 -44.39 48.69
C VAL H 13 7.99 -44.67 47.25
N PHE H 14 9.29 -44.88 47.07
CA PHE H 14 9.85 -45.17 45.75
C PHE H 14 9.79 -46.67 45.48
N GLU H 15 10.34 -47.06 44.33
CA GLU H 15 10.43 -48.44 43.85
C GLU H 15 9.08 -49.08 43.58
N ASP H 16 7.98 -48.31 43.68
CA ASP H 16 6.67 -48.82 43.32
C ASP H 16 6.39 -48.70 41.82
N ILE H 17 7.30 -48.11 41.06
CA ILE H 17 7.12 -48.02 39.61
C ILE H 17 7.14 -49.41 38.99
N ILE H 18 8.06 -50.26 39.42
CA ILE H 18 8.18 -51.60 38.86
C ILE H 18 6.97 -52.47 39.19
N THR H 19 6.17 -52.08 40.19
CA THR H 19 5.01 -52.88 40.59
C THR H 19 3.76 -52.52 39.81
N LEU H 20 3.65 -51.29 39.32
CA LEU H 20 2.47 -50.86 38.58
C LEU H 20 2.49 -51.44 37.17
N ASP H 21 1.35 -51.33 36.49
CA ASP H 21 1.22 -51.84 35.14
C ASP H 21 1.93 -50.91 34.15
N ASP H 22 2.12 -51.42 32.93
CA ASP H 22 2.88 -50.70 31.92
C ASP H 22 2.21 -49.39 31.52
N VAL H 23 0.88 -49.39 31.42
CA VAL H 23 0.16 -48.19 31.00
C VAL H 23 0.36 -47.07 32.01
N ALA H 24 0.29 -47.41 33.31
CA ALA H 24 0.52 -46.39 34.34
C ALA H 24 1.93 -45.85 34.28
N ILE H 25 2.92 -46.72 34.06
CA ILE H 25 4.30 -46.27 33.92
C ILE H 25 4.47 -45.43 32.66
N GLN H 26 3.78 -45.82 31.58
CA GLN H 26 3.85 -45.05 30.35
C GLN H 26 3.31 -43.64 30.54
N ARG H 27 2.21 -43.51 31.28
CA ARG H 27 1.66 -42.17 31.54
C ARG H 27 2.58 -41.35 32.43
N VAL H 28 3.10 -41.94 33.51
CA VAL H 28 3.97 -41.18 34.40
C VAL H 28 5.32 -40.92 33.75
N LEU H 29 5.71 -41.76 32.79
CA LEU H 29 6.91 -41.47 31.98
C LEU H 29 6.54 -40.68 30.73
N ARG H 30 5.78 -39.62 30.92
CA ARG H 30 5.40 -38.72 29.84
C ARG H 30 5.40 -37.26 30.28
N GLU H 31 5.61 -36.98 31.56
CA GLU H 31 5.68 -35.61 32.06
C GLU H 31 6.81 -35.37 33.03
N VAL H 32 7.60 -36.38 33.37
CA VAL H 32 8.78 -36.20 34.19
C VAL H 32 9.92 -35.69 33.31
N GLU H 33 10.77 -34.85 33.89
CA GLU H 33 11.92 -34.36 33.16
C GLU H 33 12.94 -35.47 32.96
N THR H 34 13.64 -35.42 31.82
CA THR H 34 14.62 -36.45 31.50
C THR H 34 15.90 -36.31 32.32
N LYS H 35 16.07 -35.23 33.07
CA LYS H 35 17.28 -35.02 33.86
C LYS H 35 17.13 -35.61 35.27
N ASP H 36 16.10 -35.20 36.00
CA ASP H 36 15.90 -35.73 37.34
C ASP H 36 15.55 -37.22 37.32
N LEU H 37 14.84 -37.66 36.28
CA LEU H 37 14.59 -39.09 36.13
C LEU H 37 15.90 -39.84 35.92
N ALA H 38 16.81 -39.27 35.14
CA ALA H 38 18.16 -39.83 35.05
C ALA H 38 18.87 -39.73 36.38
N LEU H 39 18.66 -38.64 37.12
CA LEU H 39 19.24 -38.51 38.45
C LEU H 39 18.69 -39.55 39.41
N ALA H 40 17.44 -39.95 39.22
CA ALA H 40 16.80 -40.96 40.07
C ALA H 40 17.03 -42.38 39.58
N LEU H 41 17.79 -42.56 38.50
CA LEU H 41 18.04 -43.89 37.95
C LEU H 41 19.50 -44.31 38.01
N LYS H 42 20.44 -43.38 38.25
CA LYS H 42 21.84 -43.75 38.30
C LYS H 42 22.14 -44.70 39.46
N GLY H 43 21.51 -44.46 40.62
CA GLY H 43 21.68 -45.34 41.76
C GLY H 43 20.78 -46.54 41.78
N SER H 44 19.78 -46.60 40.91
CA SER H 44 18.84 -47.71 40.90
C SER H 44 19.44 -48.90 40.14
N SER H 45 18.86 -50.07 40.38
CA SER H 45 19.33 -51.31 39.78
C SER H 45 18.85 -51.41 38.33
N GLU H 46 19.25 -52.50 37.66
CA GLU H 46 18.90 -52.69 36.27
C GLU H 46 17.42 -53.04 36.09
N GLU H 47 16.83 -53.75 37.04
CA GLU H 47 15.42 -54.09 36.94
C GLU H 47 14.54 -52.84 36.97
N VAL H 48 14.93 -51.85 37.78
CA VAL H 48 14.22 -50.58 37.77
C VAL H 48 14.45 -49.85 36.46
N ALA H 49 15.67 -49.94 35.91
CA ALA H 49 15.94 -49.33 34.62
C ALA H 49 15.18 -50.02 33.50
N ASN H 50 15.03 -51.34 33.60
CA ASN H 50 14.35 -52.09 32.53
C ASN H 50 12.89 -51.69 32.41
N VAL H 51 12.20 -51.52 33.54
CA VAL H 51 10.80 -51.13 33.51
C VAL H 51 10.62 -49.69 33.03
N ILE H 52 11.69 -48.91 33.03
CA ILE H 52 11.62 -47.53 32.55
C ILE H 52 11.85 -47.45 31.04
N PHE H 53 12.80 -48.24 30.52
CA PHE H 53 13.18 -48.11 29.12
C PHE H 53 12.11 -48.66 28.19
N ARG H 54 11.52 -49.81 28.53
CA ARG H 54 10.54 -50.43 27.64
C ARG H 54 9.15 -49.81 27.76
N ASN H 55 8.90 -48.98 28.78
CA ASN H 55 7.66 -48.22 28.88
C ASN H 55 7.83 -46.79 28.41
N GLN H 56 8.71 -46.57 27.43
CA GLN H 56 8.99 -45.25 26.89
C GLN H 56 9.27 -45.37 25.40
N SER H 57 9.12 -44.25 24.71
CA SER H 57 9.39 -44.22 23.28
C SER H 57 10.88 -44.42 23.01
N LYS H 58 11.18 -44.85 21.78
CA LYS H 58 12.58 -45.09 21.41
C LYS H 58 13.39 -43.81 21.50
N ARG H 59 12.84 -42.69 21.03
CA ARG H 59 13.52 -41.42 21.15
C ARG H 59 13.65 -40.98 22.60
N ALA H 60 12.60 -41.20 23.39
CA ALA H 60 12.64 -40.84 24.81
C ALA H 60 13.68 -41.67 25.56
N ALA H 61 13.74 -42.97 25.25
CA ALA H 61 14.74 -43.83 25.88
C ALA H 61 16.15 -43.42 25.49
N SER H 62 16.36 -43.05 24.23
CA SER H 62 17.67 -42.58 23.78
C SER H 62 18.05 -41.29 24.49
N SER H 63 17.08 -40.39 24.69
CA SER H 63 17.35 -39.17 25.44
C SER H 63 17.74 -39.49 26.87
N LEU H 64 17.07 -40.47 27.50
CA LEU H 64 17.42 -40.86 28.86
C LEU H 64 18.81 -41.46 28.92
N LYS H 65 19.17 -42.31 27.96
CA LYS H 65 20.50 -42.92 27.94
C LYS H 65 21.57 -41.85 27.79
N GLU H 66 21.31 -40.83 26.97
CA GLU H 66 22.26 -39.73 26.84
C GLU H 66 22.37 -38.93 28.13
N ASP H 67 21.31 -38.90 28.93
CA ASP H 67 21.31 -38.14 30.18
C ASP H 67 21.85 -38.92 31.37
N ILE H 68 22.07 -40.23 31.23
CA ILE H 68 22.67 -41.01 32.32
C ILE H 68 24.16 -41.21 32.12
N GLU H 69 24.67 -41.13 30.89
CA GLU H 69 26.10 -41.25 30.62
C GLU H 69 26.84 -39.93 30.74
N PHE H 70 26.12 -38.82 30.96
CA PHE H 70 26.72 -37.51 31.07
C PHE H 70 26.10 -36.72 32.22
N LEU H 71 25.89 -37.40 33.35
CA LEU H 71 25.36 -36.73 34.54
C LEU H 71 26.46 -36.22 35.46
N GLY H 72 27.61 -36.88 35.49
CA GLY H 72 28.70 -36.47 36.34
C GLY H 72 28.53 -36.96 37.76
N PRO H 73 29.54 -36.73 38.60
CA PRO H 73 29.45 -37.14 40.02
C PRO H 73 28.64 -36.12 40.81
N VAL H 74 27.57 -36.60 41.46
CA VAL H 74 26.71 -35.76 42.28
C VAL H 74 26.61 -36.39 43.66
N ARG H 75 26.32 -35.56 44.66
CA ARG H 75 26.22 -36.04 46.03
C ARG H 75 24.91 -36.77 46.25
N ILE H 76 24.82 -37.47 47.39
CA ILE H 76 23.62 -38.20 47.78
C ILE H 76 22.65 -37.23 48.43
N MET H 77 21.42 -37.70 48.67
CA MET H 77 20.31 -37.05 49.36
C MET H 77 19.62 -36.03 48.46
N ASP H 78 20.20 -35.66 47.32
CA ASP H 78 19.47 -34.86 46.34
C ASP H 78 18.76 -35.73 45.31
N VAL H 79 19.21 -36.98 45.14
CA VAL H 79 18.49 -37.93 44.29
C VAL H 79 17.12 -38.23 44.90
N GLU H 80 17.07 -38.36 46.22
CA GLU H 80 15.79 -38.61 46.89
C GLU H 80 14.81 -37.47 46.67
N LYS H 81 15.31 -36.25 46.50
CA LYS H 81 14.42 -35.14 46.14
C LYS H 81 13.77 -35.39 44.78
N ALA H 82 14.54 -35.86 43.80
CA ALA H 82 13.95 -36.25 42.53
C ALA H 82 13.05 -37.48 42.70
N GLN H 83 13.49 -38.45 43.50
CA GLN H 83 12.68 -39.65 43.71
C GLN H 83 11.37 -39.31 44.43
N GLN H 84 11.43 -38.47 45.47
CA GLN H 84 10.21 -38.04 46.13
C GLN H 84 9.35 -37.21 45.19
N GLY H 85 9.96 -36.35 44.38
CA GLY H 85 9.21 -35.62 43.38
C GLY H 85 8.56 -36.54 42.35
N ILE H 86 9.30 -37.56 41.92
CA ILE H 86 8.73 -38.54 40.98
C ILE H 86 7.57 -39.28 41.64
N VAL H 87 7.74 -39.69 42.89
CA VAL H 87 6.65 -40.34 43.62
C VAL H 87 5.49 -39.37 43.80
N SER H 88 5.78 -38.09 44.11
CA SER H 88 4.73 -37.10 44.27
C SER H 88 3.94 -36.91 42.99
N ILE H 89 4.56 -37.16 41.84
CA ILE H 89 3.83 -37.11 40.57
C ILE H 89 2.76 -38.21 40.54
N ILE H 90 3.09 -39.40 41.03
CA ILE H 90 2.10 -40.47 41.11
C ILE H 90 0.99 -40.08 42.09
N ARG H 91 1.35 -39.38 43.17
CA ARG H 91 0.35 -38.99 44.15
C ARG H 91 -0.69 -38.03 43.56
N ARG H 92 -0.25 -37.07 42.76
CA ARG H 92 -1.18 -36.09 42.22
C ARG H 92 -2.06 -36.68 41.13
N LEU H 93 -1.59 -37.73 40.44
CA LEU H 93 -2.44 -38.44 39.50
C LEU H 93 -3.28 -39.52 40.16
N ASP H 94 -3.07 -39.79 41.46
CA ASP H 94 -3.92 -40.74 42.16
C ASP H 94 -5.36 -40.23 42.26
N GLU H 95 -5.54 -38.90 42.22
CA GLU H 95 -6.86 -38.28 42.21
C GLU H 95 -7.28 -37.88 40.80
N ALA H 96 -6.90 -38.66 39.79
CA ALA H 96 -7.21 -38.37 38.41
C ALA H 96 -7.57 -39.69 37.72
N GLY H 97 -7.58 -39.66 36.38
CA GLY H 97 -7.93 -40.87 35.64
C GLY H 97 -6.97 -42.02 35.86
N GLU H 98 -5.72 -41.72 36.22
CA GLU H 98 -4.76 -42.77 36.52
C GLU H 98 -5.15 -43.50 37.80
N ILE H 99 -4.78 -44.78 37.86
CA ILE H 99 -5.08 -45.64 39.00
C ILE H 99 -3.81 -46.32 39.48
N VAL H 100 -3.84 -46.75 40.74
CA VAL H 100 -2.70 -47.45 41.34
C VAL H 100 -2.97 -48.94 41.40
N VAL I 13 -29.32 20.06 50.44
CA VAL I 13 -30.45 19.39 49.81
C VAL I 13 -30.57 19.81 48.35
N PHE I 14 -31.38 19.07 47.59
CA PHE I 14 -31.56 19.37 46.18
C PHE I 14 -32.37 20.64 45.95
N GLU I 15 -33.12 21.11 46.96
CA GLU I 15 -33.93 22.31 46.82
C GLU I 15 -33.11 23.59 46.92
N ASP I 16 -31.82 23.48 47.21
CA ASP I 16 -30.94 24.65 47.29
C ASP I 16 -30.31 25.00 45.95
N ILE I 17 -30.63 24.26 44.88
CA ILE I 17 -30.07 24.54 43.57
C ILE I 17 -30.60 25.84 42.99
N ILE I 18 -31.78 26.30 43.44
CA ILE I 18 -32.35 27.54 42.91
C ILE I 18 -31.49 28.74 43.30
N THR I 19 -31.03 28.78 44.55
CA THR I 19 -30.28 29.93 45.05
C THR I 19 -28.91 30.06 44.40
N LEU I 20 -28.42 29.03 43.71
CA LEU I 20 -27.11 29.07 43.09
C LEU I 20 -27.11 29.99 41.87
N ASP I 21 -25.93 30.49 41.54
CA ASP I 21 -25.78 31.36 40.38
C ASP I 21 -25.84 30.56 39.09
N ASP I 22 -26.18 31.25 38.00
CA ASP I 22 -26.35 30.58 36.72
C ASP I 22 -25.06 29.93 36.22
N VAL I 23 -23.91 30.53 36.53
CA VAL I 23 -22.64 29.98 36.09
C VAL I 23 -22.33 28.68 36.82
N ALA I 24 -22.62 28.61 38.12
CA ALA I 24 -22.33 27.41 38.89
C ALA I 24 -23.26 26.26 38.50
N ILE I 25 -24.53 26.56 38.23
CA ILE I 25 -25.48 25.52 37.86
C ILE I 25 -25.15 24.94 36.50
N GLN I 26 -24.67 25.79 35.57
CA GLN I 26 -24.41 25.32 34.21
C GLN I 26 -23.32 24.25 34.18
N ARG I 27 -22.30 24.41 35.03
CA ARG I 27 -21.20 23.45 35.04
C ARG I 27 -21.67 22.08 35.51
N VAL I 28 -22.40 22.04 36.63
CA VAL I 28 -22.81 20.75 37.19
C VAL I 28 -23.90 20.10 36.36
N LEU I 29 -24.68 20.90 35.63
CA LEU I 29 -25.79 20.33 34.85
C LEU I 29 -25.28 19.43 33.73
N ARG I 30 -24.23 19.84 33.03
CA ARG I 30 -23.66 19.01 31.99
C ARG I 30 -22.80 17.87 32.53
N GLU I 31 -22.54 17.87 33.84
CA GLU I 31 -21.84 16.76 34.49
C GLU I 31 -22.80 15.67 34.96
N VAL I 32 -23.98 16.07 35.45
CA VAL I 32 -24.95 15.10 35.95
C VAL I 32 -25.59 14.38 34.77
N GLU I 33 -25.66 13.06 34.85
CA GLU I 33 -26.27 12.26 33.80
C GLU I 33 -27.76 12.60 33.67
N THR I 34 -28.26 12.53 32.44
CA THR I 34 -29.66 12.87 32.19
C THR I 34 -30.61 11.95 32.96
N LYS I 35 -30.27 10.66 33.08
CA LYS I 35 -31.08 9.75 33.87
C LYS I 35 -31.06 10.13 35.34
N ASP I 36 -29.87 10.47 35.87
CA ASP I 36 -29.76 10.88 37.27
C ASP I 36 -30.53 12.18 37.50
N LEU I 37 -30.38 13.15 36.60
CA LEU I 37 -31.11 14.41 36.73
C LEU I 37 -32.61 14.18 36.64
N ALA I 38 -33.05 13.31 35.74
CA ALA I 38 -34.48 13.01 35.64
C ALA I 38 -34.99 12.31 36.89
N LEU I 39 -34.19 11.40 37.46
CA LEU I 39 -34.61 10.67 38.65
C LEU I 39 -34.75 11.58 39.86
N ALA I 40 -33.92 12.63 39.93
CA ALA I 40 -33.94 13.54 41.06
C ALA I 40 -34.89 14.72 40.87
N LEU I 41 -35.50 14.88 39.69
CA LEU I 41 -36.38 16.00 39.42
C LEU I 41 -37.84 15.69 39.71
N LYS I 42 -38.19 14.43 39.99
CA LYS I 42 -39.57 14.10 40.33
C LYS I 42 -39.92 14.52 41.75
N GLY I 43 -38.95 14.46 42.67
CA GLY I 43 -39.17 14.87 44.04
C GLY I 43 -39.07 16.36 44.29
N SER I 44 -38.78 17.14 43.26
CA SER I 44 -38.65 18.59 43.37
C SER I 44 -39.83 19.28 42.71
N SER I 45 -40.06 20.54 43.09
CA SER I 45 -41.16 21.31 42.57
C SER I 45 -40.87 21.76 41.13
N GLU I 46 -41.87 22.37 40.50
CA GLU I 46 -41.72 22.86 39.13
C GLU I 46 -40.73 24.01 39.07
N GLU I 47 -40.66 24.85 40.11
CA GLU I 47 -39.72 25.96 40.10
C GLU I 47 -38.28 25.48 40.06
N VAL I 48 -38.00 24.31 40.63
CA VAL I 48 -36.65 23.77 40.59
C VAL I 48 -36.25 23.45 39.15
N ALA I 49 -37.17 22.86 38.38
CA ALA I 49 -36.86 22.51 37.00
C ALA I 49 -36.60 23.74 36.14
N ASN I 50 -37.19 24.89 36.49
CA ASN I 50 -36.97 26.10 35.70
C ASN I 50 -35.53 26.55 35.78
N VAL I 51 -34.92 26.50 36.96
CA VAL I 51 -33.51 26.87 37.09
C VAL I 51 -32.61 25.82 36.43
N ILE I 52 -33.13 24.62 36.20
CA ILE I 52 -32.38 23.58 35.49
C ILE I 52 -32.56 23.70 33.99
N PHE I 53 -33.78 23.99 33.54
CA PHE I 53 -34.04 24.14 32.12
C PHE I 53 -33.26 25.31 31.53
N ARG I 54 -33.21 26.43 32.26
CA ARG I 54 -32.54 27.62 31.74
C ARG I 54 -31.03 27.46 31.69
N ASN I 55 -30.45 26.73 32.64
CA ASN I 55 -29.01 26.55 32.72
C ASN I 55 -28.51 25.39 31.88
N GLN I 56 -29.28 24.99 30.86
CA GLN I 56 -28.90 23.93 29.95
C GLN I 56 -29.19 24.37 28.53
N SER I 57 -28.49 23.75 27.58
CA SER I 57 -28.73 24.04 26.17
C SER I 57 -30.11 23.53 25.77
N LYS I 58 -30.58 24.00 24.60
CA LYS I 58 -31.88 23.58 24.11
C LYS I 58 -31.91 22.07 23.85
N ARG I 59 -30.83 21.53 23.28
CA ARG I 59 -30.77 20.09 23.05
C ARG I 59 -30.71 19.30 24.36
N ALA I 60 -29.90 19.76 25.31
CA ALA I 60 -29.81 19.06 26.59
C ALA I 60 -31.13 19.13 27.35
N ALA I 61 -31.78 20.29 27.35
CA ALA I 61 -33.08 20.42 28.00
C ALA I 61 -34.13 19.55 27.31
N SER I 62 -34.11 19.51 25.98
CA SER I 62 -35.08 18.70 25.25
C SER I 62 -34.94 17.21 25.60
N SER I 63 -33.70 16.74 25.71
CA SER I 63 -33.48 15.35 26.16
C SER I 63 -34.00 15.15 27.57
N LEU I 64 -33.89 16.16 28.41
CA LEU I 64 -34.40 16.06 29.77
C LEU I 64 -35.93 16.02 29.79
N LYS I 65 -36.57 16.74 28.86
CA LYS I 65 -38.02 16.77 28.82
C LYS I 65 -38.60 15.39 28.55
N GLU I 66 -38.03 14.66 27.59
CA GLU I 66 -38.53 13.33 27.27
C GLU I 66 -38.10 12.29 28.30
N ASP I 67 -36.98 12.52 28.98
CA ASP I 67 -36.48 11.54 29.94
C ASP I 67 -37.33 11.55 31.22
N ILE I 68 -37.72 12.74 31.69
CA ILE I 68 -38.56 12.81 32.88
C ILE I 68 -39.95 12.26 32.60
N GLU I 69 -40.49 12.54 31.41
CA GLU I 69 -41.87 12.16 31.10
C GLU I 69 -42.01 10.67 30.82
N PHE I 70 -41.03 10.06 30.16
CA PHE I 70 -41.10 8.66 29.75
C PHE I 70 -40.28 7.76 30.66
N LEU I 71 -40.23 8.06 31.96
CA LEU I 71 -39.54 7.22 32.92
C LEU I 71 -40.48 6.33 33.72
N GLY I 72 -41.71 6.77 33.95
CA GLY I 72 -42.69 5.98 34.66
C GLY I 72 -42.71 6.31 36.14
N PRO I 73 -43.80 5.94 36.83
CA PRO I 73 -43.90 6.18 38.27
C PRO I 73 -42.85 5.39 39.02
N VAL I 74 -41.96 6.10 39.70
CA VAL I 74 -40.81 5.50 40.37
C VAL I 74 -41.01 5.62 41.88
N ARG I 75 -40.37 4.70 42.61
CA ARG I 75 -40.49 4.69 44.06
C ARG I 75 -39.88 5.95 44.67
N ILE I 76 -40.41 6.35 45.82
CA ILE I 76 -39.97 7.56 46.49
C ILE I 76 -38.49 7.45 46.87
N MET I 77 -38.07 6.26 47.30
CA MET I 77 -36.67 6.08 47.71
C MET I 77 -35.72 6.31 46.54
N ASP I 78 -36.08 5.84 45.35
CA ASP I 78 -35.20 5.98 44.20
C ASP I 78 -34.96 7.44 43.85
N VAL I 79 -35.96 8.30 44.06
CA VAL I 79 -35.76 9.72 43.88
C VAL I 79 -34.78 10.27 44.91
N GLU I 80 -34.88 9.77 46.15
CA GLU I 80 -34.03 10.27 47.23
C GLU I 80 -32.55 10.02 46.92
N LYS I 81 -32.22 8.82 46.45
CA LYS I 81 -30.82 8.48 46.21
C LYS I 81 -30.25 9.27 45.03
N ALA I 82 -31.08 9.64 44.06
CA ALA I 82 -30.60 10.41 42.92
C ALA I 82 -30.16 11.80 43.34
N GLN I 83 -30.91 12.43 44.25
CA GLN I 83 -30.57 13.79 44.69
C GLN I 83 -29.22 13.84 45.40
N GLN I 84 -28.83 12.75 46.05
CA GLN I 84 -27.53 12.71 46.73
C GLN I 84 -26.39 12.86 45.73
N GLY I 85 -26.50 12.22 44.57
CA GLY I 85 -25.45 12.33 43.56
C GLY I 85 -25.28 13.76 43.07
N ILE I 86 -26.39 14.46 42.82
CA ILE I 86 -26.32 15.83 42.37
C ILE I 86 -25.85 16.74 43.50
N VAL I 87 -26.39 16.55 44.70
CA VAL I 87 -26.06 17.44 45.81
C VAL I 87 -24.64 17.22 46.31
N SER I 88 -24.03 16.06 46.03
CA SER I 88 -22.66 15.82 46.43
C SER I 88 -21.65 16.31 45.40
N ILE I 89 -22.05 16.46 44.14
CA ILE I 89 -21.15 16.99 43.12
C ILE I 89 -20.80 18.44 43.44
N ILE I 90 -21.80 19.24 43.84
CA ILE I 90 -21.54 20.62 44.21
C ILE I 90 -20.80 20.72 45.54
N ARG I 91 -20.83 19.67 46.36
CA ARG I 91 -20.16 19.70 47.64
C ARG I 91 -18.64 19.76 47.47
N ARG I 92 -18.10 18.93 46.59
CA ARG I 92 -16.66 18.99 46.30
C ARG I 92 -16.30 20.17 45.42
N LEU I 93 -17.24 20.64 44.61
CA LEU I 93 -17.01 21.80 43.74
C LEU I 93 -17.06 23.12 44.48
N ASP I 94 -17.41 23.10 45.77
CA ASP I 94 -17.51 24.35 46.53
C ASP I 94 -16.16 25.06 46.61
N GLU I 95 -15.08 24.32 46.85
CA GLU I 95 -13.75 24.88 46.91
C GLU I 95 -13.00 24.82 45.59
N ALA I 96 -13.55 24.12 44.59
CA ALA I 96 -12.88 23.99 43.30
C ALA I 96 -12.95 25.24 42.45
N GLY I 97 -13.77 26.23 42.83
CA GLY I 97 -13.89 27.44 42.05
C GLY I 97 -15.30 27.98 42.00
N GLU I 98 -16.27 27.11 42.27
CA GLU I 98 -17.66 27.53 42.32
C GLU I 98 -17.90 28.38 43.56
N ILE I 99 -18.64 29.48 43.40
CA ILE I 99 -18.94 30.40 44.48
C ILE I 99 -20.38 30.18 44.92
N VAL I 100 -20.58 29.97 46.22
CA VAL I 100 -21.91 29.74 46.77
C VAL I 100 -22.29 30.89 47.70
N VAL J 13 2.69 36.26 55.38
CA VAL J 13 2.87 35.52 54.15
C VAL J 13 2.93 36.47 52.96
N PHE J 14 3.74 36.10 51.96
CA PHE J 14 3.82 36.81 50.69
C PHE J 14 4.27 38.26 50.85
N GLU J 15 5.23 38.52 51.74
CA GLU J 15 5.81 39.84 51.87
C GLU J 15 7.30 39.89 51.61
N ASP J 16 8.04 38.84 51.97
CA ASP J 16 9.49 38.82 51.80
C ASP J 16 9.88 38.16 50.47
N ILE J 17 9.44 38.78 49.39
CA ILE J 17 9.75 38.31 48.05
C ILE J 17 10.61 39.37 47.35
N ILE J 18 10.41 40.64 47.72
CA ILE J 18 11.21 41.72 47.16
C ILE J 18 12.66 41.57 47.60
N THR J 19 12.89 41.27 48.87
CA THR J 19 14.24 41.02 49.36
C THR J 19 14.86 39.82 48.67
N LEU J 20 14.05 38.82 48.34
CA LEU J 20 14.54 37.62 47.66
C LEU J 20 15.23 38.00 46.36
N ASP J 21 16.38 37.37 46.10
CA ASP J 21 17.22 37.74 44.97
C ASP J 21 16.52 37.42 43.65
N ASP J 22 17.00 38.07 42.58
CA ASP J 22 16.38 37.92 41.27
C ASP J 22 16.62 36.54 40.67
N VAL J 23 17.75 35.91 40.99
CA VAL J 23 18.05 34.60 40.42
C VAL J 23 17.13 33.53 41.00
N ALA J 24 16.93 33.54 42.31
CA ALA J 24 16.19 32.47 42.97
C ALA J 24 14.68 32.60 42.77
N ILE J 25 14.16 33.83 42.62
CA ILE J 25 12.72 33.99 42.44
C ILE J 25 12.27 33.36 41.13
N GLN J 26 13.14 33.34 40.12
CA GLN J 26 12.83 32.62 38.89
C GLN J 26 12.76 31.12 39.13
N ARG J 27 13.60 30.61 40.04
CA ARG J 27 13.62 29.17 40.30
C ARG J 27 12.31 28.70 40.93
N VAL J 28 11.80 29.43 41.91
CA VAL J 28 10.56 29.03 42.57
C VAL J 28 9.37 29.16 41.62
N LEU J 29 9.39 30.17 40.74
CA LEU J 29 8.29 30.37 39.80
C LEU J 29 8.11 29.17 38.86
N ARG J 30 9.18 28.41 38.61
CA ARG J 30 9.07 27.25 37.74
C ARG J 30 8.34 26.10 38.42
N GLU J 31 8.22 26.12 39.76
CA GLU J 31 7.47 25.11 40.49
C GLU J 31 5.98 25.47 40.57
N VAL J 32 5.68 26.68 41.03
CA VAL J 32 4.28 27.11 41.14
C VAL J 32 3.71 27.33 39.74
N GLU J 33 2.54 26.75 39.49
CA GLU J 33 1.92 26.83 38.18
C GLU J 33 1.15 28.15 38.04
N THR J 34 0.59 28.36 36.85
CA THR J 34 -0.14 29.59 36.57
C THR J 34 -1.39 29.71 37.45
N LYS J 35 -2.11 28.60 37.64
CA LYS J 35 -3.35 28.65 38.41
C LYS J 35 -3.10 29.05 39.87
N ASP J 36 -2.01 28.54 40.46
CA ASP J 36 -1.69 28.89 41.84
C ASP J 36 -1.14 30.31 41.95
N LEU J 37 -0.28 30.70 41.00
CA LEU J 37 0.31 32.03 41.05
C LEU J 37 -0.75 33.12 40.89
N ALA J 38 -1.68 32.94 39.96
CA ALA J 38 -2.69 33.97 39.73
C ALA J 38 -3.69 34.05 40.87
N LEU J 39 -4.01 32.92 41.50
CA LEU J 39 -4.95 32.92 42.61
C LEU J 39 -4.40 33.71 43.79
N ALA J 40 -3.11 33.58 44.08
CA ALA J 40 -2.50 34.30 45.18
C ALA J 40 -2.26 35.77 44.88
N LEU J 41 -2.16 36.14 43.60
CA LEU J 41 -1.82 37.50 43.24
C LEU J 41 -2.99 38.46 43.28
N LYS J 42 -4.23 37.96 43.38
CA LYS J 42 -5.38 38.86 43.46
C LYS J 42 -5.35 39.67 44.75
N GLY J 43 -5.12 39.02 45.89
CA GLY J 43 -5.02 39.72 47.15
C GLY J 43 -3.59 40.08 47.50
N SER J 44 -2.97 40.93 46.68
CA SER J 44 -1.59 41.33 46.86
C SER J 44 -1.47 42.82 46.58
N SER J 45 -0.24 43.30 46.53
CA SER J 45 0.05 44.70 46.29
C SER J 45 0.50 44.92 44.85
N GLU J 46 0.45 46.18 44.42
CA GLU J 46 0.81 46.51 43.05
C GLU J 46 2.29 46.23 42.78
N GLU J 47 3.16 46.54 43.73
CA GLU J 47 4.59 46.36 43.51
C GLU J 47 5.01 44.90 43.55
N VAL J 48 4.22 44.03 44.17
CA VAL J 48 4.51 42.60 44.11
C VAL J 48 4.28 42.08 42.69
N ALA J 49 3.19 42.51 42.05
CA ALA J 49 2.94 42.13 40.66
C ALA J 49 4.05 42.64 39.75
N ASN J 50 4.52 43.87 40.00
CA ASN J 50 5.66 44.38 39.23
C ASN J 50 6.90 43.51 39.46
N VAL J 51 7.11 43.07 40.69
CA VAL J 51 8.20 42.14 40.96
C VAL J 51 7.96 40.83 40.22
N ILE J 52 6.73 40.32 40.24
CA ILE J 52 6.43 39.08 39.54
C ILE J 52 6.52 39.26 38.03
N PHE J 53 5.96 40.34 37.52
CA PHE J 53 6.03 40.60 36.07
C PHE J 53 7.28 41.40 35.70
N ARG J 54 8.42 40.97 36.26
CA ARG J 54 9.73 41.39 35.77
C ARG J 54 10.76 40.27 35.77
N ASN J 55 10.51 39.17 36.46
CA ASN J 55 11.33 37.96 36.38
C ASN J 55 10.60 36.85 35.63
N GLN J 56 9.63 37.21 34.81
CA GLN J 56 8.91 36.28 33.96
C GLN J 56 9.08 36.69 32.51
N SER J 57 8.69 35.79 31.60
CA SER J 57 8.79 36.08 30.18
C SER J 57 7.85 37.22 29.81
N LYS J 58 8.19 37.90 28.71
CA LYS J 58 7.39 39.05 28.28
C LYS J 58 5.96 38.63 27.92
N ARG J 59 5.82 37.49 27.24
CA ARG J 59 4.50 37.00 26.88
C ARG J 59 3.88 36.11 27.95
N ALA J 60 4.68 35.53 28.85
CA ALA J 60 4.12 34.78 29.96
C ALA J 60 3.42 35.70 30.96
N ALA J 61 3.98 36.89 31.17
CA ALA J 61 3.35 37.86 32.05
C ALA J 61 2.00 38.30 31.49
N SER J 62 1.91 38.49 30.17
CA SER J 62 0.64 38.86 29.56
C SER J 62 -0.41 37.78 29.74
N SER J 63 0.01 36.51 29.81
CA SER J 63 -0.93 35.44 30.08
C SER J 63 -1.53 35.57 31.48
N LEU J 64 -0.72 35.92 32.47
CA LEU J 64 -1.22 36.12 33.82
C LEU J 64 -1.95 37.46 33.98
N LYS J 65 -1.74 38.40 33.05
CA LYS J 65 -2.45 39.68 33.12
C LYS J 65 -3.95 39.47 32.96
N GLU J 66 -4.36 38.61 32.02
CA GLU J 66 -5.76 38.36 31.76
C GLU J 66 -6.35 37.29 32.65
N ASP J 67 -5.53 36.37 33.15
CA ASP J 67 -6.05 35.28 33.98
C ASP J 67 -6.62 35.83 35.28
N ILE J 68 -5.91 36.78 35.90
CA ILE J 68 -6.37 37.33 37.19
C ILE J 68 -7.68 38.07 37.00
N GLU J 69 -7.84 38.75 35.87
CA GLU J 69 -9.09 39.45 35.60
C GLU J 69 -10.24 38.48 35.31
N PHE J 70 -9.93 37.34 34.68
CA PHE J 70 -10.98 36.41 34.26
C PHE J 70 -11.69 35.79 35.47
N LEU J 71 -10.98 35.60 36.58
CA LEU J 71 -11.57 34.93 37.74
C LEU J 71 -12.75 35.73 38.30
N GLY J 72 -12.60 37.04 38.39
CA GLY J 72 -13.65 37.89 38.91
C GLY J 72 -13.96 37.59 40.36
N PRO J 73 -15.25 37.43 40.68
CA PRO J 73 -15.65 37.12 42.06
C PRO J 73 -15.07 35.78 42.50
N VAL J 74 -14.61 35.75 43.76
CA VAL J 74 -13.98 34.57 44.32
C VAL J 74 -13.93 34.74 45.83
N ARG J 75 -14.11 33.63 46.55
CA ARG J 75 -14.01 33.67 48.00
C ARG J 75 -12.63 34.15 48.43
N ILE J 76 -12.60 34.98 49.47
CA ILE J 76 -11.33 35.55 49.92
C ILE J 76 -10.43 34.47 50.52
N MET J 77 -11.01 33.40 51.06
CA MET J 77 -10.21 32.39 51.75
C MET J 77 -9.25 31.67 50.81
N ASP J 78 -9.56 31.63 49.52
CA ASP J 78 -8.66 30.99 48.55
C ASP J 78 -7.36 31.75 48.39
N VAL J 79 -7.31 33.04 48.76
CA VAL J 79 -6.13 33.84 48.53
C VAL J 79 -4.99 33.43 49.46
N GLU J 80 -5.28 33.28 50.76
CA GLU J 80 -4.23 32.99 51.72
C GLU J 80 -3.62 31.61 51.49
N LYS J 81 -4.45 30.60 51.23
CA LYS J 81 -3.91 29.26 51.03
C LYS J 81 -3.00 29.21 49.81
N ALA J 82 -3.38 29.89 48.72
CA ALA J 82 -2.47 30.02 47.59
C ALA J 82 -1.22 30.79 47.97
N GLN J 83 -1.38 31.88 48.73
CA GLN J 83 -0.22 32.63 49.20
C GLN J 83 0.61 31.80 50.16
N GLN J 84 -0.04 31.08 51.08
CA GLN J 84 0.69 30.19 51.98
C GLN J 84 1.35 29.06 51.20
N GLY J 85 0.63 28.50 50.21
CA GLY J 85 1.23 27.45 49.39
C GLY J 85 2.45 27.94 48.63
N ILE J 86 2.40 29.17 48.12
CA ILE J 86 3.58 29.76 47.49
C ILE J 86 4.67 30.00 48.54
N VAL J 87 4.27 30.37 49.75
CA VAL J 87 5.25 30.50 50.84
C VAL J 87 5.80 29.13 51.22
N SER J 88 4.94 28.11 51.22
CA SER J 88 5.37 26.78 51.65
C SER J 88 6.42 26.18 50.71
N ILE J 89 6.23 26.35 49.39
CA ILE J 89 7.15 25.72 48.44
C ILE J 89 8.54 26.34 48.56
N ILE J 90 8.63 27.63 48.84
CA ILE J 90 9.93 28.28 49.01
C ILE J 90 10.70 27.65 50.16
N ARG J 91 10.02 27.41 51.29
CA ARG J 91 10.68 26.84 52.45
C ARG J 91 11.15 25.41 52.18
N ARG J 92 10.33 24.61 51.48
CA ARG J 92 10.67 23.20 51.28
C ARG J 92 11.85 23.02 50.33
N LEU J 93 12.18 24.02 49.52
CA LEU J 93 13.39 24.00 48.71
C LEU J 93 14.40 25.05 49.15
N ASP J 94 14.21 25.62 50.35
CA ASP J 94 15.10 26.66 50.83
C ASP J 94 16.51 26.14 51.11
N GLU J 95 16.68 24.83 51.24
CA GLU J 95 17.99 24.24 51.49
C GLU J 95 18.74 23.91 50.21
N ALA J 96 18.20 24.24 49.04
CA ALA J 96 18.83 23.94 47.77
C ALA J 96 19.93 24.97 47.49
N GLY J 97 20.43 24.98 46.25
CA GLY J 97 21.50 25.88 45.88
C GLY J 97 21.12 27.35 45.90
N GLU J 98 19.81 27.65 45.81
CA GLU J 98 19.38 29.04 45.83
C GLU J 98 19.54 29.64 47.21
N ILE J 99 19.74 30.96 47.25
CA ILE J 99 19.97 31.65 48.52
C ILE J 99 18.70 31.65 49.35
N VAL J 100 18.85 31.38 50.65
CA VAL J 100 17.73 31.37 51.58
C VAL J 100 17.05 32.73 51.62
#